data_6M7Z
#
_entry.id   6M7Z
#
_cell.length_a   171.466
_cell.length_b   123.068
_cell.length_c   86.615
_cell.angle_alpha   90.00
_cell.angle_beta   90.00
_cell.angle_gamma   90.00
#
_symmetry.space_group_name_H-M   'P 21 21 2'
#
loop_
_entity.id
_entity.type
_entity.pdbx_description
1 polymer 'Bradyzoite pseudokinase 1'
2 non-polymer 1,2-ETHANEDIOL
3 non-polymer 'CHLORIDE ION'
4 water water
#
_entity_poly.entity_id   1
_entity_poly.type   'polypeptide(L)'
_entity_poly.pdbx_seq_one_letter_code
;GSSVYRIPLADMTFWSWMSYLKELPDIDESRNPILKRLLSGSFLRRDGSTTVNVRVPARELVRLLSLTPEQQREGVSAKV
RLINLLDPKYSVYEPYLYREILPKRSPLLLPSLGEYRGAFLTYIFHPLSKGLVGDMLETGRSHPDVQVLAANMVAALKSL
HNLGLLHRSIELNSFSVLPDGTVVLGGLDTAAPIGTETRLWVGFFGQETAPEIDRNFLADLALTQGRHTVKSDVYSLGVA
FRNLVQLLGNGNLGPEDRGAVRQDHLELLDKLSQKMIEEEPGNRPTIEEIMKDPLFEGLNFEDIEEGKARPFRYKQNRL
;
_entity_poly.pdbx_strand_id   A,B,C,D,E,F
#
loop_
_chem_comp.id
_chem_comp.type
_chem_comp.name
_chem_comp.formula
CL non-polymer 'CHLORIDE ION' 'Cl -1'
EDO non-polymer 1,2-ETHANEDIOL 'C2 H6 O2'
#
# COMPACT_ATOMS: atom_id res chain seq x y z
N ALA A 10 36.16 14.58 -7.44
CA ALA A 10 36.01 15.22 -8.78
C ALA A 10 34.64 14.86 -9.37
N ASP A 11 33.98 15.85 -9.98
CA ASP A 11 32.61 15.68 -10.54
C ASP A 11 32.68 15.40 -12.06
N MET A 12 32.16 14.23 -12.44
CA MET A 12 32.23 13.64 -13.80
C MET A 12 31.02 14.02 -14.69
N THR A 13 31.00 13.52 -15.94
CA THR A 13 29.88 13.86 -16.88
C THR A 13 29.00 12.63 -17.08
N PHE A 14 27.85 12.84 -17.72
CA PHE A 14 26.87 11.77 -17.95
C PHE A 14 27.58 10.56 -18.56
N TRP A 15 28.34 10.79 -19.64
CA TRP A 15 28.97 9.73 -20.42
C TRP A 15 30.02 9.01 -19.58
N SER A 16 30.72 9.74 -18.70
CA SER A 16 31.68 9.14 -17.77
C SER A 16 30.99 8.10 -16.87
N TRP A 17 29.84 8.48 -16.28
CA TRP A 17 29.11 7.64 -15.34
C TRP A 17 28.56 6.40 -16.07
N MET A 18 28.04 6.62 -17.28
CA MET A 18 27.50 5.53 -18.06
C MET A 18 28.62 4.55 -18.41
N SER A 19 29.76 5.11 -18.80
CA SER A 19 30.95 4.30 -19.11
C SER A 19 31.35 3.50 -17.87
N TYR A 20 31.37 4.16 -16.70
CA TYR A 20 31.80 3.51 -15.48
C TYR A 20 30.85 2.37 -15.11
N LEU A 21 29.55 2.58 -15.32
CA LEU A 21 28.55 1.55 -15.07
C LEU A 21 28.89 0.28 -15.87
N LYS A 22 29.25 0.48 -17.14
CA LYS A 22 29.57 -0.64 -18.06
C LYS A 22 30.85 -1.37 -17.64
N GLU A 23 31.78 -0.65 -17.00
CA GLU A 23 33.06 -1.22 -16.53
C GLU A 23 32.88 -2.14 -15.31
N LEU A 24 31.76 -2.07 -14.58
CA LEU A 24 31.55 -2.92 -13.40
C LEU A 24 31.40 -4.37 -13.83
N PRO A 25 32.01 -5.33 -13.10
CA PRO A 25 31.89 -6.74 -13.45
C PRO A 25 30.49 -7.32 -13.27
N ASP A 26 30.16 -8.33 -14.09
CA ASP A 26 28.87 -9.00 -14.06
C ASP A 26 28.78 -9.88 -12.80
N ILE A 27 27.53 -10.08 -12.39
CA ILE A 27 27.13 -11.10 -11.45
C ILE A 27 26.03 -11.91 -12.16
N ASP A 28 25.97 -13.21 -11.86
CA ASP A 28 24.99 -14.12 -12.45
C ASP A 28 23.77 -14.18 -11.55
N GLU A 29 22.67 -13.57 -12.03
CA GLU A 29 21.46 -13.30 -11.26
C GLU A 29 20.54 -14.53 -11.21
N SER A 30 20.70 -15.46 -12.16
CA SER A 30 19.94 -16.72 -12.18
C SER A 30 20.45 -17.71 -11.11
N ARG A 31 21.66 -17.47 -10.58
CA ARG A 31 22.35 -18.39 -9.67
C ARG A 31 22.35 -17.80 -8.24
N ASN A 32 21.31 -17.05 -7.88
CA ASN A 32 21.39 -15.98 -6.85
C ASN A 32 19.97 -15.76 -6.31
N PRO A 33 19.74 -15.98 -5.00
CA PRO A 33 18.41 -15.78 -4.42
C PRO A 33 18.00 -14.32 -4.14
N ILE A 34 18.87 -13.34 -4.43
CA ILE A 34 18.57 -11.94 -4.15
C ILE A 34 17.39 -11.49 -5.04
N LEU A 35 17.44 -11.74 -6.37
CA LEU A 35 16.34 -11.40 -7.27
C LEU A 35 15.04 -12.05 -6.81
N LYS A 36 15.10 -13.32 -6.43
CA LYS A 36 13.91 -14.03 -6.00
C LYS A 36 13.28 -13.30 -4.80
N ARG A 37 14.12 -12.90 -3.84
CA ARG A 37 13.61 -12.23 -2.66
C ARG A 37 12.97 -10.89 -3.08
N LEU A 38 13.57 -10.17 -4.03
CA LEU A 38 13.04 -8.88 -4.47
C LEU A 38 11.69 -9.06 -5.17
N LEU A 39 11.51 -10.12 -5.96
CA LEU A 39 10.28 -10.36 -6.70
C LEU A 39 9.17 -10.88 -5.77
N SER A 40 9.54 -11.55 -4.67
CA SER A 40 8.59 -12.11 -3.73
C SER A 40 8.00 -11.03 -2.81
N GLY A 41 8.42 -9.77 -2.99
CA GLY A 41 7.80 -8.62 -2.33
C GLY A 41 7.78 -7.38 -3.21
N SER A 42 7.75 -6.21 -2.57
CA SER A 42 7.80 -4.90 -3.23
C SER A 42 9.01 -4.12 -2.70
N PHE A 43 10.00 -4.86 -2.18
CA PHE A 43 11.03 -4.30 -1.27
C PHE A 43 11.74 -3.11 -1.92
N LEU A 44 12.04 -3.23 -3.23
CA LEU A 44 12.85 -2.25 -3.98
C LEU A 44 12.20 -0.85 -4.00
N ARG A 45 12.87 0.12 -3.39
CA ARG A 45 12.39 1.51 -3.27
C ARG A 45 12.94 2.35 -4.43
N GLY A 48 15.82 5.04 -2.07
CA GLY A 48 17.26 4.85 -2.33
C GLY A 48 17.59 3.39 -2.58
N SER A 49 18.59 2.86 -1.85
CA SER A 49 18.99 1.47 -2.01
C SER A 49 18.11 0.57 -1.11
N THR A 50 18.11 -0.72 -1.45
CA THR A 50 17.45 -1.76 -0.72
C THR A 50 18.53 -2.73 -0.24
N THR A 51 18.37 -3.19 1.01
CA THR A 51 19.32 -4.09 1.63
C THR A 51 18.69 -5.47 1.70
N VAL A 52 19.45 -6.49 1.28
CA VAL A 52 19.04 -7.86 1.44
C VAL A 52 20.11 -8.58 2.26
N ASN A 53 19.72 -9.21 3.38
CA ASN A 53 20.69 -9.99 4.16
C ASN A 53 20.77 -11.39 3.59
N VAL A 54 22.01 -11.92 3.51
CA VAL A 54 22.23 -13.31 3.16
C VAL A 54 23.03 -13.96 4.30
N ARG A 55 22.30 -14.54 5.26
CA ARG A 55 22.87 -15.06 6.50
C ARG A 55 23.70 -16.31 6.23
N VAL A 56 23.33 -17.06 5.18
CA VAL A 56 23.99 -18.29 4.81
C VAL A 56 24.34 -18.24 3.33
N PRO A 57 25.46 -17.58 2.93
CA PRO A 57 25.84 -17.52 1.53
C PRO A 57 26.04 -18.92 0.95
N ALA A 58 25.53 -19.14 -0.27
CA ALA A 58 25.67 -20.38 -1.00
C ALA A 58 27.03 -20.43 -1.69
N ARG A 59 27.36 -21.60 -2.26
CA ARG A 59 28.67 -21.89 -2.86
C ARG A 59 29.02 -20.83 -3.92
N GLU A 60 28.06 -20.48 -4.79
CA GLU A 60 28.34 -19.58 -5.92
C GLU A 60 28.72 -18.18 -5.41
N LEU A 61 28.07 -17.74 -4.35
CA LEU A 61 28.32 -16.41 -3.80
C LEU A 61 29.64 -16.40 -3.02
N VAL A 62 29.92 -17.49 -2.30
CA VAL A 62 31.19 -17.68 -1.59
C VAL A 62 32.35 -17.58 -2.60
N ARG A 63 32.18 -18.23 -3.76
CA ARG A 63 33.21 -18.24 -4.81
C ARG A 63 33.38 -16.83 -5.38
N LEU A 64 32.26 -16.16 -5.73
CA LEU A 64 32.32 -14.84 -6.34
C LEU A 64 33.07 -13.83 -5.45
N LEU A 65 32.83 -13.90 -4.13
CA LEU A 65 33.37 -12.91 -3.17
C LEU A 65 34.70 -13.40 -2.54
N SER A 66 35.10 -14.64 -2.82
CA SER A 66 36.26 -15.27 -2.16
C SER A 66 36.13 -15.16 -0.65
N LEU A 67 34.98 -15.56 -0.10
CA LEU A 67 34.77 -15.49 1.35
C LEU A 67 35.64 -16.53 2.06
N THR A 68 36.34 -16.10 3.12
CA THR A 68 36.99 -17.00 4.08
C THR A 68 35.91 -17.76 4.83
N PRO A 69 36.20 -18.90 5.48
CA PRO A 69 35.22 -19.60 6.32
C PRO A 69 34.64 -18.72 7.44
N GLU A 70 35.47 -17.80 7.98
CA GLU A 70 35.01 -16.84 9.00
C GLU A 70 33.92 -15.93 8.42
N GLN A 71 34.18 -15.39 7.23
CA GLN A 71 33.25 -14.52 6.50
C GLN A 71 31.97 -15.29 6.15
N GLN A 72 32.10 -16.54 5.73
CA GLN A 72 30.95 -17.43 5.44
C GLN A 72 30.03 -17.49 6.66
N ARG A 73 30.62 -17.60 7.87
CA ARG A 73 29.88 -17.77 9.12
C ARG A 73 29.22 -16.45 9.54
N GLU A 74 29.87 -15.31 9.26
CA GLU A 74 29.35 -13.98 9.57
C GLU A 74 28.12 -13.65 8.71
N GLY A 75 28.08 -14.14 7.47
CA GLY A 75 27.07 -13.79 6.47
C GLY A 75 27.43 -12.50 5.74
N VAL A 76 26.68 -12.16 4.69
CA VAL A 76 26.87 -10.91 3.95
C VAL A 76 25.53 -10.22 3.76
N SER A 77 25.61 -8.93 3.46
CA SER A 77 24.46 -8.16 3.04
C SER A 77 24.75 -7.51 1.68
N ALA A 78 23.68 -7.37 0.89
CA ALA A 78 23.76 -6.78 -0.43
C ALA A 78 22.94 -5.49 -0.44
N LYS A 79 23.57 -4.41 -0.90
CA LYS A 79 22.93 -3.14 -1.17
C LYS A 79 22.65 -3.09 -2.67
N VAL A 80 21.38 -3.02 -3.04
CA VAL A 80 20.98 -3.07 -4.45
C VAL A 80 20.28 -1.76 -4.83
N ARG A 81 20.54 -1.29 -6.04
CA ARG A 81 19.90 -0.11 -6.60
C ARG A 81 19.48 -0.42 -8.05
N LEU A 82 18.31 0.10 -8.42
CA LEU A 82 17.80 -0.01 -9.77
C LEU A 82 18.63 0.91 -10.68
N ILE A 83 19.16 0.36 -11.77
CA ILE A 83 19.87 1.15 -12.78
C ILE A 83 18.87 2.08 -13.49
N ASN A 84 19.16 3.36 -13.49
CA ASN A 84 18.40 4.38 -14.19
C ASN A 84 19.26 4.88 -15.36
N LEU A 85 18.82 4.62 -16.60
CA LEU A 85 19.62 4.94 -17.80
C LEU A 85 19.62 6.47 -18.09
N LEU A 86 18.69 7.23 -17.49
CA LEU A 86 18.69 8.70 -17.58
C LEU A 86 19.62 9.34 -16.55
N ASP A 87 20.00 8.59 -15.51
CA ASP A 87 20.86 9.07 -14.42
C ASP A 87 21.69 7.92 -13.86
N PRO A 88 22.74 7.46 -14.58
CA PRO A 88 23.53 6.32 -14.10
C PRO A 88 24.29 6.61 -12.80
N LYS A 89 24.58 7.89 -12.55
CA LYS A 89 25.29 8.30 -11.37
C LYS A 89 24.64 7.72 -10.09
N TYR A 90 23.31 7.81 -10.02
CA TYR A 90 22.61 7.41 -8.80
C TYR A 90 22.94 5.95 -8.47
N SER A 91 23.16 5.08 -9.48
CA SER A 91 23.33 3.63 -9.21
C SER A 91 24.79 3.22 -9.07
N VAL A 92 25.75 4.03 -9.56
CA VAL A 92 27.15 3.63 -9.54
C VAL A 92 28.02 4.56 -8.69
N TYR A 93 27.45 5.63 -8.11
CA TYR A 93 28.26 6.57 -7.32
C TYR A 93 28.94 5.84 -6.16
N GLU A 94 28.17 5.06 -5.39
CA GLU A 94 28.71 4.42 -4.21
C GLU A 94 29.77 3.37 -4.62
N PRO A 95 29.51 2.49 -5.62
CA PRO A 95 30.57 1.61 -6.12
C PRO A 95 31.83 2.38 -6.55
N TYR A 96 31.65 3.52 -7.20
CA TYR A 96 32.77 4.34 -7.63
C TYR A 96 33.61 4.76 -6.41
N LEU A 97 32.97 5.30 -5.36
CA LEU A 97 33.71 5.69 -4.14
C LEU A 97 34.53 4.51 -3.63
N TYR A 98 33.92 3.32 -3.54
CA TYR A 98 34.59 2.16 -2.95
C TYR A 98 35.78 1.73 -3.80
N ARG A 99 35.64 1.81 -5.13
CA ARG A 99 36.65 1.27 -6.07
C ARG A 99 37.78 2.27 -6.35
N GLU A 100 37.47 3.58 -6.37
CA GLU A 100 38.39 4.58 -6.88
C GLU A 100 38.86 5.57 -5.80
N ILE A 101 38.18 5.70 -4.66
CA ILE A 101 38.46 6.83 -3.76
C ILE A 101 38.79 6.39 -2.33
N LEU A 102 38.06 5.41 -1.80
CA LEU A 102 38.30 4.93 -0.46
C LEU A 102 39.40 3.89 -0.50
N PRO A 103 40.36 3.93 0.45
CA PRO A 103 41.34 2.84 0.60
C PRO A 103 40.63 1.48 0.75
N LYS A 104 41.33 0.40 0.40
CA LYS A 104 40.76 -0.94 0.38
C LYS A 104 40.24 -1.29 1.79
N ARG A 105 40.95 -0.87 2.85
CA ARG A 105 40.39 -0.97 4.19
C ARG A 105 40.88 0.20 5.06
N SER A 106 40.04 1.23 5.13
CA SER A 106 40.06 2.18 6.23
C SER A 106 39.40 1.49 7.41
N PRO A 107 40.06 1.40 8.59
CA PRO A 107 39.56 0.55 9.67
C PRO A 107 38.17 0.93 10.23
N LEU A 108 37.80 2.21 10.16
CA LEU A 108 36.56 2.70 10.78
C LEU A 108 35.47 3.03 9.75
N LEU A 109 35.64 2.60 8.49
CA LEU A 109 34.62 2.78 7.45
C LEU A 109 34.08 1.40 7.03
N LEU A 110 32.76 1.33 6.77
CA LEU A 110 32.10 0.09 6.37
C LEU A 110 32.81 -0.46 5.13
N PRO A 111 33.43 -1.64 5.18
CA PRO A 111 34.11 -2.21 4.02
C PRO A 111 33.16 -2.81 2.97
N SER A 112 33.57 -2.72 1.70
CA SER A 112 32.93 -3.40 0.58
C SER A 112 33.62 -4.76 0.34
N LEU A 113 32.84 -5.81 0.07
CA LEU A 113 33.37 -7.13 -0.32
C LEU A 113 33.32 -7.32 -1.84
N GLY A 114 32.84 -6.32 -2.58
CA GLY A 114 32.72 -6.39 -4.03
C GLY A 114 31.54 -5.60 -4.56
N GLU A 115 31.71 -5.05 -5.77
CA GLU A 115 30.68 -4.27 -6.47
C GLU A 115 30.42 -4.95 -7.82
N TYR A 116 29.14 -5.12 -8.16
CA TYR A 116 28.75 -5.82 -9.39
C TYR A 116 27.56 -5.12 -10.04
N ARG A 117 27.33 -5.45 -11.31
CA ARG A 117 26.23 -4.99 -12.12
C ARG A 117 25.52 -6.23 -12.65
N GLY A 118 24.20 -6.28 -12.52
CA GLY A 118 23.37 -7.22 -13.25
C GLY A 118 22.74 -6.54 -14.43
N ALA A 119 21.66 -7.11 -14.97
CA ALA A 119 20.94 -6.50 -16.10
C ALA A 119 20.26 -5.18 -15.69
N PHE A 120 19.65 -5.10 -14.50
CA PHE A 120 18.87 -3.90 -14.09
C PHE A 120 19.25 -3.36 -12.69
N LEU A 121 20.19 -4.02 -12.00
CA LEU A 121 20.58 -3.64 -10.64
C LEU A 121 22.09 -3.48 -10.56
N THR A 122 22.56 -2.58 -9.69
CA THR A 122 23.93 -2.63 -9.18
C THR A 122 23.92 -3.21 -7.76
N TYR A 123 25.03 -3.84 -7.36
CA TYR A 123 25.17 -4.52 -6.09
C TYR A 123 26.45 -4.07 -5.38
N ILE A 124 26.37 -3.86 -4.06
CA ILE A 124 27.51 -3.75 -3.20
C ILE A 124 27.33 -4.76 -2.06
N PHE A 125 28.32 -5.62 -1.86
CA PHE A 125 28.29 -6.56 -0.78
C PHE A 125 29.06 -5.98 0.42
N HIS A 126 28.53 -6.23 1.62
CA HIS A 126 29.13 -5.83 2.87
C HIS A 126 29.14 -7.04 3.81
N PRO A 127 30.01 -7.04 4.85
CA PRO A 127 29.86 -8.00 5.93
C PRO A 127 28.47 -7.77 6.54
N LEU A 128 27.80 -8.85 6.96
CA LEU A 128 26.51 -8.71 7.59
C LEU A 128 26.74 -8.19 9.01
N SER A 129 26.24 -6.98 9.29
CA SER A 129 26.50 -6.33 10.56
C SER A 129 25.60 -6.96 11.65
N LYS A 130 26.06 -6.84 12.89
CA LYS A 130 25.29 -7.28 14.06
C LYS A 130 24.11 -6.34 14.30
N GLY A 131 24.22 -5.09 13.84
CA GLY A 131 23.14 -4.13 13.92
C GLY A 131 23.62 -2.71 13.71
N LEU A 132 22.66 -1.81 13.48
CA LEU A 132 22.90 -0.40 13.41
C LEU A 132 22.88 0.16 14.84
N VAL A 133 23.74 1.14 15.13
CA VAL A 133 23.97 1.54 16.50
C VAL A 133 22.69 2.13 17.11
N GLY A 134 21.98 2.98 16.34
CA GLY A 134 20.74 3.58 16.83
C GLY A 134 19.71 2.54 17.23
N ASP A 135 19.45 1.60 16.30
CA ASP A 135 18.52 0.50 16.55
C ASP A 135 18.94 -0.32 17.76
N MET A 136 20.24 -0.64 17.87
CA MET A 136 20.71 -1.48 18.96
C MET A 136 20.44 -0.81 20.31
N LEU A 137 20.73 0.49 20.42
CA LEU A 137 20.55 1.21 21.68
C LEU A 137 19.06 1.37 21.99
N GLU A 138 18.23 1.55 20.96
CA GLU A 138 16.80 1.83 21.12
C GLU A 138 16.07 0.60 21.70
N THR A 139 16.45 -0.58 21.25
CA THR A 139 15.87 -1.86 21.72
C THR A 139 16.43 -2.23 23.10
N GLY A 140 17.44 -1.50 23.58
CA GLY A 140 18.11 -1.76 24.85
C GLY A 140 18.96 -3.02 24.82
N ARG A 141 19.24 -3.52 23.62
CA ARG A 141 19.98 -4.75 23.39
C ARG A 141 21.41 -4.66 23.95
N SER A 142 21.99 -3.45 23.95
CA SER A 142 23.40 -3.30 24.26
C SER A 142 23.60 -2.04 25.10
N HIS A 143 24.52 -2.15 26.06
CA HIS A 143 24.86 -1.04 26.94
C HIS A 143 26.35 -0.79 26.77
N PRO A 144 26.75 0.11 25.85
CA PRO A 144 28.15 0.33 25.53
C PRO A 144 28.85 1.28 26.52
N ASP A 145 30.18 1.29 26.45
CA ASP A 145 30.99 2.34 27.01
C ASP A 145 30.76 3.60 26.15
N VAL A 146 30.06 4.58 26.72
CA VAL A 146 29.65 5.80 26.04
C VAL A 146 30.88 6.59 25.56
N GLN A 147 31.90 6.66 26.41
CA GLN A 147 33.09 7.44 26.15
C GLN A 147 33.78 6.89 24.88
N VAL A 148 33.92 5.57 24.82
CA VAL A 148 34.68 4.92 23.75
C VAL A 148 33.86 4.94 22.46
N LEU A 149 32.54 4.78 22.56
CA LEU A 149 31.66 4.79 21.38
C LEU A 149 31.72 6.16 20.72
N ALA A 150 31.61 7.20 21.53
CA ALA A 150 31.64 8.58 21.06
C ALA A 150 32.99 8.87 20.37
N ALA A 151 34.07 8.36 20.97
CA ALA A 151 35.42 8.58 20.43
C ALA A 151 35.57 7.82 19.09
N ASN A 152 35.05 6.58 19.06
CA ASN A 152 35.01 5.73 17.85
C ASN A 152 34.28 6.48 16.72
N MET A 153 33.18 7.16 17.06
CA MET A 153 32.35 7.84 16.09
C MET A 153 33.08 9.07 15.53
N VAL A 154 33.67 9.90 16.41
CA VAL A 154 34.45 11.08 16.00
C VAL A 154 35.62 10.64 15.11
N ALA A 155 36.33 9.59 15.52
CA ALA A 155 37.51 9.11 14.81
C ALA A 155 37.11 8.67 13.39
N ALA A 156 35.95 8.00 13.30
CA ALA A 156 35.49 7.46 12.03
C ALA A 156 35.23 8.61 11.05
N LEU A 157 34.57 9.66 11.55
CA LEU A 157 34.26 10.83 10.74
C LEU A 157 35.56 11.52 10.28
N LYS A 158 36.52 11.66 11.21
CA LYS A 158 37.81 12.26 10.91
C LYS A 158 38.51 11.50 9.78
N SER A 159 38.46 10.17 9.82
CA SER A 159 39.11 9.36 8.81
C SER A 159 38.49 9.64 7.43
N LEU A 160 37.20 10.01 7.38
CA LEU A 160 36.55 10.36 6.12
C LEU A 160 36.97 11.76 5.66
N HIS A 161 37.01 12.71 6.60
CA HIS A 161 37.48 14.09 6.31
C HIS A 161 38.92 14.07 5.76
N ASN A 162 39.78 13.20 6.31
CA ASN A 162 41.19 13.09 5.87
C ASN A 162 41.30 12.64 4.40
N LEU A 163 40.27 12.00 3.84
CA LEU A 163 40.25 11.60 2.43
C LEU A 163 39.64 12.70 1.55
N GLY A 164 39.28 13.84 2.15
CA GLY A 164 38.69 14.97 1.45
C GLY A 164 37.19 14.82 1.19
N LEU A 165 36.49 14.06 2.05
CA LEU A 165 35.06 13.78 1.85
C LEU A 165 34.27 14.22 3.09
N LEU A 166 33.15 14.93 2.84
CA LEU A 166 32.09 15.08 3.83
C LEU A 166 31.15 13.89 3.73
N HIS A 167 30.51 13.54 4.87
CA HIS A 167 29.50 12.48 4.90
C HIS A 167 28.16 13.01 4.40
N ARG A 168 27.68 14.06 5.06
CA ARG A 168 26.49 14.87 4.69
C ARG A 168 25.18 14.28 5.22
N SER A 169 25.13 13.06 5.81
CA SER A 169 23.86 12.52 6.33
C SER A 169 24.07 11.70 7.62
N ILE A 170 24.93 12.18 8.51
CA ILE A 170 25.26 11.44 9.71
C ILE A 170 24.05 11.36 10.65
N GLU A 171 23.80 10.14 11.14
CA GLU A 171 22.90 9.83 12.23
C GLU A 171 23.45 8.61 12.96
N LEU A 172 22.88 8.27 14.12
CA LEU A 172 23.32 7.09 14.84
C LEU A 172 23.35 5.86 13.95
N ASN A 173 22.34 5.71 13.09
CA ASN A 173 22.22 4.49 12.25
C ASN A 173 23.20 4.54 11.05
N SER A 174 23.97 5.61 10.90
CA SER A 174 25.07 5.64 9.97
C SER A 174 26.16 4.66 10.42
N PHE A 175 26.21 4.41 11.73
CA PHE A 175 27.20 3.58 12.36
C PHE A 175 26.64 2.18 12.54
N SER A 176 27.48 1.17 12.30
CA SER A 176 27.07 -0.22 12.49
C SER A 176 28.21 -1.01 13.18
N VAL A 177 27.82 -2.15 13.76
CA VAL A 177 28.73 -2.96 14.52
C VAL A 177 29.02 -4.22 13.70
N LEU A 178 30.28 -4.41 13.33
CA LEU A 178 30.67 -5.59 12.54
C LEU A 178 30.68 -6.81 13.46
N PRO A 179 30.64 -8.05 12.91
CA PRO A 179 30.71 -9.25 13.73
C PRO A 179 31.90 -9.27 14.70
N ASP A 180 33.06 -8.73 14.33
CA ASP A 180 34.20 -8.76 15.25
C ASP A 180 34.08 -7.67 16.34
N GLY A 181 33.02 -6.84 16.28
CA GLY A 181 32.75 -5.81 17.31
C GLY A 181 33.28 -4.42 16.96
N THR A 182 33.99 -4.28 15.83
CA THR A 182 34.41 -2.97 15.32
C THR A 182 33.16 -2.15 14.98
N VAL A 183 33.17 -0.87 15.36
CA VAL A 183 32.10 0.06 15.00
C VAL A 183 32.61 0.93 13.85
N VAL A 184 31.86 0.93 12.74
CA VAL A 184 32.28 1.56 11.48
C VAL A 184 31.20 2.53 10.99
N LEU A 185 31.67 3.53 10.22
CA LEU A 185 30.81 4.52 9.60
C LEU A 185 30.48 4.06 8.18
N GLY A 186 29.17 3.98 7.91
CA GLY A 186 28.61 3.61 6.60
C GLY A 186 27.72 4.73 6.06
N GLY A 187 26.77 4.34 5.21
CA GLY A 187 25.91 5.26 4.52
C GLY A 187 26.68 6.23 3.65
N LEU A 188 27.73 5.72 2.97
CA LEU A 188 28.68 6.57 2.26
C LEU A 188 28.18 7.01 0.88
N ASP A 189 26.99 6.55 0.47
CA ASP A 189 26.39 6.99 -0.81
C ASP A 189 26.15 8.50 -0.83
N THR A 190 26.05 9.17 0.32
CA THR A 190 25.80 10.64 0.37
C THR A 190 27.11 11.44 0.43
N ALA A 191 28.25 10.76 0.51
CA ALA A 191 29.54 11.44 0.69
C ALA A 191 29.89 12.24 -0.55
N ALA A 192 30.64 13.33 -0.35
CA ALA A 192 30.98 14.27 -1.45
C ALA A 192 32.22 15.06 -1.04
N PRO A 193 32.97 15.63 -2.00
CA PRO A 193 34.21 16.33 -1.68
C PRO A 193 33.98 17.61 -0.85
N ILE A 194 34.92 17.89 0.06
CA ILE A 194 35.05 19.18 0.72
C ILE A 194 35.51 20.18 -0.34
N ARG A 227 25.54 25.77 1.96
CA ARG A 227 26.36 24.66 1.47
C ARG A 227 26.86 23.79 2.66
N HIS A 228 27.17 22.52 2.37
CA HIS A 228 27.75 21.53 3.28
C HIS A 228 29.25 21.79 3.50
N THR A 229 29.68 21.76 4.77
CA THR A 229 31.06 21.98 5.21
C THR A 229 31.40 21.01 6.34
N VAL A 230 32.67 21.04 6.78
CA VAL A 230 33.09 20.19 7.89
C VAL A 230 32.20 20.47 9.11
N LYS A 231 31.77 21.73 9.28
CA LYS A 231 31.00 22.13 10.45
C LYS A 231 29.57 21.57 10.38
N SER A 232 29.03 21.32 9.19
CA SER A 232 27.69 20.73 9.10
C SER A 232 27.74 19.23 9.50
N ASP A 233 28.82 18.53 9.19
CA ASP A 233 29.06 17.16 9.68
C ASP A 233 29.19 17.18 11.22
N VAL A 234 29.85 18.22 11.78
CA VAL A 234 29.98 18.35 13.24
C VAL A 234 28.58 18.50 13.86
N TYR A 235 27.75 19.35 13.28
CA TYR A 235 26.38 19.54 13.74
C TYR A 235 25.64 18.19 13.77
N SER A 236 25.67 17.46 12.66
CA SER A 236 24.94 16.18 12.50
C SER A 236 25.42 15.16 13.53
N LEU A 237 26.74 15.10 13.76
CA LEU A 237 27.29 14.15 14.70
C LEU A 237 26.88 14.56 16.13
N GLY A 238 26.79 15.88 16.36
CA GLY A 238 26.28 16.42 17.60
C GLY A 238 24.86 15.96 17.87
N VAL A 239 24.01 16.04 16.85
CA VAL A 239 22.63 15.59 16.94
C VAL A 239 22.61 14.09 17.26
N ALA A 240 23.52 13.33 16.67
CA ALA A 240 23.58 11.89 16.92
C ALA A 240 23.97 11.63 18.39
N PHE A 241 24.88 12.44 18.93
CA PHE A 241 25.30 12.32 20.31
C PHE A 241 24.13 12.65 21.25
N ARG A 242 23.37 13.68 20.89
CA ARG A 242 22.19 14.04 21.65
C ARG A 242 21.21 12.85 21.66
N ASN A 243 21.03 12.22 20.49
CA ASN A 243 20.16 11.08 20.31
C ASN A 243 20.63 9.96 21.24
N LEU A 244 21.95 9.75 21.28
CA LEU A 244 22.59 8.71 22.09
C LEU A 244 22.28 8.95 23.59
N VAL A 245 22.47 10.19 24.05
CA VAL A 245 22.21 10.56 25.44
C VAL A 245 20.72 10.37 25.79
N GLN A 246 19.80 10.76 24.90
CA GLN A 246 18.37 10.60 25.14
C GLN A 246 18.02 9.10 25.28
N LEU A 247 18.69 8.23 24.53
CA LEU A 247 18.36 6.79 24.56
C LEU A 247 18.87 6.14 25.84
N LEU A 248 20.02 6.60 26.38
CA LEU A 248 20.72 5.88 27.44
C LEU A 248 20.54 6.54 28.82
N GLY A 249 19.93 7.74 28.91
CA GLY A 249 19.47 8.30 30.20
C GLY A 249 18.43 7.41 30.89
N GLY A 259 25.22 -1.51 31.89
CA GLY A 259 26.38 -2.41 31.89
C GLY A 259 27.68 -1.64 32.05
N ALA A 260 28.17 -1.07 30.95
CA ALA A 260 29.35 -0.17 30.91
C ALA A 260 28.90 1.31 30.83
N VAL A 261 27.58 1.56 30.88
CA VAL A 261 27.03 2.92 30.77
C VAL A 261 27.23 3.64 32.10
N ARG A 262 28.03 4.73 32.06
CA ARG A 262 28.39 5.56 33.22
C ARG A 262 27.72 6.92 33.14
N GLN A 263 27.17 7.38 34.26
CA GLN A 263 26.40 8.62 34.33
C GLN A 263 27.29 9.85 34.08
N ASP A 264 28.55 9.81 34.53
CA ASP A 264 29.45 10.95 34.38
C ASP A 264 29.86 11.11 32.91
N HIS A 265 30.01 9.99 32.19
CA HIS A 265 30.27 10.01 30.73
C HIS A 265 29.10 10.67 29.99
N LEU A 266 27.86 10.32 30.37
CA LEU A 266 26.65 10.84 29.72
C LEU A 266 26.55 12.36 29.88
N GLU A 267 26.85 12.86 31.08
CA GLU A 267 26.75 14.28 31.38
C GLU A 267 27.78 15.03 30.53
N LEU A 268 28.99 14.47 30.42
CA LEU A 268 30.07 15.08 29.64
C LEU A 268 29.73 15.07 28.14
N LEU A 269 29.15 13.96 27.65
CA LEU A 269 28.77 13.86 26.24
C LEU A 269 27.65 14.87 25.94
N ASP A 270 26.72 15.05 26.88
CA ASP A 270 25.62 16.02 26.69
C ASP A 270 26.18 17.43 26.52
N LYS A 271 27.20 17.78 27.32
CA LYS A 271 27.86 19.11 27.26
C LYS A 271 28.59 19.27 25.92
N LEU A 272 29.29 18.22 25.49
CA LEU A 272 30.02 18.22 24.21
C LEU A 272 29.03 18.38 23.04
N SER A 273 27.91 17.64 23.11
CA SER A 273 26.94 17.68 22.03
C SER A 273 26.31 19.07 21.91
N GLN A 274 26.13 19.77 23.06
CA GLN A 274 25.54 21.12 23.06
C GLN A 274 26.47 22.11 22.32
N LYS A 275 27.79 21.91 22.42
CA LYS A 275 28.74 22.74 21.67
C LYS A 275 28.63 22.47 20.18
N MET A 276 28.45 21.18 19.82
CA MET A 276 28.47 20.71 18.44
C MET A 276 27.21 21.16 17.69
N ILE A 277 26.09 21.41 18.40
CA ILE A 277 24.82 21.78 17.76
C ILE A 277 24.53 23.29 17.88
N GLU A 278 25.55 24.10 18.17
CA GLU A 278 25.40 25.57 18.14
C GLU A 278 24.85 25.99 16.77
N GLU A 279 23.87 26.91 16.78
CA GLU A 279 23.18 27.38 15.59
C GLU A 279 24.19 27.96 14.58
N GLU A 280 25.20 28.69 15.08
CA GLU A 280 26.20 29.32 14.22
C GLU A 280 27.34 28.34 13.96
N PRO A 281 27.64 28.01 12.68
CA PRO A 281 28.77 27.12 12.35
C PRO A 281 30.11 27.52 12.99
N GLY A 282 30.39 28.83 13.02
CA GLY A 282 31.61 29.38 13.57
C GLY A 282 31.80 29.08 15.06
N ASN A 283 30.69 28.86 15.79
CA ASN A 283 30.72 28.57 17.22
C ASN A 283 30.86 27.07 17.51
N ARG A 284 30.86 26.22 16.47
CA ARG A 284 31.01 24.80 16.65
C ARG A 284 32.49 24.45 16.66
N PRO A 285 32.94 23.55 17.56
CA PRO A 285 34.33 23.10 17.56
C PRO A 285 34.71 22.31 16.29
N THR A 286 35.99 22.34 15.95
CA THR A 286 36.57 21.47 14.92
C THR A 286 36.71 20.05 15.50
N ILE A 287 36.98 19.10 14.60
CA ILE A 287 37.23 17.70 14.97
C ILE A 287 38.39 17.66 15.99
N GLU A 288 39.45 18.44 15.71
CA GLU A 288 40.66 18.49 16.55
C GLU A 288 40.30 18.95 17.97
N GLU A 289 39.49 20.00 18.08
CA GLU A 289 39.05 20.51 19.38
C GLU A 289 38.16 19.48 20.08
N ILE A 290 37.26 18.82 19.33
CA ILE A 290 36.38 17.78 19.89
C ILE A 290 37.23 16.67 20.52
N MET A 291 38.31 16.27 19.83
CA MET A 291 39.17 15.16 20.27
C MET A 291 39.92 15.51 21.57
N LYS A 292 40.04 16.80 21.89
CA LYS A 292 40.69 17.25 23.13
C LYS A 292 39.65 17.59 24.21
N ASP A 293 38.39 17.18 24.03
CA ASP A 293 37.34 17.44 25.03
C ASP A 293 37.66 16.61 26.28
N PRO A 294 37.31 17.10 27.49
CA PRO A 294 37.43 16.34 28.73
C PRO A 294 36.94 14.89 28.69
N LEU A 295 35.91 14.62 27.90
CA LEU A 295 35.29 13.28 27.83
C LEU A 295 36.32 12.24 27.40
N PHE A 296 37.30 12.62 26.57
CA PHE A 296 38.19 11.65 25.91
C PHE A 296 39.59 11.60 26.55
N GLU A 297 39.81 12.28 27.68
CA GLU A 297 41.13 12.23 28.34
C GLU A 297 41.39 10.81 28.87
N GLY A 298 42.60 10.33 28.62
CA GLY A 298 43.03 8.98 28.98
C GLY A 298 42.89 7.99 27.85
N LEU A 299 42.28 8.40 26.73
CA LEU A 299 42.07 7.53 25.57
C LEU A 299 43.23 7.72 24.57
N ASN A 300 43.71 6.59 24.03
CA ASN A 300 44.66 6.57 22.93
C ASN A 300 43.87 6.56 21.61
N PHE A 301 43.74 7.74 21.00
CA PHE A 301 43.03 7.91 19.74
C PHE A 301 43.69 7.12 18.61
N GLU A 302 45.01 6.87 18.70
CA GLU A 302 45.70 6.13 17.65
C GLU A 302 45.15 4.70 17.57
N ASP A 303 44.79 4.11 18.72
CA ASP A 303 44.25 2.74 18.81
C ASP A 303 42.80 2.70 18.28
N ILE A 304 42.02 3.74 18.59
CA ILE A 304 40.66 3.88 18.09
C ILE A 304 40.71 3.88 16.56
N GLU A 305 41.62 4.71 16.01
CA GLU A 305 41.75 4.93 14.56
C GLU A 305 42.25 3.66 13.85
N GLU A 306 42.97 2.79 14.57
CA GLU A 306 43.47 1.54 14.00
C GLU A 306 42.38 0.46 14.06
N GLY A 307 41.30 0.73 14.80
CA GLY A 307 40.10 -0.10 14.76
C GLY A 307 40.10 -1.16 15.84
N LYS A 308 40.75 -0.85 16.97
CA LYS A 308 40.94 -1.80 18.06
C LYS A 308 39.91 -1.58 19.18
N ALA A 309 39.16 -0.48 19.12
CA ALA A 309 38.13 -0.21 20.11
C ALA A 309 36.98 -1.23 19.96
N ARG A 310 36.40 -1.60 21.10
CA ARG A 310 35.28 -2.52 21.17
C ARG A 310 34.31 -1.96 22.22
N PRO A 311 33.57 -0.87 21.86
CA PRO A 311 32.70 -0.19 22.82
C PRO A 311 31.57 -1.06 23.40
N PHE A 312 31.23 -2.18 22.72
CA PHE A 312 30.09 -3.03 23.06
C PHE A 312 30.53 -4.34 23.75
N ARG A 313 31.82 -4.51 24.05
CA ARG A 313 32.29 -5.60 24.95
C ARG A 313 32.09 -5.19 26.42
N TYR A 314 31.79 -6.15 27.30
CA TYR A 314 32.03 -5.99 28.76
C TYR A 314 33.00 -7.08 29.23
N ILE B 7 -11.72 -43.00 1.96
CA ILE B 7 -11.14 -42.21 3.07
C ILE B 7 -9.65 -41.96 2.87
N PRO B 8 -8.85 -42.91 2.32
CA PRO B 8 -7.40 -42.72 2.21
C PRO B 8 -6.97 -41.43 1.46
N LEU B 9 -5.93 -40.78 1.98
CA LEU B 9 -5.53 -39.42 1.58
C LEU B 9 -5.10 -39.40 0.12
N ALA B 10 -4.44 -40.47 -0.34
CA ALA B 10 -3.92 -40.56 -1.71
C ALA B 10 -5.06 -40.57 -2.74
N ASP B 11 -6.27 -40.97 -2.31
CA ASP B 11 -7.41 -41.17 -3.23
C ASP B 11 -8.37 -39.97 -3.22
N MET B 12 -8.07 -38.91 -2.46
CA MET B 12 -8.95 -37.73 -2.41
C MET B 12 -8.93 -37.02 -3.76
N THR B 13 -10.12 -36.75 -4.30
CA THR B 13 -10.33 -35.96 -5.52
C THR B 13 -10.96 -34.60 -5.14
N PHE B 14 -11.22 -33.76 -6.15
CA PHE B 14 -11.86 -32.46 -5.96
C PHE B 14 -13.12 -32.62 -5.10
N TRP B 15 -14.00 -33.57 -5.47
CA TRP B 15 -15.31 -33.77 -4.82
C TRP B 15 -15.09 -34.20 -3.35
N SER B 16 -14.04 -35.00 -3.09
CA SER B 16 -13.71 -35.44 -1.73
C SER B 16 -13.41 -34.23 -0.85
N TRP B 17 -12.58 -33.30 -1.36
CA TRP B 17 -12.16 -32.12 -0.62
C TRP B 17 -13.36 -31.20 -0.35
N MET B 18 -14.19 -31.02 -1.38
CA MET B 18 -15.35 -30.19 -1.26
C MET B 18 -16.30 -30.79 -0.20
N SER B 19 -16.48 -32.12 -0.27
CA SER B 19 -17.30 -32.82 0.69
C SER B 19 -16.73 -32.62 2.11
N TYR B 20 -15.40 -32.74 2.26
CA TYR B 20 -14.77 -32.61 3.56
C TYR B 20 -14.94 -31.18 4.11
N LEU B 21 -14.87 -30.18 3.23
CA LEU B 21 -15.08 -28.80 3.63
C LEU B 21 -16.47 -28.66 4.26
N LYS B 22 -17.48 -29.28 3.65
CA LYS B 22 -18.87 -29.21 4.13
C LYS B 22 -19.03 -29.91 5.49
N GLU B 23 -18.22 -30.94 5.76
CA GLU B 23 -18.25 -31.69 7.01
C GLU B 23 -17.71 -30.89 8.20
N LEU B 24 -16.93 -29.82 7.97
CA LEU B 24 -16.33 -29.04 9.08
C LEU B 24 -17.44 -28.31 9.81
N PRO B 25 -17.38 -28.24 11.17
CA PRO B 25 -18.41 -27.55 11.94
C PRO B 25 -18.38 -26.02 11.75
N ASP B 26 -19.55 -25.41 11.90
CA ASP B 26 -19.74 -23.98 11.78
C ASP B 26 -19.14 -23.28 13.00
N ILE B 27 -18.77 -22.01 12.79
CA ILE B 27 -18.47 -21.08 13.83
C ILE B 27 -19.36 -19.85 13.57
N ASP B 28 -19.75 -19.17 14.65
CA ASP B 28 -20.51 -17.92 14.58
C ASP B 28 -19.52 -16.76 14.55
N GLU B 29 -19.43 -16.11 13.38
CA GLU B 29 -18.43 -15.10 13.03
C GLU B 29 -18.79 -13.72 13.64
N SER B 30 -20.08 -13.50 13.92
CA SER B 30 -20.56 -12.25 14.54
C SER B 30 -20.25 -12.21 16.05
N ARG B 31 -19.90 -13.35 16.64
CA ARG B 31 -19.76 -13.49 18.09
C ARG B 31 -18.29 -13.55 18.52
N ASN B 32 -17.35 -13.15 17.64
CA ASN B 32 -15.94 -13.05 18.06
C ASN B 32 -15.25 -11.98 17.22
N PRO B 33 -14.13 -11.42 17.71
CA PRO B 33 -13.52 -10.25 17.08
C PRO B 33 -12.65 -10.50 15.83
N ILE B 34 -12.54 -11.76 15.38
CA ILE B 34 -11.57 -12.09 14.33
C ILE B 34 -11.90 -11.40 13.00
N LEU B 35 -13.15 -11.48 12.54
CA LEU B 35 -13.55 -10.78 11.30
C LEU B 35 -13.32 -9.27 11.42
N LYS B 36 -13.65 -8.69 12.58
CA LYS B 36 -13.45 -7.27 12.77
C LYS B 36 -11.97 -6.92 12.58
N ARG B 37 -11.08 -7.73 13.16
CA ARG B 37 -9.66 -7.46 13.07
C ARG B 37 -9.23 -7.57 11.59
N LEU B 38 -9.77 -8.54 10.85
CA LEU B 38 -9.42 -8.72 9.43
C LEU B 38 -9.88 -7.52 8.60
N LEU B 39 -11.05 -6.97 8.89
CA LEU B 39 -11.62 -5.84 8.13
C LEU B 39 -10.90 -4.53 8.50
N SER B 40 -10.36 -4.43 9.72
CA SER B 40 -9.68 -3.23 10.21
C SER B 40 -8.26 -3.13 9.66
N GLY B 41 -7.86 -4.08 8.79
CA GLY B 41 -6.62 -3.99 8.03
C GLY B 41 -6.76 -4.60 6.64
N SER B 42 -5.60 -4.97 6.09
CA SER B 42 -5.44 -5.62 4.78
C SER B 42 -4.79 -7.00 4.97
N PHE B 43 -4.87 -7.52 6.20
CA PHE B 43 -3.97 -8.58 6.68
C PHE B 43 -4.02 -9.79 5.73
N LEU B 44 -5.25 -10.15 5.30
CA LEU B 44 -5.51 -11.39 4.54
C LEU B 44 -4.83 -11.31 3.18
N SER B 49 -2.01 -18.29 4.75
CA SER B 49 -2.87 -18.10 5.91
C SER B 49 -2.46 -16.84 6.69
N THR B 50 -3.43 -16.32 7.45
CA THR B 50 -3.28 -15.14 8.25
C THR B 50 -3.57 -15.52 9.70
N THR B 51 -2.77 -14.98 10.61
CA THR B 51 -2.89 -15.29 12.04
C THR B 51 -3.47 -14.08 12.76
N VAL B 52 -4.51 -14.29 13.57
CA VAL B 52 -5.09 -13.26 14.41
C VAL B 52 -5.02 -13.70 15.87
N ASN B 53 -4.44 -12.87 16.73
CA ASN B 53 -4.33 -13.19 18.14
C ASN B 53 -5.61 -12.80 18.88
N VAL B 54 -6.07 -13.67 19.79
CA VAL B 54 -7.10 -13.33 20.76
C VAL B 54 -6.55 -13.53 22.19
N ARG B 55 -6.02 -12.46 22.77
CA ARG B 55 -5.30 -12.51 24.05
C ARG B 55 -6.26 -12.79 25.21
N VAL B 56 -7.51 -12.34 25.07
CA VAL B 56 -8.53 -12.55 26.07
C VAL B 56 -9.76 -13.14 25.39
N PRO B 57 -9.83 -14.46 25.19
CA PRO B 57 -11.00 -15.09 24.60
C PRO B 57 -12.26 -14.78 25.42
N ALA B 58 -13.35 -14.47 24.71
CA ALA B 58 -14.64 -14.17 25.31
C ALA B 58 -15.38 -15.47 25.62
N ARG B 59 -16.52 -15.36 26.30
CA ARG B 59 -17.31 -16.49 26.81
C ARG B 59 -17.65 -17.45 25.66
N GLU B 60 -18.10 -16.90 24.52
CA GLU B 60 -18.59 -17.75 23.41
C GLU B 60 -17.45 -18.59 22.82
N LEU B 61 -16.26 -18.00 22.75
CA LEU B 61 -15.11 -18.67 22.19
C LEU B 61 -14.56 -19.71 23.18
N VAL B 62 -14.57 -19.38 24.47
CA VAL B 62 -14.17 -20.30 25.53
C VAL B 62 -15.07 -21.55 25.47
N ARG B 63 -16.38 -21.34 25.29
CA ARG B 63 -17.36 -22.44 25.23
C ARG B 63 -17.10 -23.29 23.97
N LEU B 64 -16.93 -22.64 22.82
CA LEU B 64 -16.74 -23.37 21.55
C LEU B 64 -15.50 -24.27 21.61
N LEU B 65 -14.42 -23.80 22.21
CA LEU B 65 -13.11 -24.50 22.21
C LEU B 65 -12.92 -25.32 23.49
N SER B 66 -13.86 -25.24 24.43
CA SER B 66 -13.78 -25.93 25.71
C SER B 66 -12.47 -25.60 26.42
N LEU B 67 -12.13 -24.31 26.51
CA LEU B 67 -10.84 -23.89 27.07
C LEU B 67 -10.86 -24.11 28.58
N THR B 68 -9.78 -24.71 29.10
CA THR B 68 -9.51 -24.75 30.55
C THR B 68 -9.20 -23.32 31.00
N PRO B 69 -9.31 -23.01 32.31
CA PRO B 69 -8.90 -21.69 32.81
C PRO B 69 -7.44 -21.34 32.49
N GLU B 70 -6.55 -22.34 32.46
CA GLU B 70 -5.14 -22.14 32.10
C GLU B 70 -5.05 -21.64 30.64
N GLN B 71 -5.78 -22.32 29.74
CA GLN B 71 -5.84 -21.98 28.32
C GLN B 71 -6.43 -20.57 28.13
N GLN B 72 -7.49 -20.26 28.89
CA GLN B 72 -8.12 -18.93 28.88
C GLN B 72 -7.06 -17.85 29.15
N ARG B 73 -6.17 -18.11 30.11
CA ARG B 73 -5.18 -17.15 30.59
C ARG B 73 -4.05 -17.00 29.57
N GLU B 74 -3.70 -18.09 28.88
CA GLU B 74 -2.65 -18.08 27.85
C GLU B 74 -3.09 -17.27 26.62
N GLY B 75 -4.39 -17.29 26.30
CA GLY B 75 -4.93 -16.76 25.04
C GLY B 75 -4.82 -17.75 23.89
N VAL B 76 -5.46 -17.43 22.76
CA VAL B 76 -5.44 -18.28 21.57
C VAL B 76 -5.14 -17.43 20.34
N SER B 77 -4.73 -18.11 19.28
CA SER B 77 -4.60 -17.51 17.98
C SER B 77 -5.43 -18.31 16.96
N ALA B 78 -5.90 -17.61 15.94
CA ALA B 78 -6.62 -18.22 14.85
C ALA B 78 -5.82 -18.09 13.56
N LYS B 79 -5.61 -19.22 12.88
CA LYS B 79 -5.08 -19.27 11.54
C LYS B 79 -6.27 -19.34 10.56
N VAL B 80 -6.39 -18.35 9.69
CA VAL B 80 -7.54 -18.25 8.80
C VAL B 80 -7.06 -18.32 7.36
N ARG B 81 -7.88 -18.95 6.50
CA ARG B 81 -7.68 -18.99 5.07
C ARG B 81 -8.99 -18.73 4.35
N LEU B 82 -8.89 -18.05 3.22
CA LEU B 82 -10.00 -17.80 2.35
C LEU B 82 -10.37 -19.09 1.63
N ILE B 83 -11.65 -19.48 1.72
CA ILE B 83 -12.17 -20.62 0.96
C ILE B 83 -12.17 -20.28 -0.52
N ASN B 84 -11.52 -21.12 -1.31
CA ASN B 84 -11.49 -21.03 -2.75
C ASN B 84 -12.33 -22.19 -3.31
N LEU B 85 -13.45 -21.87 -3.97
CA LEU B 85 -14.39 -22.91 -4.44
C LEU B 85 -13.86 -23.65 -5.68
N LEU B 86 -12.83 -23.12 -6.36
CA LEU B 86 -12.16 -23.84 -7.46
C LEU B 86 -11.08 -24.80 -6.94
N ASP B 87 -10.64 -24.62 -5.69
CA ASP B 87 -9.59 -25.45 -5.09
C ASP B 87 -9.83 -25.56 -3.58
N PRO B 88 -10.81 -26.35 -3.12
CA PRO B 88 -11.12 -26.44 -1.70
C PRO B 88 -9.97 -27.01 -0.85
N LYS B 89 -9.13 -27.83 -1.47
CA LYS B 89 -8.00 -28.45 -0.80
C LYS B 89 -7.15 -27.39 -0.08
N TYR B 90 -6.87 -26.28 -0.74
CA TYR B 90 -5.97 -25.29 -0.19
C TYR B 90 -6.50 -24.81 1.17
N SER B 91 -7.83 -24.76 1.37
CA SER B 91 -8.37 -24.18 2.62
C SER B 91 -8.66 -25.24 3.70
N VAL B 92 -8.79 -26.52 3.31
CA VAL B 92 -9.17 -27.56 4.30
C VAL B 92 -8.08 -28.64 4.47
N TYR B 93 -6.97 -28.55 3.74
CA TYR B 93 -5.89 -29.53 3.87
C TYR B 93 -5.35 -29.55 5.29
N GLU B 94 -5.02 -28.38 5.85
CA GLU B 94 -4.41 -28.34 7.17
C GLU B 94 -5.41 -28.84 8.22
N PRO B 95 -6.68 -28.38 8.22
CA PRO B 95 -7.68 -28.98 9.10
C PRO B 95 -7.80 -30.50 8.96
N TYR B 96 -7.74 -31.00 7.73
CA TYR B 96 -7.79 -32.43 7.48
C TYR B 96 -6.64 -33.14 8.21
N LEU B 97 -5.40 -32.67 8.06
CA LEU B 97 -4.26 -33.28 8.75
C LEU B 97 -4.54 -33.34 10.26
N TYR B 98 -5.01 -32.23 10.84
CA TYR B 98 -5.18 -32.17 12.29
C TYR B 98 -6.30 -33.14 12.73
N ARG B 99 -7.35 -33.29 11.92
CA ARG B 99 -8.54 -34.08 12.30
C ARG B 99 -8.37 -35.58 12.00
N GLU B 100 -7.64 -35.93 10.94
CA GLU B 100 -7.65 -37.30 10.41
C GLU B 100 -6.28 -37.99 10.51
N ILE B 101 -5.18 -37.24 10.70
CA ILE B 101 -3.85 -37.87 10.64
C ILE B 101 -3.04 -37.66 11.93
N LEU B 102 -3.05 -36.45 12.50
CA LEU B 102 -2.22 -36.14 13.62
C LEU B 102 -2.94 -36.56 14.91
N PRO B 103 -2.22 -37.18 15.86
CA PRO B 103 -2.77 -37.41 17.19
C PRO B 103 -3.27 -36.09 17.82
N LYS B 104 -4.20 -36.17 18.77
CA LYS B 104 -4.76 -34.96 19.36
C LYS B 104 -3.67 -34.14 20.05
N ARG B 105 -2.69 -34.81 20.65
CA ARG B 105 -1.47 -34.09 21.06
C ARG B 105 -0.24 -34.99 20.91
N SER B 106 0.47 -34.80 19.80
CA SER B 106 1.90 -35.06 19.70
C SER B 106 2.61 -33.94 20.45
N PRO B 107 3.47 -34.24 21.45
CA PRO B 107 4.01 -33.19 22.31
C PRO B 107 4.85 -32.11 21.62
N LEU B 108 5.51 -32.44 20.50
CA LEU B 108 6.42 -31.48 19.85
C LEU B 108 5.85 -30.91 18.53
N LEU B 109 4.55 -31.09 18.29
CA LEU B 109 3.87 -30.47 17.13
C LEU B 109 2.87 -29.43 17.65
N LEU B 110 2.76 -28.32 16.92
CA LEU B 110 1.82 -27.24 17.25
C LEU B 110 0.42 -27.85 17.33
N PRO B 111 -0.22 -27.84 18.52
CA PRO B 111 -1.54 -28.44 18.67
C PRO B 111 -2.66 -27.56 18.12
N SER B 112 -3.70 -28.21 17.60
CA SER B 112 -4.95 -27.56 17.20
C SER B 112 -5.94 -27.63 18.37
N LEU B 113 -6.64 -26.51 18.64
CA LEU B 113 -7.69 -26.45 19.67
C LEU B 113 -9.07 -26.58 19.00
N GLY B 114 -9.12 -26.71 17.67
CA GLY B 114 -10.38 -26.85 16.93
C GLY B 114 -10.29 -26.26 15.52
N GLU B 115 -11.01 -26.87 14.57
CA GLU B 115 -11.07 -26.44 13.19
C GLU B 115 -12.52 -26.13 12.82
N TYR B 116 -12.77 -25.00 12.16
CA TYR B 116 -14.11 -24.56 11.84
C TYR B 116 -14.16 -23.95 10.44
N ARG B 117 -15.37 -23.82 9.92
CA ARG B 117 -15.69 -23.19 8.66
C ARG B 117 -16.68 -22.07 8.95
N GLY B 118 -16.41 -20.88 8.43
CA GLY B 118 -17.36 -19.78 8.34
C GLY B 118 -17.93 -19.74 6.94
N ALA B 119 -18.50 -18.61 6.56
CA ALA B 119 -19.10 -18.46 5.23
C ALA B 119 -18.03 -18.49 4.13
N PHE B 120 -16.89 -17.79 4.31
CA PHE B 120 -15.83 -17.82 3.28
C PHE B 120 -14.42 -17.96 3.90
N LEU B 121 -14.32 -18.34 5.18
CA LEU B 121 -13.00 -18.64 5.79
C LEU B 121 -13.02 -20.02 6.44
N THR B 122 -11.88 -20.70 6.47
CA THR B 122 -11.63 -21.78 7.43
C THR B 122 -10.76 -21.26 8.58
N TYR B 123 -10.91 -21.87 9.75
CA TYR B 123 -10.24 -21.46 10.98
C TYR B 123 -9.56 -22.66 11.64
N ILE B 124 -8.33 -22.47 12.11
CA ILE B 124 -7.69 -23.38 13.02
C ILE B 124 -7.25 -22.56 14.23
N PHE B 125 -7.64 -23.01 15.42
CA PHE B 125 -7.24 -22.36 16.64
C PHE B 125 -5.99 -23.04 17.22
N HIS B 126 -5.08 -22.23 17.74
CA HIS B 126 -3.84 -22.69 18.36
C HIS B 126 -3.68 -21.98 19.70
N PRO B 127 -2.87 -22.53 20.63
CA PRO B 127 -2.45 -21.76 21.80
C PRO B 127 -1.72 -20.51 21.28
N LEU B 128 -1.87 -19.38 21.98
CA LEU B 128 -1.21 -18.15 21.59
C LEU B 128 0.28 -18.30 21.92
N SER B 129 1.13 -18.29 20.90
CA SER B 129 2.55 -18.57 21.10
C SER B 129 3.23 -17.30 21.65
N LYS B 130 4.34 -17.49 22.37
CA LYS B 130 5.18 -16.41 22.86
C LYS B 130 5.95 -15.79 21.69
N GLY B 131 6.19 -16.57 20.63
CA GLY B 131 6.85 -16.08 19.44
C GLY B 131 7.37 -17.21 18.57
N LEU B 132 7.76 -16.88 17.33
CA LEU B 132 8.43 -17.78 16.44
C LEU B 132 9.93 -17.73 16.76
N VAL B 133 10.62 -18.87 16.64
CA VAL B 133 11.97 -19.01 17.14
C VAL B 133 12.92 -18.07 16.36
N GLY B 134 12.78 -18.01 15.04
CA GLY B 134 13.63 -17.14 14.23
C GLY B 134 13.51 -15.68 14.63
N ASP B 135 12.27 -15.18 14.72
CA ASP B 135 12.01 -13.81 15.15
C ASP B 135 12.58 -13.55 16.54
N MET B 136 12.38 -14.50 17.47
CA MET B 136 12.82 -14.30 18.84
C MET B 136 14.34 -14.14 18.90
N LEU B 137 15.07 -14.98 18.16
CA LEU B 137 16.52 -14.95 18.19
C LEU B 137 17.05 -13.69 17.49
N GLU B 138 16.36 -13.25 16.44
CA GLU B 138 16.80 -12.13 15.61
C GLU B 138 16.73 -10.82 16.40
N THR B 139 15.70 -10.66 17.23
CA THR B 139 15.52 -9.48 18.07
C THR B 139 16.45 -9.52 19.29
N GLY B 140 17.10 -10.66 19.54
CA GLY B 140 17.88 -10.88 20.77
C GLY B 140 17.00 -10.95 22.02
N PRO B 144 18.84 -18.82 24.39
CA PRO B 144 18.49 -20.21 24.71
C PRO B 144 19.70 -21.15 24.80
N ASP B 145 19.47 -22.32 25.40
CA ASP B 145 20.40 -23.42 25.37
C ASP B 145 20.41 -23.99 23.94
N VAL B 146 21.49 -23.75 23.20
CA VAL B 146 21.65 -24.12 21.79
C VAL B 146 21.51 -25.65 21.63
N GLN B 147 22.13 -26.40 22.53
CA GLN B 147 22.18 -27.85 22.45
C GLN B 147 20.76 -28.40 22.53
N VAL B 148 20.00 -27.89 23.50
CA VAL B 148 18.69 -28.42 23.81
C VAL B 148 17.69 -27.98 22.73
N LEU B 149 17.84 -26.75 22.23
CA LEU B 149 16.95 -26.22 21.20
C LEU B 149 17.09 -27.06 19.93
N ALA B 150 18.35 -27.32 19.55
CA ALA B 150 18.66 -28.10 18.36
C ALA B 150 18.08 -29.51 18.49
N ALA B 151 18.18 -30.09 19.69
CA ALA B 151 17.70 -31.43 19.95
C ALA B 151 16.17 -31.47 19.89
N ASN B 152 15.55 -30.45 20.47
CA ASN B 152 14.09 -30.23 20.46
C ASN B 152 13.60 -30.18 18.99
N MET B 153 14.37 -29.49 18.14
CA MET B 153 14.00 -29.29 16.74
C MET B 153 14.09 -30.61 15.96
N VAL B 154 15.20 -31.35 16.12
CA VAL B 154 15.39 -32.65 15.48
C VAL B 154 14.27 -33.61 15.91
N ALA B 155 13.99 -33.63 17.23
CA ALA B 155 13.03 -34.56 17.79
C ALA B 155 11.64 -34.27 17.21
N ALA B 156 11.33 -32.98 17.06
CA ALA B 156 10.03 -32.54 16.58
C ALA B 156 9.81 -33.04 15.15
N LEU B 157 10.85 -32.89 14.32
CA LEU B 157 10.81 -33.33 12.93
C LEU B 157 10.63 -34.85 12.87
N LYS B 158 11.39 -35.58 13.72
CA LYS B 158 11.29 -37.03 13.78
C LYS B 158 9.86 -37.47 14.09
N SER B 159 9.23 -36.77 15.05
CA SER B 159 7.87 -37.13 15.46
C SER B 159 6.91 -36.96 14.27
N LEU B 160 7.20 -36.05 13.33
CA LEU B 160 6.37 -35.86 12.15
C LEU B 160 6.64 -36.99 11.14
N HIS B 161 7.92 -37.32 10.94
CA HIS B 161 8.30 -38.44 10.06
C HIS B 161 7.66 -39.76 10.52
N ASN B 162 7.62 -40.00 11.85
CA ASN B 162 7.04 -41.23 12.43
C ASN B 162 5.54 -41.37 12.11
N LEU B 163 4.84 -40.27 11.78
CA LEU B 163 3.42 -40.32 11.41
C LEU B 163 3.27 -40.48 9.89
N GLY B 164 4.39 -40.59 9.16
CA GLY B 164 4.38 -40.72 7.71
C GLY B 164 4.25 -39.40 6.97
N LEU B 165 4.68 -38.27 7.57
CA LEU B 165 4.61 -36.95 6.89
C LEU B 165 6.00 -36.31 6.77
N LEU B 166 6.29 -35.78 5.59
CA LEU B 166 7.34 -34.77 5.39
C LEU B 166 6.78 -33.38 5.70
N HIS B 167 7.63 -32.48 6.18
CA HIS B 167 7.25 -31.08 6.43
C HIS B 167 7.28 -30.27 5.14
N ARG B 168 8.46 -30.26 4.49
CA ARG B 168 8.74 -29.68 3.15
C ARG B 168 9.00 -28.16 3.16
N SER B 169 8.90 -27.46 4.30
CA SER B 169 9.19 -26.00 4.31
C SER B 169 9.84 -25.56 5.64
N ILE B 170 10.74 -26.36 6.17
CA ILE B 170 11.34 -26.10 7.45
C ILE B 170 12.25 -24.87 7.37
N GLU B 171 12.08 -23.99 8.36
CA GLU B 171 12.96 -22.87 8.68
C GLU B 171 12.83 -22.58 10.18
N LEU B 172 13.68 -21.71 10.70
CA LEU B 172 13.64 -21.39 12.12
C LEU B 172 12.21 -21.01 12.55
N ASN B 173 11.50 -20.23 11.73
CA ASN B 173 10.16 -19.72 12.08
C ASN B 173 9.08 -20.80 11.94
N SER B 174 9.43 -22.00 11.49
CA SER B 174 8.54 -23.14 11.54
C SER B 174 8.27 -23.51 13.01
N PHE B 175 9.24 -23.19 13.88
CA PHE B 175 9.20 -23.55 15.28
C PHE B 175 8.69 -22.35 16.09
N SER B 176 7.87 -22.63 17.10
CA SER B 176 7.34 -21.59 17.97
C SER B 176 7.37 -22.06 19.43
N VAL B 177 7.28 -21.08 20.33
CA VAL B 177 7.42 -21.34 21.74
C VAL B 177 6.04 -21.17 22.37
N LEU B 178 5.50 -22.24 22.96
CA LEU B 178 4.20 -22.17 23.64
C LEU B 178 4.37 -21.44 24.97
N PRO B 179 3.27 -20.92 25.57
CA PRO B 179 3.35 -20.24 26.87
C PRO B 179 4.09 -21.03 27.95
N ASP B 180 3.93 -22.37 28.00
CA ASP B 180 4.59 -23.16 29.03
C ASP B 180 6.07 -23.38 28.71
N GLY B 181 6.57 -22.89 27.55
CA GLY B 181 7.99 -22.96 27.18
C GLY B 181 8.35 -24.14 26.30
N THR B 182 7.39 -25.03 26.01
CA THR B 182 7.57 -26.09 25.00
C THR B 182 7.81 -25.46 23.63
N VAL B 183 8.81 -25.98 22.90
CA VAL B 183 9.10 -25.58 21.54
C VAL B 183 8.51 -26.65 20.62
N VAL B 184 7.67 -26.21 19.67
CA VAL B 184 6.89 -27.12 18.83
C VAL B 184 7.07 -26.75 17.36
N LEU B 185 6.89 -27.76 16.50
CA LEU B 185 6.97 -27.60 15.07
C LEU B 185 5.57 -27.34 14.52
N GLY B 186 5.44 -26.24 13.78
CA GLY B 186 4.20 -25.84 13.11
C GLY B 186 4.40 -25.70 11.61
N GLY B 187 3.56 -24.85 10.99
CA GLY B 187 3.62 -24.65 9.56
C GLY B 187 3.32 -25.94 8.80
N LEU B 188 2.39 -26.75 9.32
CA LEU B 188 2.14 -28.10 8.82
C LEU B 188 1.23 -28.09 7.59
N ASP B 189 0.79 -26.91 7.11
CA ASP B 189 0.00 -26.83 5.87
C ASP B 189 0.80 -27.34 4.65
N THR B 190 2.13 -27.37 4.71
CA THR B 190 2.95 -27.83 3.58
C THR B 190 3.29 -29.33 3.70
N ALA B 191 2.88 -29.98 4.78
CA ALA B 191 3.22 -31.38 5.01
C ALA B 191 2.55 -32.28 3.97
N ALA B 192 3.22 -33.41 3.68
CA ALA B 192 2.73 -34.36 2.68
C ALA B 192 3.26 -35.75 3.01
N PRO B 193 2.58 -36.82 2.56
CA PRO B 193 2.99 -38.19 2.92
C PRO B 193 4.35 -38.57 2.34
N ILE B 194 5.13 -39.35 3.11
CA ILE B 194 6.35 -39.99 2.64
C ILE B 194 5.92 -41.12 1.70
N GLY B 195 5.05 -42.01 2.21
CA GLY B 195 4.93 -43.39 1.71
C GLY B 195 4.23 -43.48 0.37
N THR B 196 3.07 -42.81 0.26
CA THR B 196 2.32 -42.76 -0.99
C THR B 196 1.99 -41.29 -1.32
N GLU B 197 2.88 -40.66 -2.09
CA GLU B 197 2.60 -39.45 -2.83
C GLU B 197 1.32 -39.66 -3.64
N HIS B 228 10.63 -34.49 -3.08
CA HIS B 228 10.78 -34.32 -1.62
C HIS B 228 10.86 -35.67 -0.89
N THR B 229 11.86 -35.79 -0.01
CA THR B 229 12.16 -37.00 0.77
C THR B 229 12.58 -36.60 2.19
N VAL B 230 12.81 -37.60 3.04
CA VAL B 230 13.26 -37.38 4.40
C VAL B 230 14.55 -36.54 4.37
N LYS B 231 15.39 -36.75 3.35
CA LYS B 231 16.69 -36.11 3.27
C LYS B 231 16.54 -34.63 2.90
N SER B 232 15.46 -34.26 2.19
CA SER B 232 15.27 -32.84 1.85
C SER B 232 14.85 -32.06 3.12
N ASP B 233 14.07 -32.69 4.01
CA ASP B 233 13.74 -32.11 5.33
C ASP B 233 15.04 -31.95 6.16
N VAL B 234 15.96 -32.92 6.06
CA VAL B 234 17.24 -32.85 6.77
C VAL B 234 18.04 -31.64 6.27
N TYR B 235 18.09 -31.47 4.94
CA TYR B 235 18.77 -30.34 4.33
C TYR B 235 18.22 -29.03 4.92
N SER B 236 16.89 -28.87 4.86
CA SER B 236 16.22 -27.63 5.30
C SER B 236 16.52 -27.34 6.78
N LEU B 237 16.49 -28.38 7.61
CA LEU B 237 16.73 -28.22 9.03
C LEU B 237 18.19 -27.82 9.25
N GLY B 238 19.08 -28.38 8.42
CA GLY B 238 20.49 -28.01 8.40
C GLY B 238 20.67 -26.52 8.13
N VAL B 239 19.97 -26.02 7.11
CA VAL B 239 20.03 -24.60 6.76
C VAL B 239 19.51 -23.75 7.95
N ALA B 240 18.48 -24.24 8.63
CA ALA B 240 17.94 -23.52 9.78
C ALA B 240 18.99 -23.49 10.92
N PHE B 241 19.73 -24.59 11.10
CA PHE B 241 20.77 -24.65 12.10
C PHE B 241 21.90 -23.69 11.76
N ARG B 242 22.26 -23.60 10.48
CA ARG B 242 23.25 -22.65 10.03
C ARG B 242 22.79 -21.23 10.38
N ASN B 243 21.50 -20.95 10.14
CA ASN B 243 20.88 -19.67 10.42
C ASN B 243 21.01 -19.39 11.93
N LEU B 244 20.75 -20.41 12.73
CA LEU B 244 20.79 -20.32 14.18
C LEU B 244 22.21 -19.96 14.65
N VAL B 245 23.23 -20.66 14.11
CA VAL B 245 24.64 -20.41 14.44
C VAL B 245 25.01 -18.96 14.06
N GLN B 246 24.58 -18.49 12.87
CA GLN B 246 24.92 -17.14 12.45
C GLN B 246 24.31 -16.11 13.42
N LEU B 247 23.12 -16.37 13.94
CA LEU B 247 22.41 -15.42 14.78
C LEU B 247 23.04 -15.33 16.17
N LEU B 248 23.58 -16.44 16.69
CA LEU B 248 24.04 -16.51 18.07
C LEU B 248 25.58 -16.41 18.18
N GLY B 249 26.27 -16.41 17.03
CA GLY B 249 27.74 -16.47 16.95
C GLY B 249 28.33 -15.29 16.21
N ARG B 262 26.69 -21.07 24.74
CA ARG B 262 27.98 -21.76 24.91
C ARG B 262 28.67 -21.93 23.55
N GLN B 263 29.94 -21.52 23.49
CA GLN B 263 30.71 -21.49 22.26
C GLN B 263 31.00 -22.91 21.75
N ASP B 264 31.17 -23.88 22.66
CA ASP B 264 31.48 -25.27 22.26
C ASP B 264 30.24 -25.92 21.60
N HIS B 265 29.03 -25.58 22.08
CA HIS B 265 27.78 -26.04 21.49
C HIS B 265 27.66 -25.50 20.04
N LEU B 266 27.99 -24.22 19.85
CA LEU B 266 27.87 -23.55 18.55
C LEU B 266 28.79 -24.22 17.51
N GLU B 267 30.03 -24.53 17.92
CA GLU B 267 31.01 -25.11 17.02
C GLU B 267 30.53 -26.51 16.60
N LEU B 268 29.99 -27.27 17.57
CA LEU B 268 29.49 -28.62 17.30
C LEU B 268 28.26 -28.56 16.37
N LEU B 269 27.35 -27.59 16.59
CA LEU B 269 26.17 -27.45 15.75
C LEU B 269 26.58 -27.07 14.32
N ASP B 270 27.59 -26.21 14.20
CA ASP B 270 28.10 -25.81 12.88
C ASP B 270 28.59 -27.04 12.08
N LYS B 271 29.30 -27.94 12.76
CA LYS B 271 29.83 -29.17 12.15
C LYS B 271 28.69 -30.09 11.73
N LEU B 272 27.68 -30.24 12.62
CA LEU B 272 26.51 -31.07 12.35
C LEU B 272 25.72 -30.50 11.15
N SER B 273 25.55 -29.17 11.12
CA SER B 273 24.76 -28.54 10.07
C SER B 273 25.47 -28.73 8.71
N GLN B 274 26.81 -28.73 8.70
CA GLN B 274 27.59 -28.91 7.46
C GLN B 274 27.33 -30.31 6.87
N LYS B 275 27.14 -31.32 7.73
CA LYS B 275 26.81 -32.68 7.27
C LYS B 275 25.40 -32.70 6.66
N MET B 276 24.48 -31.94 7.29
CA MET B 276 23.06 -31.95 6.94
C MET B 276 22.82 -31.26 5.59
N ILE B 277 23.70 -30.33 5.20
CA ILE B 277 23.52 -29.55 3.96
C ILE B 277 24.42 -30.06 2.82
N GLU B 278 24.93 -31.28 2.93
CA GLU B 278 25.70 -31.92 1.82
C GLU B 278 24.84 -31.89 0.55
N GLU B 279 25.47 -31.55 -0.59
CA GLU B 279 24.80 -31.40 -1.89
C GLU B 279 24.09 -32.71 -2.27
N GLU B 280 24.72 -33.86 -2.00
CA GLU B 280 24.16 -35.16 -2.34
C GLU B 280 23.27 -35.65 -1.21
N PRO B 281 21.96 -35.93 -1.45
CA PRO B 281 21.07 -36.49 -0.41
C PRO B 281 21.63 -37.73 0.30
N GLY B 282 22.28 -38.62 -0.46
CA GLY B 282 22.86 -39.85 0.06
C GLY B 282 23.95 -39.62 1.10
N ASN B 283 24.61 -38.46 1.05
CA ASN B 283 25.71 -38.09 1.96
C ASN B 283 25.18 -37.39 3.22
N ARG B 284 23.87 -37.13 3.30
CA ARG B 284 23.29 -36.49 4.47
C ARG B 284 22.93 -37.56 5.48
N PRO B 285 23.19 -37.32 6.79
CA PRO B 285 22.77 -38.25 7.82
C PRO B 285 21.23 -38.39 7.93
N THR B 286 20.81 -39.57 8.40
CA THR B 286 19.43 -39.81 8.78
C THR B 286 19.17 -39.13 10.14
N ILE B 287 17.89 -39.08 10.52
CA ILE B 287 17.49 -38.55 11.82
C ILE B 287 18.21 -39.32 12.93
N GLU B 288 18.24 -40.66 12.79
CA GLU B 288 18.86 -41.57 13.78
C GLU B 288 20.35 -41.21 13.97
N GLU B 289 21.07 -41.02 12.85
CA GLU B 289 22.48 -40.66 12.89
C GLU B 289 22.66 -39.27 13.51
N ILE B 290 21.80 -38.32 13.14
CA ILE B 290 21.84 -36.95 13.70
C ILE B 290 21.73 -37.01 15.23
N MET B 291 20.81 -37.85 15.73
CA MET B 291 20.53 -37.94 17.17
C MET B 291 21.72 -38.50 17.95
N LYS B 292 22.65 -39.20 17.26
CA LYS B 292 23.85 -39.75 17.90
C LYS B 292 25.07 -38.85 17.67
N ASP B 293 24.86 -37.60 17.20
CA ASP B 293 25.97 -36.67 16.99
C ASP B 293 26.55 -36.28 18.35
N PRO B 294 27.88 -36.02 18.43
CA PRO B 294 28.52 -35.50 19.64
C PRO B 294 27.80 -34.36 20.38
N LEU B 295 27.10 -33.49 19.63
CA LEU B 295 26.41 -32.33 20.21
C LEU B 295 25.41 -32.76 21.28
N PHE B 296 24.78 -33.94 21.10
CA PHE B 296 23.63 -34.35 21.91
C PHE B 296 23.98 -35.40 22.97
N GLU B 297 25.27 -35.71 23.16
CA GLU B 297 25.67 -36.69 24.20
C GLU B 297 25.34 -36.12 25.59
N GLY B 298 24.73 -36.98 26.42
CA GLY B 298 24.26 -36.62 27.75
C GLY B 298 22.80 -36.23 27.79
N LEU B 299 22.15 -36.14 26.62
CA LEU B 299 20.73 -35.78 26.53
C LEU B 299 19.89 -37.05 26.45
N ASN B 300 18.79 -37.06 27.21
CA ASN B 300 17.76 -38.10 27.16
C ASN B 300 16.73 -37.69 26.11
N PHE B 301 16.84 -38.27 24.91
CA PHE B 301 15.94 -37.97 23.80
C PHE B 301 14.49 -38.38 24.11
N GLU B 302 14.29 -39.38 24.97
CA GLU B 302 12.93 -39.81 25.30
C GLU B 302 12.18 -38.66 26.01
N ASP B 303 12.90 -37.89 26.83
CA ASP B 303 12.33 -36.75 27.59
C ASP B 303 12.04 -35.57 26.67
N ILE B 304 12.93 -35.33 25.69
CA ILE B 304 12.74 -34.30 24.67
C ILE B 304 11.43 -34.61 23.94
N GLU B 305 11.27 -35.86 23.51
CA GLU B 305 10.14 -36.33 22.71
C GLU B 305 8.83 -36.29 23.51
N GLU B 306 8.92 -36.36 24.84
CA GLU B 306 7.73 -36.28 25.71
C GLU B 306 7.38 -34.81 25.98
N GLY B 307 8.28 -33.90 25.63
CA GLY B 307 7.96 -32.48 25.60
C GLY B 307 8.36 -31.75 26.86
N LYS B 308 9.43 -32.24 27.51
CA LYS B 308 9.84 -31.76 28.83
C LYS B 308 10.99 -30.77 28.72
N ALA B 309 11.60 -30.63 27.54
CA ALA B 309 12.68 -29.69 27.34
C ALA B 309 12.14 -28.24 27.39
N ARG B 310 12.97 -27.34 27.91
CA ARG B 310 12.63 -25.94 28.06
C ARG B 310 13.84 -25.09 27.67
N PRO B 311 14.16 -25.02 26.37
CA PRO B 311 15.40 -24.38 25.92
C PRO B 311 15.51 -22.89 26.26
N PHE B 312 14.38 -22.22 26.51
CA PHE B 312 14.32 -20.76 26.71
C PHE B 312 14.12 -20.38 28.19
N ARG B 313 14.09 -21.36 29.11
CA ARG B 313 13.78 -21.07 30.53
C ARG B 313 15.07 -20.71 31.28
N PRO C 8 -19.98 24.53 28.56
CA PRO C 8 -20.76 23.29 28.83
C PRO C 8 -20.56 22.20 27.77
N LEU C 9 -19.77 21.15 28.04
CA LEU C 9 -19.18 20.28 27.01
C LEU C 9 -20.28 19.54 26.24
N ALA C 10 -21.33 19.11 26.94
CA ALA C 10 -22.41 18.32 26.34
C ALA C 10 -23.20 19.16 25.31
N ASP C 11 -23.16 20.49 25.46
CA ASP C 11 -23.99 21.41 24.66
C ASP C 11 -23.19 22.03 23.51
N MET C 12 -21.92 21.64 23.31
CA MET C 12 -21.11 22.19 22.22
C MET C 12 -21.70 21.72 20.88
N THR C 13 -21.93 22.66 19.97
CA THR C 13 -22.43 22.39 18.62
C THR C 13 -21.29 22.62 17.60
N PHE C 14 -21.62 22.42 16.32
CA PHE C 14 -20.68 22.63 15.22
C PHE C 14 -19.98 24.00 15.39
N TRP C 15 -20.78 25.06 15.57
CA TRP C 15 -20.29 26.44 15.62
C TRP C 15 -19.36 26.62 16.84
N SER C 16 -19.69 25.95 17.96
CA SER C 16 -18.85 26.02 19.16
C SER C 16 -17.44 25.49 18.86
N TRP C 17 -17.38 24.32 18.20
CA TRP C 17 -16.12 23.65 17.90
C TRP C 17 -15.30 24.47 16.90
N MET C 18 -15.99 25.00 15.89
CA MET C 18 -15.32 25.81 14.88
C MET C 18 -14.76 27.06 15.55
N SER C 19 -15.56 27.68 16.42
CA SER C 19 -15.12 28.84 17.17
C SER C 19 -13.89 28.48 18.02
N TYR C 20 -13.93 27.33 18.69
CA TYR C 20 -12.83 26.92 19.54
C TYR C 20 -11.55 26.69 18.73
N LEU C 21 -11.69 26.13 17.54
CA LEU C 21 -10.56 25.92 16.65
C LEU C 21 -9.87 27.26 16.35
N LYS C 22 -10.68 28.31 16.08
CA LYS C 22 -10.18 29.65 15.75
C LYS C 22 -9.46 30.29 16.95
N GLU C 23 -9.87 29.94 18.18
CA GLU C 23 -9.27 30.46 19.40
C GLU C 23 -7.86 29.91 19.66
N LEU C 24 -7.47 28.77 19.04
CA LEU C 24 -6.14 28.18 19.27
C LEU C 24 -5.08 29.09 18.67
N PRO C 25 -3.94 29.30 19.34
CA PRO C 25 -2.89 30.16 18.80
C PRO C 25 -2.17 29.57 17.58
N ASP C 26 -1.65 30.45 16.72
CA ASP C 26 -0.93 30.08 15.51
C ASP C 26 0.45 29.50 15.86
N ILE C 27 0.94 28.65 14.96
CA ILE C 27 2.31 28.24 14.90
C ILE C 27 2.79 28.53 13.48
N ASP C 28 4.08 28.87 13.33
CA ASP C 28 4.73 29.09 12.04
C ASP C 28 5.34 27.77 11.58
N GLU C 29 4.72 27.21 10.52
CA GLU C 29 4.96 25.82 10.06
C GLU C 29 6.22 25.74 9.19
N SER C 30 6.63 26.87 8.59
CA SER C 30 7.85 26.96 7.77
C SER C 30 9.12 26.92 8.62
N ARG C 31 8.98 27.17 9.94
CA ARG C 31 10.14 27.36 10.83
C ARG C 31 10.43 26.11 11.69
N ASN C 32 9.85 24.95 11.33
CA ASN C 32 10.16 23.71 12.06
C ASN C 32 10.00 22.52 11.11
N PRO C 33 10.67 21.39 11.41
CA PRO C 33 10.75 20.27 10.46
C PRO C 33 9.53 19.33 10.39
N ILE C 34 8.45 19.63 11.13
CA ILE C 34 7.35 18.71 11.26
C ILE C 34 6.65 18.51 9.91
N LEU C 35 6.28 19.58 9.21
CA LEU C 35 5.66 19.46 7.88
C LEU C 35 6.57 18.66 6.92
N LYS C 36 7.87 18.94 6.94
CA LYS C 36 8.79 18.25 6.06
C LYS C 36 8.72 16.75 6.33
N ARG C 37 8.72 16.35 7.61
CA ARG C 37 8.68 14.95 7.95
C ARG C 37 7.37 14.34 7.44
N LEU C 38 6.25 15.07 7.57
CA LEU C 38 4.95 14.56 7.13
C LEU C 38 4.92 14.37 5.61
N LEU C 39 5.53 15.29 4.86
CA LEU C 39 5.52 15.24 3.39
C LEU C 39 6.49 14.18 2.86
N SER C 40 7.54 13.85 3.64
CA SER C 40 8.54 12.87 3.26
C SER C 40 8.02 11.44 3.47
N GLY C 41 6.77 11.29 3.89
CA GLY C 41 6.03 10.02 3.76
C GLY C 41 6.66 8.93 4.61
N SER C 42 7.12 9.34 5.80
CA SER C 42 7.64 8.46 6.84
C SER C 42 6.76 8.57 8.09
N PHE C 43 5.59 9.23 7.95
CA PHE C 43 4.56 9.28 8.94
C PHE C 43 3.18 9.47 8.29
N LEU C 44 2.95 8.88 7.11
CA LEU C 44 1.69 9.05 6.33
C LEU C 44 0.47 8.56 7.15
N ARG C 45 -0.42 9.50 7.51
CA ARG C 45 -1.64 9.20 8.23
C ARG C 45 -2.61 10.36 8.01
N SER C 49 -4.52 10.59 14.66
CA SER C 49 -3.38 11.46 14.75
C SER C 49 -2.08 10.77 14.32
N THR C 50 -1.08 11.59 13.99
CA THR C 50 0.24 11.19 13.68
C THR C 50 1.21 11.84 14.67
N THR C 51 2.24 11.11 15.10
CA THR C 51 3.24 11.63 15.99
C THR C 51 4.53 11.87 15.20
N VAL C 52 5.13 13.05 15.37
CA VAL C 52 6.43 13.37 14.81
C VAL C 52 7.39 13.74 15.95
N ASN C 53 8.53 13.07 16.04
CA ASN C 53 9.51 13.35 17.07
C ASN C 53 10.42 14.49 16.64
N VAL C 54 10.74 15.39 17.58
CA VAL C 54 11.76 16.42 17.37
C VAL C 54 12.81 16.29 18.47
N ARG C 55 13.88 15.53 18.18
CA ARG C 55 14.90 15.21 19.16
C ARG C 55 15.74 16.44 19.54
N VAL C 56 15.88 17.38 18.62
CA VAL C 56 16.65 18.59 18.86
C VAL C 56 15.80 19.80 18.46
N PRO C 57 14.89 20.30 19.32
CA PRO C 57 14.12 21.49 18.98
C PRO C 57 15.06 22.69 18.71
N ALA C 58 14.75 23.45 17.66
CA ALA C 58 15.48 24.64 17.26
C ALA C 58 15.04 25.84 18.09
N ARG C 59 15.73 26.97 17.93
CA ARG C 59 15.52 28.16 18.80
C ARG C 59 14.07 28.64 18.70
N GLU C 60 13.49 28.66 17.50
CA GLU C 60 12.12 29.19 17.31
C GLU C 60 11.09 28.34 18.08
N LEU C 61 11.30 27.01 18.08
CA LEU C 61 10.37 26.09 18.73
C LEU C 61 10.57 26.16 20.26
N VAL C 62 11.84 26.28 20.70
CA VAL C 62 12.18 26.46 22.11
C VAL C 62 11.45 27.69 22.66
N ARG C 63 11.49 28.79 21.88
CA ARG C 63 10.86 30.05 22.28
C ARG C 63 9.34 29.89 22.33
N LEU C 64 8.74 29.30 21.30
CA LEU C 64 7.28 29.14 21.23
C LEU C 64 6.76 28.35 22.43
N LEU C 65 7.47 27.28 22.84
CA LEU C 65 7.00 26.35 23.87
C LEU C 65 7.55 26.71 25.26
N SER C 66 8.43 27.71 25.33
CA SER C 66 9.09 28.10 26.58
C SER C 66 9.77 26.88 27.21
N LEU C 67 10.54 26.12 26.42
CA LEU C 67 11.14 24.89 26.95
C LEU C 67 12.28 25.26 27.92
N THR C 68 12.30 24.58 29.07
CA THR C 68 13.43 24.63 29.99
C THR C 68 14.61 23.95 29.33
N PRO C 69 15.87 24.20 29.78
CA PRO C 69 17.02 23.50 29.23
C PRO C 69 16.91 21.97 29.36
N GLU C 70 16.26 21.48 30.43
CA GLU C 70 16.04 20.05 30.65
C GLU C 70 15.15 19.50 29.53
N GLN C 71 14.03 20.22 29.25
CA GLN C 71 13.08 19.87 28.22
C GLN C 71 13.78 19.88 26.84
N GLN C 72 14.60 20.89 26.59
CA GLN C 72 15.37 21.00 25.34
C GLN C 72 16.18 19.72 25.10
N ARG C 73 16.79 19.19 26.18
CA ARG C 73 17.70 18.05 26.11
C ARG C 73 16.91 16.75 25.91
N GLU C 74 15.71 16.67 26.50
CA GLU C 74 14.84 15.49 26.41
C GLU C 74 14.27 15.34 24.98
N GLY C 75 14.04 16.46 24.30
CA GLY C 75 13.33 16.49 23.02
C GLY C 75 11.81 16.55 23.23
N VAL C 76 11.08 16.82 22.15
CA VAL C 76 9.63 16.87 22.20
C VAL C 76 9.05 16.06 21.04
N SER C 77 7.77 15.73 21.16
CA SER C 77 7.02 15.14 20.10
C SER C 77 5.76 15.99 19.82
N ALA C 78 5.30 15.95 18.57
CA ALA C 78 4.10 16.61 18.17
C ALA C 78 3.07 15.57 17.71
N LYS C 79 1.86 15.65 18.26
CA LYS C 79 0.69 14.95 17.80
C LYS C 79 -0.09 15.88 16.85
N VAL C 80 -0.22 15.46 15.58
CA VAL C 80 -0.79 16.29 14.56
C VAL C 80 -2.06 15.63 14.01
N ARG C 81 -3.06 16.45 13.71
CA ARG C 81 -4.31 16.01 13.10
C ARG C 81 -4.69 16.97 11.98
N LEU C 82 -5.25 16.42 10.90
CA LEU C 82 -5.73 17.20 9.79
C LEU C 82 -7.04 17.88 10.20
N ILE C 83 -7.10 19.19 10.03
CA ILE C 83 -8.34 19.96 10.25
C ILE C 83 -9.36 19.57 9.18
N ASN C 84 -10.53 19.13 9.64
CA ASN C 84 -11.66 18.78 8.81
C ASN C 84 -12.73 19.85 9.02
N LEU C 85 -13.02 20.62 7.96
CA LEU C 85 -13.94 21.77 8.09
C LEU C 85 -15.41 21.33 8.16
N LEU C 86 -15.72 20.07 7.84
CA LEU C 86 -17.07 19.51 8.08
C LEU C 86 -17.25 19.01 9.51
N ASP C 87 -16.14 18.77 10.23
CA ASP C 87 -16.16 18.20 11.57
C ASP C 87 -14.94 18.70 12.36
N PRO C 88 -14.96 19.96 12.82
CA PRO C 88 -13.80 20.51 13.53
C PRO C 88 -13.51 19.81 14.86
N LYS C 89 -14.53 19.21 15.47
CA LYS C 89 -14.41 18.53 16.73
C LYS C 89 -13.27 17.51 16.68
N TYR C 90 -13.19 16.73 15.61
CA TYR C 90 -12.22 15.65 15.55
C TYR C 90 -10.79 16.23 15.76
N SER C 91 -10.52 17.45 15.27
CA SER C 91 -9.14 17.97 15.32
C SER C 91 -8.84 18.82 16.58
N VAL C 92 -9.88 19.31 17.27
CA VAL C 92 -9.66 20.19 18.42
C VAL C 92 -10.15 19.59 19.74
N TYR C 93 -10.78 18.40 19.71
CA TYR C 93 -11.30 17.78 20.94
C TYR C 93 -10.16 17.56 21.95
N GLU C 94 -9.06 16.96 21.53
CA GLU C 94 -7.99 16.67 22.45
C GLU C 94 -7.37 17.97 23.00
N PRO C 95 -7.04 18.97 22.16
CA PRO C 95 -6.60 20.28 22.67
C PRO C 95 -7.61 20.88 23.68
N TYR C 96 -8.90 20.74 23.40
CA TYR C 96 -9.93 21.21 24.29
C TYR C 96 -9.78 20.56 25.68
N LEU C 97 -9.68 19.22 25.73
CA LEU C 97 -9.51 18.53 27.01
C LEU C 97 -8.30 19.11 27.76
N TYR C 98 -7.17 19.28 27.08
CA TYR C 98 -5.93 19.72 27.74
C TYR C 98 -6.11 21.15 28.27
N ARG C 99 -6.82 22.02 27.53
CA ARG C 99 -6.91 23.45 27.85
C ARG C 99 -8.04 23.77 28.85
N GLU C 100 -9.14 23.00 28.82
CA GLU C 100 -10.35 23.35 29.54
C GLU C 100 -10.70 22.35 30.64
N ILE C 101 -10.15 21.13 30.63
CA ILE C 101 -10.67 20.10 31.54
C ILE C 101 -9.57 19.49 32.41
N LEU C 102 -8.40 19.17 31.86
CA LEU C 102 -7.36 18.49 32.60
C LEU C 102 -6.52 19.50 33.34
N PRO C 103 -6.21 19.26 34.64
CA PRO C 103 -5.33 20.15 35.39
C PRO C 103 -3.98 20.30 34.69
N LYS C 104 -3.27 21.40 34.92
CA LYS C 104 -1.91 21.49 34.43
C LYS C 104 -1.09 20.42 35.18
N ARG C 105 -1.35 20.21 36.48
CA ARG C 105 -0.40 19.52 37.31
C ARG C 105 -0.51 17.99 37.27
N SER C 106 -1.49 17.37 36.61
CA SER C 106 -1.78 15.95 36.83
C SER C 106 -0.56 15.03 36.61
N PRO C 107 0.04 14.53 37.70
CA PRO C 107 1.34 13.84 37.61
C PRO C 107 1.35 12.55 36.78
N LEU C 108 0.22 11.86 36.68
CA LEU C 108 0.16 10.54 36.04
C LEU C 108 -0.58 10.59 34.69
N LEU C 109 -0.81 11.79 34.15
CA LEU C 109 -1.39 11.97 32.82
C LEU C 109 -0.30 12.58 31.91
N LEU C 110 -0.26 12.12 30.66
CA LEU C 110 0.66 12.64 29.65
C LEU C 110 0.48 14.16 29.56
N PRO C 111 1.52 14.96 29.92
CA PRO C 111 1.39 16.41 29.91
C PRO C 111 1.47 17.00 28.50
N SER C 112 0.73 18.09 28.28
CA SER C 112 0.83 18.92 27.09
C SER C 112 1.82 20.06 27.33
N LEU C 113 2.68 20.35 26.34
CA LEU C 113 3.60 21.48 26.37
C LEU C 113 3.04 22.66 25.56
N GLY C 114 1.85 22.50 24.98
CA GLY C 114 1.20 23.53 24.16
C GLY C 114 0.36 22.95 23.03
N GLU C 115 -0.72 23.64 22.70
CA GLU C 115 -1.63 23.30 21.61
C GLU C 115 -1.67 24.46 20.61
N TYR C 116 -1.56 24.16 19.31
CA TYR C 116 -1.51 25.16 18.27
C TYR C 116 -2.32 24.71 17.05
N ARG C 117 -2.60 25.68 16.18
CA ARG C 117 -3.26 25.48 14.91
C ARG C 117 -2.34 26.06 13.84
N GLY C 118 -2.12 25.30 12.77
CA GLY C 118 -1.53 25.80 11.55
C GLY C 118 -2.63 26.06 10.54
N ALA C 119 -2.25 26.12 9.26
CA ALA C 119 -3.23 26.33 8.18
C ALA C 119 -4.15 25.11 8.04
N PHE C 120 -3.61 23.87 8.11
CA PHE C 120 -4.44 22.66 7.86
C PHE C 120 -4.31 21.59 8.95
N LEU C 121 -3.48 21.84 9.99
CA LEU C 121 -3.20 20.87 11.05
C LEU C 121 -3.42 21.52 12.42
N THR C 122 -3.85 20.72 13.40
CA THR C 122 -3.70 21.07 14.81
C THR C 122 -2.52 20.28 15.40
N TYR C 123 -1.89 20.88 16.43
CA TYR C 123 -0.70 20.34 17.05
C TYR C 123 -0.88 20.27 18.57
N ILE C 124 -0.44 19.16 19.17
CA ILE C 124 -0.20 19.07 20.60
C ILE C 124 1.23 18.60 20.80
N PHE C 125 1.99 19.36 21.59
CA PHE C 125 3.34 19.01 21.91
C PHE C 125 3.37 18.26 23.25
N HIS C 126 4.22 17.23 23.31
CA HIS C 126 4.42 16.39 24.48
C HIS C 126 5.92 16.23 24.71
N PRO C 127 6.34 15.88 25.94
CA PRO C 127 7.72 15.45 26.15
C PRO C 127 7.97 14.23 25.25
N LEU C 128 9.17 14.11 24.70
CA LEU C 128 9.51 12.95 23.89
C LEU C 128 9.68 11.75 24.81
N SER C 129 8.79 10.75 24.68
CA SER C 129 8.75 9.65 25.62
C SER C 129 9.87 8.67 25.29
N LYS C 130 10.32 7.91 26.31
CA LYS C 130 11.31 6.86 26.14
C LYS C 130 10.67 5.66 25.42
N GLY C 131 9.34 5.51 25.53
CA GLY C 131 8.63 4.44 24.86
C GLY C 131 7.24 4.24 25.42
N LEU C 132 6.42 3.51 24.64
CA LEU C 132 5.14 3.03 25.06
C LEU C 132 5.34 1.73 25.83
N VAL C 133 4.54 1.50 26.88
CA VAL C 133 4.79 0.43 27.82
C VAL C 133 4.66 -0.93 27.12
N GLY C 134 3.63 -1.08 26.28
CA GLY C 134 3.41 -2.34 25.56
C GLY C 134 4.59 -2.69 24.67
N ASP C 135 5.04 -1.74 23.86
CA ASP C 135 6.21 -1.93 22.99
C ASP C 135 7.45 -2.27 23.81
N MET C 136 7.66 -1.56 24.92
CA MET C 136 8.85 -1.79 25.72
C MET C 136 8.89 -3.22 26.27
N LEU C 137 7.75 -3.70 26.77
CA LEU C 137 7.67 -5.04 27.36
C LEU C 137 7.78 -6.11 26.26
N GLU C 138 7.24 -5.83 25.07
CA GLU C 138 7.15 -6.79 23.97
C GLU C 138 8.55 -7.10 23.42
N THR C 139 9.41 -6.08 23.37
CA THR C 139 10.79 -6.22 22.92
C THR C 139 11.66 -6.90 23.99
N GLY C 140 11.14 -7.12 25.19
CA GLY C 140 11.70 -8.19 26.07
C GLY C 140 12.93 -7.71 26.80
N ARG C 141 13.18 -6.39 26.77
CA ARG C 141 14.43 -5.80 27.31
C ARG C 141 14.17 -4.73 28.38
N SER C 142 12.89 -4.42 28.68
CA SER C 142 12.55 -3.73 29.94
C SER C 142 11.90 -4.73 30.91
N HIS C 143 12.44 -4.75 32.14
CA HIS C 143 11.93 -5.61 33.18
C HIS C 143 11.52 -4.73 34.36
N PRO C 144 10.24 -4.28 34.41
CA PRO C 144 9.79 -3.44 35.52
C PRO C 144 9.40 -4.22 36.77
N ASP C 145 9.30 -3.48 37.89
CA ASP C 145 8.61 -3.94 39.09
C ASP C 145 7.11 -3.99 38.76
N VAL C 146 6.58 -5.21 38.63
CA VAL C 146 5.21 -5.44 38.17
C VAL C 146 4.21 -4.82 39.16
N GLN C 147 4.49 -4.97 40.45
CA GLN C 147 3.60 -4.50 41.49
C GLN C 147 3.40 -2.99 41.37
N VAL C 148 4.52 -2.27 41.20
CA VAL C 148 4.51 -0.81 41.21
C VAL C 148 3.92 -0.29 39.90
N LEU C 149 4.23 -0.98 38.78
CA LEU C 149 3.73 -0.57 37.47
C LEU C 149 2.20 -0.66 37.46
N ALA C 150 1.69 -1.80 37.96
CA ALA C 150 0.25 -2.03 38.01
C ALA C 150 -0.43 -0.97 38.87
N ALA C 151 0.20 -0.61 39.99
CA ALA C 151 -0.35 0.38 40.91
C ALA C 151 -0.34 1.76 40.26
N ASN C 152 0.77 2.08 39.58
CA ASN C 152 0.96 3.32 38.79
C ASN C 152 -0.19 3.44 37.76
N MET C 153 -0.53 2.32 37.11
CA MET C 153 -1.52 2.29 36.03
C MET C 153 -2.92 2.53 36.60
N VAL C 154 -3.27 1.82 37.69
CA VAL C 154 -4.57 2.00 38.35
C VAL C 154 -4.71 3.45 38.85
N ALA C 155 -3.65 3.97 39.47
CA ALA C 155 -3.66 5.31 40.03
C ALA C 155 -3.92 6.34 38.93
N ALA C 156 -3.28 6.13 37.78
CA ALA C 156 -3.37 7.05 36.65
C ALA C 156 -4.82 7.12 36.15
N LEU C 157 -5.44 5.95 36.01
CA LEU C 157 -6.83 5.84 35.58
C LEU C 157 -7.75 6.54 36.59
N LYS C 158 -7.52 6.29 37.88
CA LYS C 158 -8.30 6.90 38.94
C LYS C 158 -8.22 8.44 38.85
N SER C 159 -7.03 8.99 38.57
CA SER C 159 -6.86 10.43 38.47
C SER C 159 -7.73 10.97 37.31
N LEU C 160 -7.97 10.17 36.28
CA LEU C 160 -8.84 10.61 35.18
C LEU C 160 -10.33 10.51 35.58
N HIS C 161 -10.69 9.42 36.25
CA HIS C 161 -12.07 9.24 36.78
C HIS C 161 -12.44 10.38 37.73
N ASN C 162 -11.49 10.84 38.57
CA ASN C 162 -11.71 11.95 39.52
C ASN C 162 -12.07 13.26 38.82
N LEU C 163 -11.71 13.41 37.54
CA LEU C 163 -12.08 14.63 36.76
C LEU C 163 -13.43 14.43 36.06
N GLY C 164 -14.06 13.25 36.24
CA GLY C 164 -15.32 12.93 35.61
C GLY C 164 -15.17 12.46 34.16
N LEU C 165 -14.02 11.85 33.83
CA LEU C 165 -13.78 11.36 32.46
C LEU C 165 -13.52 9.85 32.48
N LEU C 166 -14.17 9.15 31.54
CA LEU C 166 -13.72 7.83 31.11
C LEU C 166 -12.64 7.97 30.04
N HIS C 167 -11.74 6.98 29.98
CA HIS C 167 -10.71 6.92 28.92
C HIS C 167 -11.31 6.33 27.64
N ARG C 168 -11.86 5.13 27.76
CA ARG C 168 -12.64 4.38 26.73
C ARG C 168 -11.76 3.62 25.72
N SER C 169 -10.42 3.71 25.77
CA SER C 169 -9.58 2.94 24.83
C SER C 169 -8.27 2.48 25.50
N ILE C 170 -8.35 2.05 26.76
CA ILE C 170 -7.16 1.68 27.49
C ILE C 170 -6.55 0.41 26.91
N GLU C 171 -5.22 0.46 26.74
CA GLU C 171 -4.39 -0.68 26.44
C GLU C 171 -2.98 -0.37 27.00
N LEU C 172 -2.09 -1.37 26.99
CA LEU C 172 -0.77 -1.15 27.52
C LEU C 172 -0.11 0.07 26.87
N ASN C 173 -0.30 0.26 25.56
CA ASN C 173 0.36 1.34 24.82
C ASN C 173 -0.32 2.71 25.08
N SER C 174 -1.39 2.73 25.87
CA SER C 174 -1.95 3.99 26.36
C SER C 174 -0.96 4.63 27.33
N PHE C 175 -0.12 3.82 27.96
CA PHE C 175 0.84 4.24 28.96
C PHE C 175 2.19 4.44 28.30
N SER C 176 2.89 5.49 28.71
CA SER C 176 4.24 5.75 28.22
C SER C 176 5.16 6.16 29.36
N VAL C 177 6.47 6.05 29.11
CA VAL C 177 7.48 6.32 30.07
C VAL C 177 8.14 7.66 29.70
N LEU C 178 8.04 8.64 30.59
CA LEU C 178 8.66 9.94 30.34
C LEU C 178 10.17 9.83 30.55
N PRO C 179 10.97 10.80 30.05
CA PRO C 179 12.43 10.74 30.24
C PRO C 179 12.85 10.58 31.71
N ASP C 180 12.14 11.19 32.65
CA ASP C 180 12.52 11.08 34.07
C ASP C 180 12.09 9.72 34.66
N GLY C 181 11.39 8.87 33.88
CA GLY C 181 11.00 7.52 34.32
C GLY C 181 9.57 7.45 34.89
N THR C 182 8.87 8.58 34.98
CA THR C 182 7.44 8.60 35.33
C THR C 182 6.64 7.85 34.27
N VAL C 183 5.69 7.01 34.69
CA VAL C 183 4.79 6.33 33.81
C VAL C 183 3.45 7.05 33.84
N VAL C 184 2.96 7.47 32.65
CA VAL C 184 1.80 8.34 32.52
C VAL C 184 0.79 7.74 31.54
N LEU C 185 -0.48 8.09 31.75
CA LEU C 185 -1.58 7.68 30.91
C LEU C 185 -1.83 8.75 29.85
N GLY C 186 -1.78 8.34 28.58
CA GLY C 186 -2.09 9.16 27.42
C GLY C 186 -3.25 8.58 26.61
N GLY C 187 -3.25 8.87 25.31
CA GLY C 187 -4.32 8.50 24.42
C GLY C 187 -5.64 9.12 24.82
N LEU C 188 -5.60 10.36 25.30
CA LEU C 188 -6.79 10.99 25.92
C LEU C 188 -7.79 11.53 24.89
N ASP C 189 -7.49 11.42 23.59
CA ASP C 189 -8.41 11.86 22.52
C ASP C 189 -9.75 11.09 22.57
N THR C 190 -9.78 9.89 23.17
CA THR C 190 -11.02 9.09 23.24
C THR C 190 -11.81 9.37 24.53
N ALA C 191 -11.27 10.20 25.43
CA ALA C 191 -11.89 10.42 26.74
C ALA C 191 -13.25 11.13 26.59
N ALA C 192 -14.15 10.87 27.52
CA ALA C 192 -15.53 11.38 27.46
C ALA C 192 -16.10 11.41 28.88
N PRO C 193 -17.10 12.28 29.15
CA PRO C 193 -17.65 12.41 30.50
C PRO C 193 -18.38 11.15 30.97
N ILE C 194 -18.27 10.84 32.26
CA ILE C 194 -19.07 9.82 32.92
C ILE C 194 -20.48 10.39 33.04
N THR C 229 -19.07 3.04 30.80
CA THR C 229 -19.14 3.33 32.27
C THR C 229 -17.77 3.11 32.91
N VAL C 230 -17.65 3.44 34.20
CA VAL C 230 -16.40 3.22 34.94
C VAL C 230 -15.96 1.75 34.81
N LYS C 231 -16.96 0.85 34.75
CA LYS C 231 -16.67 -0.59 34.74
C LYS C 231 -16.12 -1.02 33.38
N SER C 232 -16.43 -0.31 32.30
CA SER C 232 -15.85 -0.66 30.99
C SER C 232 -14.35 -0.27 30.95
N ASP C 233 -13.98 0.83 31.60
CA ASP C 233 -12.54 1.16 31.78
C ASP C 233 -11.83 0.09 32.63
N VAL C 234 -12.53 -0.44 33.65
CA VAL C 234 -11.97 -1.49 34.50
C VAL C 234 -11.68 -2.73 33.65
N TYR C 235 -12.67 -3.11 32.81
CA TYR C 235 -12.50 -4.24 31.90
C TYR C 235 -11.23 -4.05 31.04
N SER C 236 -11.13 -2.90 30.38
CA SER C 236 -10.03 -2.61 29.46
C SER C 236 -8.68 -2.66 30.17
N LEU C 237 -8.61 -2.13 31.39
CA LEU C 237 -7.36 -2.11 32.13
C LEU C 237 -7.02 -3.54 32.55
N GLY C 238 -8.06 -4.33 32.84
CA GLY C 238 -7.91 -5.76 33.12
C GLY C 238 -7.27 -6.48 31.96
N VAL C 239 -7.76 -6.22 30.75
CA VAL C 239 -7.23 -6.81 29.54
C VAL C 239 -5.76 -6.38 29.35
N ALA C 240 -5.44 -5.14 29.70
CA ALA C 240 -4.07 -4.67 29.59
C ALA C 240 -3.16 -5.42 30.58
N PHE C 241 -3.67 -5.68 31.78
CA PHE C 241 -2.93 -6.41 32.79
C PHE C 241 -2.71 -7.86 32.32
N ARG C 242 -3.72 -8.46 31.72
CA ARG C 242 -3.60 -9.78 31.15
C ARG C 242 -2.50 -9.80 30.08
N ASN C 243 -2.49 -8.77 29.23
CA ASN C 243 -1.51 -8.59 28.17
C ASN C 243 -0.12 -8.53 28.80
N LEU C 244 -0.01 -7.79 29.90
CA LEU C 244 1.25 -7.58 30.61
C LEU C 244 1.77 -8.92 31.12
N VAL C 245 0.89 -9.69 31.78
CA VAL C 245 1.24 -11.01 32.32
C VAL C 245 1.68 -11.96 31.18
N GLN C 246 0.97 -11.96 30.06
CA GLN C 246 1.33 -12.82 28.91
C GLN C 246 2.74 -12.46 28.40
N LEU C 247 3.11 -11.17 28.41
CA LEU C 247 4.39 -10.73 27.87
C LEU C 247 5.55 -11.11 28.79
N LEU C 248 5.33 -11.12 30.11
CA LEU C 248 6.41 -11.20 31.09
C LEU C 248 6.50 -12.59 31.75
N GLY C 249 5.55 -13.49 31.52
CA GLY C 249 5.50 -14.80 32.20
C GLY C 249 6.63 -15.71 31.78
N ASN C 250 7.27 -16.35 32.78
CA ASN C 250 8.46 -17.17 32.58
C ASN C 250 8.64 -18.11 33.78
N GLY C 259 14.78 -8.92 35.76
CA GLY C 259 15.45 -7.93 36.61
C GLY C 259 14.68 -7.71 37.89
N ALA C 260 13.65 -6.85 37.83
CA ALA C 260 12.73 -6.60 38.96
C ALA C 260 11.43 -7.41 38.82
N VAL C 261 11.32 -8.21 37.75
CA VAL C 261 10.11 -9.02 37.49
C VAL C 261 10.11 -10.23 38.42
N ARG C 262 9.11 -10.29 39.30
CA ARG C 262 8.92 -11.32 40.32
C ARG C 262 7.69 -12.15 39.97
N GLN C 263 7.83 -13.48 40.08
CA GLN C 263 6.78 -14.43 39.71
C GLN C 263 5.56 -14.31 40.64
N ASP C 264 5.76 -14.01 41.92
CA ASP C 264 4.62 -13.91 42.87
C ASP C 264 3.77 -12.66 42.57
N HIS C 265 4.42 -11.58 42.12
CA HIS C 265 3.70 -10.37 41.68
C HIS C 265 2.83 -10.69 40.45
N LEU C 266 3.39 -11.45 39.50
CA LEU C 266 2.69 -11.81 38.25
C LEU C 266 1.45 -12.66 38.54
N GLU C 267 1.58 -13.61 39.46
CA GLU C 267 0.46 -14.52 39.79
C GLU C 267 -0.66 -13.70 40.43
N LEU C 268 -0.29 -12.77 41.31
CA LEU C 268 -1.27 -11.89 41.97
C LEU C 268 -1.96 -10.97 40.94
N LEU C 269 -1.19 -10.41 40.01
CA LEU C 269 -1.75 -9.55 38.97
C LEU C 269 -2.71 -10.35 38.05
N ASP C 270 -2.36 -11.59 37.76
CA ASP C 270 -3.19 -12.46 36.93
C ASP C 270 -4.55 -12.68 37.60
N LYS C 271 -4.55 -12.89 38.92
CA LYS C 271 -5.79 -13.10 39.71
C LYS C 271 -6.64 -11.83 39.71
N LEU C 272 -5.97 -10.67 39.90
CA LEU C 272 -6.65 -9.37 39.90
C LEU C 272 -7.27 -9.10 38.52
N SER C 273 -6.51 -9.40 37.45
CA SER C 273 -6.98 -9.14 36.11
C SER C 273 -8.21 -10.00 35.79
N GLN C 274 -8.25 -11.23 36.30
CA GLN C 274 -9.40 -12.14 36.08
C GLN C 274 -10.69 -11.55 36.68
N LYS C 275 -10.58 -10.85 37.81
CA LYS C 275 -11.74 -10.19 38.43
C LYS C 275 -12.20 -9.03 37.55
N MET C 276 -11.22 -8.30 36.99
CA MET C 276 -11.47 -7.07 36.23
C MET C 276 -12.13 -7.37 34.87
N ILE C 277 -11.92 -8.57 34.32
CA ILE C 277 -12.45 -8.93 32.99
C ILE C 277 -13.69 -9.83 33.09
N GLU C 278 -14.35 -9.86 34.26
CA GLU C 278 -15.64 -10.56 34.40
C GLU C 278 -16.61 -10.04 33.33
N GLU C 279 -17.34 -10.97 32.69
CA GLU C 279 -18.26 -10.66 31.59
C GLU C 279 -19.33 -9.66 32.07
N GLU C 280 -19.81 -9.82 33.30
CA GLU C 280 -20.85 -8.93 33.85
C GLU C 280 -20.20 -7.71 34.50
N PRO C 281 -20.51 -6.47 34.06
CA PRO C 281 -19.99 -5.26 34.69
C PRO C 281 -20.16 -5.18 36.21
N GLY C 282 -21.33 -5.65 36.70
CA GLY C 282 -21.67 -5.67 38.11
C GLY C 282 -20.71 -6.49 38.96
N ASN C 283 -20.07 -7.49 38.34
CA ASN C 283 -19.17 -8.44 39.04
C ASN C 283 -17.72 -7.91 39.02
N ARG C 284 -17.47 -6.78 38.35
CA ARG C 284 -16.12 -6.22 38.31
C ARG C 284 -15.92 -5.33 39.53
N PRO C 285 -14.75 -5.38 40.18
CA PRO C 285 -14.45 -4.46 41.29
C PRO C 285 -14.37 -2.99 40.84
N THR C 286 -14.65 -2.09 41.78
CA THR C 286 -14.41 -0.66 41.61
C THR C 286 -12.89 -0.38 41.73
N ILE C 287 -12.49 0.83 41.35
CA ILE C 287 -11.12 1.28 41.49
C ILE C 287 -10.69 1.18 42.96
N GLU C 288 -11.59 1.59 43.87
CA GLU C 288 -11.33 1.57 45.33
C GLU C 288 -11.02 0.14 45.80
N GLU C 289 -11.83 -0.82 45.36
CA GLU C 289 -11.64 -2.23 45.72
C GLU C 289 -10.33 -2.76 45.09
N ILE C 290 -10.05 -2.36 43.84
CA ILE C 290 -8.80 -2.75 43.16
C ILE C 290 -7.59 -2.29 43.99
N MET C 291 -7.65 -1.06 44.50
CA MET C 291 -6.53 -0.46 45.25
C MET C 291 -6.29 -1.18 46.59
N LYS C 292 -7.28 -1.94 47.08
CA LYS C 292 -7.13 -2.72 48.32
C LYS C 292 -6.82 -4.20 47.99
N ASP C 293 -6.44 -4.51 46.75
CA ASP C 293 -6.07 -5.87 46.39
C ASP C 293 -4.77 -6.24 47.10
N PRO C 294 -4.61 -7.54 47.49
CA PRO C 294 -3.37 -8.00 48.12
C PRO C 294 -2.06 -7.61 47.41
N LEU C 295 -2.10 -7.49 46.09
CA LEU C 295 -0.94 -7.13 45.28
C LEU C 295 -0.31 -5.81 45.74
N PHE C 296 -1.12 -4.88 46.25
CA PHE C 296 -0.66 -3.50 46.52
C PHE C 296 -0.44 -3.22 48.02
N GLU C 297 -0.54 -4.24 48.89
CA GLU C 297 -0.32 -4.02 50.32
C GLU C 297 1.16 -3.66 50.56
N GLY C 298 1.35 -2.63 51.40
CA GLY C 298 2.68 -2.11 51.73
C GLY C 298 3.13 -0.97 50.82
N LEU C 299 2.29 -0.61 49.83
CA LEU C 299 2.58 0.50 48.93
C LEU C 299 1.95 1.79 49.48
N ASN C 300 2.71 2.88 49.38
CA ASN C 300 2.22 4.21 49.62
C ASN C 300 1.61 4.77 48.33
N PHE C 301 0.26 4.68 48.22
CA PHE C 301 -0.46 5.14 47.04
C PHE C 301 -0.33 6.67 46.90
N GLU C 302 -0.11 7.39 48.00
CA GLU C 302 0.02 8.85 47.96
C GLU C 302 1.25 9.22 47.10
N ASP C 303 2.34 8.43 47.21
CA ASP C 303 3.59 8.66 46.45
C ASP C 303 3.41 8.32 44.98
N ILE C 304 2.67 7.24 44.69
CA ILE C 304 2.35 6.84 43.33
C ILE C 304 1.60 8.00 42.65
N GLU C 305 0.59 8.53 43.35
CA GLU C 305 -0.31 9.57 42.85
C GLU C 305 0.44 10.89 42.64
N GLU C 306 1.52 11.11 43.39
CA GLU C 306 2.32 12.33 43.26
C GLU C 306 3.34 12.16 42.14
N GLY C 307 3.52 10.94 41.65
CA GLY C 307 4.32 10.70 40.44
C GLY C 307 5.77 10.35 40.76
N LYS C 308 5.99 9.74 41.93
CA LYS C 308 7.32 9.46 42.45
C LYS C 308 7.72 8.00 42.19
N ALA C 309 6.79 7.16 41.73
CA ALA C 309 7.10 5.80 41.38
C ALA C 309 7.98 5.76 40.13
N ARG C 310 8.88 4.78 40.09
CA ARG C 310 9.83 4.59 39.00
C ARG C 310 9.91 3.11 38.72
N PRO C 311 8.84 2.52 38.10
CA PRO C 311 8.76 1.07 37.95
C PRO C 311 9.88 0.46 37.08
N PHE C 312 10.52 1.28 36.24
CA PHE C 312 11.52 0.80 35.26
C PHE C 312 12.96 1.13 35.69
N ARG C 313 13.17 1.71 36.87
CA ARG C 313 14.53 1.85 37.47
C ARG C 313 14.86 0.56 38.22
N TYR C 314 16.15 0.19 38.27
CA TYR C 314 16.62 -0.93 39.10
C TYR C 314 18.15 -0.88 39.21
N THR D 13 27.86 23.03 -10.54
CA THR D 13 28.29 22.13 -9.41
C THR D 13 27.19 22.15 -8.34
N PHE D 14 27.42 21.38 -7.26
CA PHE D 14 26.49 21.32 -6.13
C PHE D 14 26.11 22.74 -5.68
N TRP D 15 27.14 23.58 -5.45
CA TRP D 15 26.95 24.93 -4.90
C TRP D 15 26.14 25.79 -5.87
N SER D 16 26.36 25.60 -7.18
CA SER D 16 25.61 26.34 -8.22
C SER D 16 24.12 26.04 -8.09
N TRP D 17 23.77 24.74 -7.97
CA TRP D 17 22.37 24.31 -7.91
C TRP D 17 21.71 24.82 -6.63
N MET D 18 22.44 24.72 -5.52
CA MET D 18 21.93 25.18 -4.24
C MET D 18 21.69 26.67 -4.30
N SER D 19 22.66 27.40 -4.87
CA SER D 19 22.53 28.85 -5.06
C SER D 19 21.29 29.15 -5.91
N TYR D 20 21.11 28.39 -7.01
CA TYR D 20 20.00 28.64 -7.93
C TYR D 20 18.66 28.40 -7.21
N LEU D 21 18.62 27.37 -6.36
CA LEU D 21 17.41 27.04 -5.62
C LEU D 21 17.02 28.24 -4.74
N LYS D 22 18.01 28.86 -4.10
CA LYS D 22 17.79 30.02 -3.19
C LYS D 22 17.31 31.25 -3.97
N GLU D 23 17.71 31.37 -5.24
CA GLU D 23 17.31 32.50 -6.09
C GLU D 23 15.85 32.41 -6.54
N LEU D 24 15.20 31.24 -6.45
CA LEU D 24 13.80 31.11 -6.86
C LEU D 24 12.91 31.91 -5.93
N PRO D 25 11.88 32.60 -6.45
CA PRO D 25 10.99 33.40 -5.60
C PRO D 25 10.10 32.55 -4.69
N ASP D 26 9.74 33.12 -3.53
CA ASP D 26 8.90 32.54 -2.54
C ASP D 26 7.46 32.46 -3.04
N ILE D 27 6.74 31.48 -2.49
CA ILE D 27 5.32 31.39 -2.57
C ILE D 27 4.83 31.23 -1.13
N ASP D 28 3.64 31.78 -0.83
CA ASP D 28 2.97 31.62 0.44
C ASP D 28 2.05 30.40 0.36
N GLU D 29 2.45 29.36 1.09
CA GLU D 29 1.89 27.99 1.05
C GLU D 29 0.59 27.91 1.86
N SER D 30 0.42 28.81 2.84
CA SER D 30 -0.83 28.85 3.66
C SER D 30 -1.99 29.47 2.88
N ARG D 31 -1.71 30.14 1.76
CA ARG D 31 -2.70 30.94 1.03
C ARG D 31 -3.18 30.21 -0.25
N ASN D 32 -2.92 28.90 -0.37
CA ASN D 32 -3.50 28.13 -1.48
C ASN D 32 -3.66 26.66 -1.04
N PRO D 33 -4.55 25.90 -1.70
CA PRO D 33 -4.92 24.57 -1.20
C PRO D 33 -3.96 23.41 -1.49
N ILE D 34 -2.82 23.69 -2.14
CA ILE D 34 -1.95 22.65 -2.64
C ILE D 34 -1.36 21.80 -1.50
N LEU D 35 -0.79 22.44 -0.45
CA LEU D 35 -0.26 21.68 0.70
C LEU D 35 -1.36 20.80 1.32
N LYS D 36 -2.57 21.35 1.48
CA LYS D 36 -3.64 20.61 2.08
C LYS D 36 -3.91 19.35 1.25
N ARG D 37 -3.95 19.48 -0.08
CA ARG D 37 -4.24 18.37 -0.92
C ARG D 37 -3.12 17.31 -0.77
N LEU D 38 -1.87 17.76 -0.67
CA LEU D 38 -0.73 16.83 -0.54
C LEU D 38 -0.80 16.07 0.77
N LEU D 39 -1.20 16.73 1.86
CA LEU D 39 -1.25 16.11 3.19
C LEU D 39 -2.45 15.16 3.31
N SER D 40 -3.52 15.43 2.54
CA SER D 40 -4.76 14.63 2.57
C SER D 40 -4.59 13.32 1.78
N GLY D 41 -3.39 13.07 1.23
CA GLY D 41 -2.94 11.71 0.86
C GLY D 41 -1.51 11.46 1.33
N GLY D 48 9.54 11.08 -8.72
CA GLY D 48 9.72 12.47 -9.12
C GLY D 48 8.59 13.36 -8.62
N SER D 49 7.89 14.03 -9.55
CA SER D 49 6.98 15.08 -9.21
C SER D 49 5.55 14.54 -8.96
N THR D 50 4.76 15.36 -8.27
CA THR D 50 3.35 15.18 -8.09
C THR D 50 2.61 16.36 -8.72
N THR D 51 1.46 16.10 -9.34
CA THR D 51 0.63 17.14 -9.92
C THR D 51 -0.60 17.34 -9.03
N VAL D 52 -0.89 18.60 -8.70
CA VAL D 52 -2.12 18.96 -8.01
C VAL D 52 -2.90 19.94 -8.87
N ASN D 53 -4.16 19.61 -9.15
CA ASN D 53 -5.01 20.49 -9.97
C ASN D 53 -5.64 21.55 -9.08
N VAL D 54 -5.69 22.79 -9.57
CA VAL D 54 -6.48 23.86 -8.94
C VAL D 54 -7.47 24.41 -9.97
N ARG D 55 -8.67 23.84 -9.96
CA ARG D 55 -9.72 24.14 -10.95
C ARG D 55 -10.25 25.57 -10.77
N VAL D 56 -10.21 26.09 -9.55
CA VAL D 56 -10.68 27.44 -9.27
C VAL D 56 -9.60 28.21 -8.51
N PRO D 57 -8.58 28.79 -9.17
CA PRO D 57 -7.57 29.56 -8.45
C PRO D 57 -8.19 30.76 -7.73
N ALA D 58 -7.79 30.99 -6.49
CA ALA D 58 -8.30 32.11 -5.67
C ALA D 58 -7.45 33.37 -5.96
N ARG D 59 -7.85 34.49 -5.36
CA ARG D 59 -7.34 35.83 -5.70
C ARG D 59 -5.82 35.88 -5.50
N GLU D 60 -5.30 35.31 -4.41
CA GLU D 60 -3.85 35.44 -4.11
C GLU D 60 -3.01 34.70 -5.17
N LEU D 61 -3.52 33.57 -5.67
CA LEU D 61 -2.81 32.78 -6.65
C LEU D 61 -2.91 33.46 -8.03
N VAL D 62 -4.09 34.02 -8.34
CA VAL D 62 -4.31 34.79 -9.56
C VAL D 62 -3.31 35.95 -9.62
N ARG D 63 -3.11 36.64 -8.49
CA ARG D 63 -2.19 37.78 -8.41
C ARG D 63 -0.75 37.31 -8.61
N LEU D 64 -0.35 36.24 -7.90
CA LEU D 64 1.03 35.75 -7.99
C LEU D 64 1.40 35.35 -9.43
N LEU D 65 0.47 34.72 -10.15
CA LEU D 65 0.73 34.16 -11.49
C LEU D 65 0.34 35.14 -12.60
N SER D 66 -0.26 36.28 -12.25
CA SER D 66 -0.76 37.25 -13.21
C SER D 66 -1.70 36.57 -14.21
N LEU D 67 -2.67 35.80 -13.70
CA LEU D 67 -3.61 35.10 -14.57
C LEU D 67 -4.58 36.11 -15.19
N THR D 68 -4.80 35.98 -16.50
CA THR D 68 -5.89 36.65 -17.21
C THR D 68 -7.19 36.00 -16.73
N PRO D 69 -8.36 36.66 -16.88
CA PRO D 69 -9.64 36.02 -16.56
C PRO D 69 -9.87 34.72 -17.33
N GLU D 70 -9.37 34.62 -18.57
CA GLU D 70 -9.46 33.40 -19.37
C GLU D 70 -8.69 32.25 -18.68
N GLN D 71 -7.46 32.55 -18.24
CA GLN D 71 -6.60 31.61 -17.55
C GLN D 71 -7.24 31.18 -16.22
N GLN D 72 -7.84 32.16 -15.49
CA GLN D 72 -8.56 31.86 -14.25
C GLN D 72 -9.64 30.81 -14.51
N ARG D 73 -10.34 30.91 -15.63
CA ARG D 73 -11.48 30.04 -15.98
C ARG D 73 -10.99 28.64 -16.38
N GLU D 74 -9.83 28.58 -17.05
CA GLU D 74 -9.22 27.31 -17.48
C GLU D 74 -8.75 26.48 -16.28
N GLY D 75 -8.32 27.15 -15.20
CA GLY D 75 -7.70 26.53 -14.06
C GLY D 75 -6.21 26.31 -14.27
N VAL D 76 -5.49 25.96 -13.21
CA VAL D 76 -4.06 25.70 -13.29
C VAL D 76 -3.75 24.39 -12.56
N SER D 77 -2.58 23.85 -12.86
CA SER D 77 -2.02 22.73 -12.17
C SER D 77 -0.62 23.07 -11.66
N ALA D 78 -0.26 22.45 -10.53
CA ALA D 78 1.05 22.63 -9.94
C ALA D 78 1.79 21.30 -9.96
N LYS D 79 3.02 21.32 -10.48
CA LYS D 79 3.96 20.25 -10.42
C LYS D 79 4.89 20.51 -9.23
N VAL D 80 4.86 19.61 -8.24
CA VAL D 80 5.56 19.84 -6.98
C VAL D 80 6.62 18.74 -6.80
N ARG D 81 7.77 19.14 -6.23
CA ARG D 81 8.86 18.24 -5.91
C ARG D 81 9.39 18.58 -4.52
N LEU D 82 9.75 17.54 -3.77
CA LEU D 82 10.37 17.70 -2.48
C LEU D 82 11.80 18.17 -2.68
N ILE D 83 12.18 19.26 -2.02
CA ILE D 83 13.56 19.74 -2.00
C ILE D 83 14.43 18.73 -1.25
N ASN D 84 15.49 18.26 -1.90
CA ASN D 84 16.50 17.42 -1.34
C ASN D 84 17.78 18.25 -1.22
N LEU D 85 18.22 18.52 0.02
CA LEU D 85 19.37 19.38 0.29
C LEU D 85 20.71 18.68 -0.03
N LEU D 86 20.72 17.36 -0.20
CA LEU D 86 21.92 16.63 -0.67
C LEU D 86 22.04 16.64 -2.20
N ASP D 87 20.93 16.93 -2.89
CA ASP D 87 20.88 16.93 -4.36
C ASP D 87 19.84 17.96 -4.84
N PRO D 88 20.14 19.27 -4.75
CA PRO D 88 19.17 20.29 -5.11
C PRO D 88 18.76 20.27 -6.59
N LYS D 89 19.65 19.77 -7.43
CA LYS D 89 19.42 19.68 -8.87
C LYS D 89 18.07 18.98 -9.15
N TYR D 90 17.80 17.88 -8.47
CA TYR D 90 16.60 17.10 -8.78
C TYR D 90 15.34 17.98 -8.66
N SER D 91 15.33 18.96 -7.74
CA SER D 91 14.09 19.75 -7.50
C SER D 91 14.06 21.05 -8.30
N VAL D 92 15.21 21.54 -8.80
CA VAL D 92 15.24 22.84 -9.50
C VAL D 92 15.65 22.70 -10.97
N TYR D 93 15.99 21.52 -11.45
CA TYR D 93 16.41 21.34 -12.84
C TYR D 93 15.29 21.77 -13.80
N GLU D 94 14.08 21.29 -13.61
CA GLU D 94 12.98 21.63 -14.52
C GLU D 94 12.69 23.14 -14.45
N PRO D 95 12.56 23.76 -13.27
CA PRO D 95 12.47 25.22 -13.19
C PRO D 95 13.62 25.95 -13.92
N TYR D 96 14.84 25.44 -13.79
CA TYR D 96 15.98 25.98 -14.46
C TYR D 96 15.74 26.01 -15.98
N LEU D 97 15.33 24.88 -16.58
CA LEU D 97 15.07 24.84 -18.01
C LEU D 97 14.05 25.91 -18.40
N TYR D 98 12.96 26.01 -17.62
CA TYR D 98 11.88 26.94 -17.97
C TYR D 98 12.36 28.39 -17.85
N ARG D 99 13.22 28.69 -16.87
CA ARG D 99 13.62 30.05 -16.56
C ARG D 99 14.81 30.54 -17.39
N GLU D 100 15.72 29.63 -17.78
CA GLU D 100 16.98 30.02 -18.38
C GLU D 100 17.08 29.60 -19.85
N ILE D 101 16.27 28.64 -20.32
CA ILE D 101 16.49 28.05 -21.64
C ILE D 101 15.25 28.15 -22.54
N LEU D 102 14.06 27.92 -22.00
CA LEU D 102 12.87 27.86 -22.80
C LEU D 102 12.29 29.27 -23.00
N PRO D 103 11.84 29.62 -24.21
CA PRO D 103 11.02 30.82 -24.42
C PRO D 103 9.81 30.84 -23.48
N LYS D 104 9.27 32.04 -23.21
CA LYS D 104 8.06 32.20 -22.38
C LYS D 104 6.91 31.36 -22.97
N ARG D 105 6.78 31.34 -24.31
CA ARG D 105 5.86 30.46 -24.95
C ARG D 105 6.39 30.12 -26.35
N SER D 106 7.06 28.96 -26.42
CA SER D 106 7.18 28.15 -27.61
C SER D 106 5.81 27.50 -27.82
N PRO D 107 5.16 27.64 -29.00
CA PRO D 107 3.75 27.26 -29.13
C PRO D 107 3.43 25.77 -28.88
N LEU D 108 4.38 24.87 -29.14
CA LEU D 108 4.12 23.43 -29.03
C LEU D 108 4.80 22.80 -27.80
N LEU D 109 5.27 23.60 -26.86
CA LEU D 109 5.82 23.09 -25.58
C LEU D 109 4.92 23.52 -24.43
N LEU D 110 4.74 22.62 -23.45
CA LEU D 110 3.93 22.89 -22.26
C LEU D 110 4.46 24.14 -21.60
N PRO D 111 3.68 25.25 -21.52
CA PRO D 111 4.16 26.48 -20.94
C PRO D 111 4.16 26.44 -19.40
N SER D 112 5.12 27.15 -18.81
CA SER D 112 5.17 27.45 -17.39
C SER D 112 4.47 28.79 -17.11
N LEU D 113 3.66 28.86 -16.05
CA LEU D 113 3.02 30.09 -15.58
C LEU D 113 3.80 30.67 -14.40
N GLY D 114 4.91 30.02 -14.00
CA GLY D 114 5.75 30.49 -12.88
C GLY D 114 6.37 29.32 -12.10
N GLU D 115 7.57 29.55 -11.58
CA GLU D 115 8.31 28.61 -10.77
C GLU D 115 8.60 29.23 -9.42
N TYR D 116 8.36 28.47 -8.35
CA TYR D 116 8.47 28.99 -6.98
C TYR D 116 9.10 27.94 -6.07
N ARG D 117 9.59 28.45 -4.94
CA ARG D 117 10.13 27.65 -3.87
C ARG D 117 9.31 27.95 -2.61
N GLY D 118 8.86 26.92 -1.92
CA GLY D 118 8.36 27.03 -0.58
C GLY D 118 9.43 26.59 0.40
N ALA D 119 9.02 26.23 1.63
CA ALA D 119 9.97 25.81 2.64
C ALA D 119 10.62 24.46 2.27
N PHE D 120 9.83 23.50 1.76
CA PHE D 120 10.33 22.14 1.48
C PHE D 120 9.98 21.63 0.06
N LEU D 121 9.27 22.44 -0.73
CA LEU D 121 8.83 22.04 -2.08
C LEU D 121 9.25 23.10 -3.11
N THR D 122 9.50 22.67 -4.34
CA THR D 122 9.50 23.53 -5.51
C THR D 122 8.19 23.31 -6.29
N TYR D 123 7.76 24.37 -7.00
CA TYR D 123 6.51 24.41 -7.72
C TYR D 123 6.76 24.89 -9.15
N ILE D 124 6.09 24.25 -10.12
CA ILE D 124 5.92 24.77 -11.45
C ILE D 124 4.42 24.78 -11.74
N PHE D 125 3.90 25.93 -12.14
CA PHE D 125 2.51 26.04 -12.49
C PHE D 125 2.37 25.91 -14.02
N HIS D 126 1.31 25.20 -14.44
CA HIS D 126 0.95 24.98 -15.82
C HIS D 126 -0.51 25.30 -16.02
N PRO D 127 -0.96 25.57 -17.25
CA PRO D 127 -2.38 25.57 -17.55
C PRO D 127 -2.92 24.16 -17.21
N LEU D 128 -4.15 24.10 -16.69
CA LEU D 128 -4.77 22.84 -16.38
C LEU D 128 -5.16 22.14 -17.68
N SER D 129 -4.52 21.00 -17.97
CA SER D 129 -4.70 20.34 -19.24
C SER D 129 -6.02 19.56 -19.25
N LYS D 130 -6.56 19.36 -20.46
CA LYS D 130 -7.76 18.57 -20.69
C LYS D 130 -7.43 17.09 -20.51
N GLY D 131 -6.17 16.71 -20.72
CA GLY D 131 -5.72 15.35 -20.51
C GLY D 131 -4.39 15.07 -21.18
N LEU D 132 -3.76 13.96 -20.80
CA LEU D 132 -2.59 13.45 -21.47
C LEU D 132 -3.05 12.59 -22.65
N VAL D 133 -2.31 12.64 -23.76
CA VAL D 133 -2.78 12.11 -25.03
C VAL D 133 -2.94 10.58 -24.91
N GLY D 134 -2.00 9.89 -24.27
CA GLY D 134 -2.11 8.43 -24.12
C GLY D 134 -3.37 8.02 -23.36
N ASP D 135 -3.60 8.65 -22.21
CA ASP D 135 -4.81 8.40 -21.42
C ASP D 135 -6.08 8.71 -22.24
N MET D 136 -6.08 9.83 -22.98
CA MET D 136 -7.25 10.22 -23.72
C MET D 136 -7.59 9.17 -24.80
N LEU D 137 -6.57 8.67 -25.51
CA LEU D 137 -6.76 7.69 -26.58
C LEU D 137 -7.19 6.35 -25.98
N GLU D 138 -6.67 6.01 -24.80
CA GLU D 138 -6.88 4.71 -24.19
C GLU D 138 -8.34 4.56 -23.75
N THR D 139 -8.92 5.66 -23.23
CA THR D 139 -10.32 5.70 -22.80
C THR D 139 -11.28 5.74 -24.01
N GLY D 140 -10.75 5.97 -25.21
CA GLY D 140 -11.54 5.79 -26.45
C GLY D 140 -12.44 6.98 -26.74
N ARG D 141 -12.65 7.84 -25.74
CA ARG D 141 -13.49 9.02 -25.76
C ARG D 141 -13.05 10.00 -26.85
N SER D 142 -11.74 10.08 -27.13
CA SER D 142 -11.22 11.06 -28.08
C SER D 142 -10.72 10.36 -29.35
N HIS D 143 -11.23 10.86 -30.48
CA HIS D 143 -10.92 10.31 -31.78
C HIS D 143 -10.30 11.44 -32.60
N PRO D 144 -8.96 11.58 -32.58
CA PRO D 144 -8.30 12.65 -33.30
C PRO D 144 -8.09 12.37 -34.79
N ASP D 145 -7.78 13.44 -35.53
CA ASP D 145 -7.17 13.35 -36.83
C ASP D 145 -5.73 12.87 -36.61
N VAL D 146 -5.47 11.60 -36.99
CA VAL D 146 -4.19 10.94 -36.73
C VAL D 146 -3.06 11.67 -37.46
N GLN D 147 -3.32 12.09 -38.70
CA GLN D 147 -2.31 12.74 -39.53
C GLN D 147 -1.81 14.01 -38.84
N VAL D 148 -2.75 14.82 -38.35
CA VAL D 148 -2.44 16.15 -37.80
C VAL D 148 -1.81 15.99 -36.42
N LEU D 149 -2.28 15.00 -35.64
CA LEU D 149 -1.74 14.75 -34.30
C LEU D 149 -0.26 14.35 -34.43
N ALA D 150 0.01 13.43 -35.34
CA ALA D 150 1.36 12.93 -35.55
C ALA D 150 2.26 14.07 -35.99
N ALA D 151 1.74 14.97 -36.84
CA ALA D 151 2.51 16.10 -37.37
C ALA D 151 2.79 17.09 -36.24
N ASN D 152 1.77 17.33 -35.41
CA ASN D 152 1.84 18.19 -34.21
C ASN D 152 2.96 17.65 -33.30
N MET D 153 3.04 16.32 -33.15
CA MET D 153 3.99 15.68 -32.24
C MET D 153 5.42 15.84 -32.76
N VAL D 154 5.63 15.57 -34.06
CA VAL D 154 6.95 15.72 -34.72
C VAL D 154 7.41 17.19 -34.62
N ALA D 155 6.49 18.11 -34.91
CA ALA D 155 6.81 19.53 -34.91
C ALA D 155 7.24 19.97 -33.51
N ALA D 156 6.54 19.45 -32.50
CA ALA D 156 6.79 19.81 -31.11
C ALA D 156 8.20 19.40 -30.72
N LEU D 157 8.57 18.16 -31.08
CA LEU D 157 9.90 17.61 -30.79
C LEU D 157 10.97 18.46 -31.48
N LYS D 158 10.74 18.79 -32.76
CA LYS D 158 11.66 19.62 -33.52
C LYS D 158 11.91 20.96 -32.82
N SER D 159 10.83 21.58 -32.30
CA SER D 159 10.96 22.87 -31.64
C SER D 159 11.83 22.73 -30.39
N LEU D 160 11.87 21.55 -29.77
CA LEU D 160 12.74 21.34 -28.60
C LEU D 160 14.20 21.13 -29.05
N HIS D 161 14.40 20.36 -30.12
CA HIS D 161 15.75 20.16 -30.71
C HIS D 161 16.35 21.52 -31.13
N ASN D 162 15.54 22.42 -31.70
CA ASN D 162 15.99 23.76 -32.14
C ASN D 162 16.51 24.61 -30.96
N LEU D 163 16.11 24.32 -29.72
CA LEU D 163 16.61 25.02 -28.53
C LEU D 163 17.83 24.32 -27.94
N GLY D 164 18.31 23.26 -28.61
CA GLY D 164 19.49 22.51 -28.19
C GLY D 164 19.22 21.47 -27.13
N LEU D 165 17.97 20.97 -27.03
CA LEU D 165 17.60 19.99 -26.00
C LEU D 165 17.07 18.70 -26.62
N LEU D 166 17.57 17.56 -26.11
CA LEU D 166 16.89 16.27 -26.24
C LEU D 166 15.84 16.15 -25.14
N HIS D 167 14.76 15.42 -25.42
CA HIS D 167 13.72 15.11 -24.42
C HIS D 167 14.17 13.94 -23.53
N ARG D 168 14.47 12.80 -24.18
CA ARG D 168 15.05 11.57 -23.59
C ARG D 168 14.01 10.64 -22.93
N SER D 169 12.72 11.00 -22.86
CA SER D 169 11.72 10.07 -22.25
C SER D 169 10.35 10.18 -22.94
N ILE D 170 10.36 10.29 -24.27
CA ILE D 170 9.13 10.53 -25.00
C ILE D 170 8.24 9.28 -24.93
N GLU D 171 6.96 9.53 -24.64
CA GLU D 171 5.87 8.58 -24.78
C GLU D 171 4.60 9.39 -25.09
N LEU D 172 3.52 8.68 -25.41
CA LEU D 172 2.28 9.36 -25.72
C LEU D 172 1.89 10.35 -24.62
N ASN D 173 2.08 9.97 -23.36
CA ASN D 173 1.65 10.81 -22.21
C ASN D 173 2.62 11.98 -21.96
N SER D 174 3.71 12.08 -22.73
CA SER D 174 4.54 13.26 -22.74
C SER D 174 3.74 14.44 -23.33
N PHE D 175 2.77 14.13 -24.18
CA PHE D 175 1.97 15.11 -24.88
C PHE D 175 0.65 15.32 -24.12
N SER D 176 0.20 16.58 -24.05
CA SER D 176 -1.05 16.91 -23.38
C SER D 176 -1.83 17.96 -24.19
N VAL D 177 -3.11 18.06 -23.91
CA VAL D 177 -4.02 18.91 -24.65
C VAL D 177 -4.36 20.11 -23.76
N LEU D 178 -4.01 21.31 -24.18
CA LEU D 178 -4.35 22.53 -23.44
C LEU D 178 -5.84 22.83 -23.58
N PRO D 179 -6.44 23.63 -22.69
CA PRO D 179 -7.87 23.94 -22.75
C PRO D 179 -8.32 24.45 -24.14
N ASP D 180 -7.50 25.24 -24.84
CA ASP D 180 -7.88 25.77 -26.14
C ASP D 180 -7.74 24.69 -27.24
N GLY D 181 -7.27 23.47 -26.91
CA GLY D 181 -7.15 22.37 -27.88
C GLY D 181 -5.76 22.21 -28.53
N THR D 182 -4.83 23.12 -28.21
CA THR D 182 -3.42 22.98 -28.62
C THR D 182 -2.82 21.71 -27.99
N VAL D 183 -2.09 20.92 -28.78
CA VAL D 183 -1.37 19.75 -28.27
C VAL D 183 0.10 20.10 -28.11
N VAL D 184 0.64 19.91 -26.91
CA VAL D 184 1.98 20.39 -26.53
C VAL D 184 2.81 19.27 -25.92
N LEU D 185 4.13 19.39 -26.05
CA LEU D 185 5.09 18.45 -25.49
C LEU D 185 5.54 18.94 -24.11
N GLY D 186 5.36 18.07 -23.11
CA GLY D 186 5.82 18.32 -21.73
C GLY D 186 6.78 17.24 -21.26
N GLY D 187 6.79 16.99 -19.95
CA GLY D 187 7.69 16.02 -19.33
C GLY D 187 9.15 16.43 -19.52
N LEU D 188 9.43 17.74 -19.45
CA LEU D 188 10.74 18.27 -19.83
C LEU D 188 11.78 18.13 -18.71
N ASP D 189 11.42 17.55 -17.56
CA ASP D 189 12.37 17.33 -16.46
C ASP D 189 13.52 16.39 -16.88
N THR D 190 13.32 15.55 -17.92
CA THR D 190 14.36 14.61 -18.36
C THR D 190 15.24 15.21 -19.47
N ALA D 191 14.92 16.42 -19.92
CA ALA D 191 15.59 17.03 -21.07
C ALA D 191 17.06 17.32 -20.72
N ALA D 192 17.90 17.32 -21.75
CA ALA D 192 19.34 17.53 -21.59
C ALA D 192 19.90 18.09 -22.90
N PRO D 193 21.04 18.78 -22.86
CA PRO D 193 21.61 19.35 -24.09
C PRO D 193 22.05 18.28 -25.10
N ILE D 194 21.89 18.60 -26.39
CA ILE D 194 22.45 17.82 -27.47
C ILE D 194 23.97 18.03 -27.45
N GLY D 195 24.40 19.30 -27.48
CA GLY D 195 25.81 19.69 -27.42
C GLY D 195 26.45 19.36 -26.08
N HIS D 228 22.65 9.33 -25.38
CA HIS D 228 21.44 9.91 -25.97
C HIS D 228 21.78 10.90 -27.09
N THR D 229 21.06 10.78 -28.21
CA THR D 229 21.23 11.62 -29.41
C THR D 229 19.86 11.95 -30.00
N VAL D 230 19.86 12.79 -31.06
CA VAL D 230 18.63 13.14 -31.74
C VAL D 230 17.90 11.86 -32.21
N LYS D 231 18.67 10.82 -32.58
CA LYS D 231 18.12 9.60 -33.12
C LYS D 231 17.44 8.77 -32.03
N SER D 232 17.87 8.90 -30.77
CA SER D 232 17.20 8.16 -29.69
C SER D 232 15.82 8.79 -29.40
N ASP D 233 15.70 10.11 -29.53
CA ASP D 233 14.37 10.77 -29.46
C ASP D 233 13.48 10.31 -30.62
N VAL D 234 14.06 10.10 -31.80
CA VAL D 234 13.31 9.61 -32.97
C VAL D 234 12.76 8.22 -32.66
N TYR D 235 13.62 7.35 -32.10
CA TYR D 235 13.22 6.01 -31.70
C TYR D 235 12.00 6.07 -30.77
N SER D 236 12.11 6.87 -29.69
CA SER D 236 11.08 6.98 -28.66
C SER D 236 9.77 7.47 -29.24
N LEU D 237 9.84 8.45 -30.15
CA LEU D 237 8.64 9.01 -30.75
C LEU D 237 8.00 7.95 -31.66
N GLY D 238 8.85 7.16 -32.31
CA GLY D 238 8.41 6.03 -33.12
C GLY D 238 7.61 5.04 -32.29
N VAL D 239 8.14 4.68 -31.11
CA VAL D 239 7.47 3.78 -30.20
C VAL D 239 6.12 4.37 -29.78
N ALA D 240 6.08 5.70 -29.57
CA ALA D 240 4.82 6.33 -29.19
C ALA D 240 3.79 6.23 -30.32
N PHE D 241 4.26 6.38 -31.57
CA PHE D 241 3.39 6.28 -32.73
C PHE D 241 2.87 4.84 -32.86
N ARG D 242 3.74 3.85 -32.61
CA ARG D 242 3.33 2.47 -32.62
C ARG D 242 2.24 2.25 -31.57
N ASN D 243 2.42 2.83 -30.38
CA ASN D 243 1.49 2.74 -29.27
C ASN D 243 0.15 3.32 -29.74
N LEU D 244 0.21 4.46 -30.45
CA LEU D 244 -0.96 5.17 -30.93
C LEU D 244 -1.74 4.26 -31.90
N VAL D 245 -1.02 3.65 -32.85
CA VAL D 245 -1.63 2.76 -33.85
C VAL D 245 -2.28 1.54 -33.17
N GLN D 246 -1.60 0.95 -32.18
CA GLN D 246 -2.16 -0.20 -31.46
C GLN D 246 -3.46 0.19 -30.74
N LEU D 247 -3.56 1.42 -30.23
CA LEU D 247 -4.74 1.84 -29.49
C LEU D 247 -5.94 2.08 -30.42
N LEU D 248 -5.69 2.59 -31.64
CA LEU D 248 -6.76 3.10 -32.52
C LEU D 248 -7.13 2.13 -33.65
N GLY D 249 -6.36 1.08 -33.89
CA GLY D 249 -6.73 0.07 -34.93
C GLY D 249 -7.98 -0.71 -34.52
N GLY D 259 -14.60 9.18 -35.02
CA GLY D 259 -14.82 10.52 -35.53
C GLY D 259 -13.94 10.81 -36.74
N ALA D 260 -12.73 11.29 -36.48
CA ALA D 260 -11.78 11.75 -37.52
C ALA D 260 -10.69 10.71 -37.79
N VAL D 261 -10.78 9.55 -37.12
CA VAL D 261 -9.77 8.49 -37.23
C VAL D 261 -9.96 7.76 -38.55
N ARG D 262 -8.95 7.86 -39.43
CA ARG D 262 -8.94 7.32 -40.79
C ARG D 262 -7.95 6.17 -40.89
N GLN D 263 -8.38 5.07 -41.53
CA GLN D 263 -7.59 3.84 -41.60
C GLN D 263 -6.35 4.05 -42.48
N ASP D 264 -6.43 4.88 -43.52
CA ASP D 264 -5.28 5.11 -44.42
C ASP D 264 -4.17 5.89 -43.69
N HIS D 265 -4.57 6.83 -42.81
CA HIS D 265 -3.62 7.57 -41.97
C HIS D 265 -2.88 6.61 -41.02
N LEU D 266 -3.63 5.66 -40.42
CA LEU D 266 -3.07 4.70 -39.46
C LEU D 266 -2.03 3.80 -40.13
N GLU D 267 -2.33 3.33 -41.35
CA GLU D 267 -1.42 2.42 -42.08
C GLU D 267 -0.13 3.18 -42.40
N LEU D 268 -0.27 4.45 -42.80
CA LEU D 268 0.89 5.28 -43.15
C LEU D 268 1.72 5.58 -41.90
N LEU D 269 1.06 5.86 -40.76
CA LEU D 269 1.77 6.11 -39.51
C LEU D 269 2.51 4.86 -39.05
N ASP D 270 1.90 3.69 -39.23
CA ASP D 270 2.54 2.42 -38.86
C ASP D 270 3.84 2.22 -39.66
N LYS D 271 3.81 2.56 -40.96
CA LYS D 271 4.98 2.44 -41.84
C LYS D 271 6.06 3.43 -41.40
N LEU D 272 5.66 4.67 -41.07
CA LEU D 272 6.59 5.72 -40.63
C LEU D 272 7.23 5.29 -39.29
N SER D 273 6.41 4.75 -38.38
CA SER D 273 6.92 4.35 -37.07
C SER D 273 7.93 3.21 -37.21
N GLN D 274 7.74 2.31 -38.17
CA GLN D 274 8.65 1.17 -38.42
C GLN D 274 10.04 1.68 -38.83
N LYS D 275 10.07 2.79 -39.59
CA LYS D 275 11.35 3.43 -39.96
C LYS D 275 12.03 4.02 -38.72
N MET D 276 11.22 4.62 -37.85
CA MET D 276 11.71 5.38 -36.70
C MET D 276 12.25 4.45 -35.61
N ILE D 277 11.80 3.18 -35.57
CA ILE D 277 12.23 2.24 -34.51
C ILE D 277 13.25 1.23 -35.04
N GLU D 278 13.89 1.52 -36.19
CA GLU D 278 14.99 0.68 -36.69
C GLU D 278 16.04 0.52 -35.59
N GLU D 279 16.56 -0.71 -35.42
CA GLU D 279 17.52 -1.06 -34.38
C GLU D 279 18.77 -0.16 -34.48
N GLU D 280 19.23 0.11 -35.72
CA GLU D 280 20.43 0.91 -35.94
C GLU D 280 20.05 2.39 -36.01
N PRO D 281 20.61 3.26 -35.15
CA PRO D 281 20.35 4.71 -35.20
C PRO D 281 20.54 5.33 -36.59
N GLY D 282 21.58 4.89 -37.32
CA GLY D 282 21.90 5.38 -38.65
C GLY D 282 20.80 5.16 -39.67
N ASN D 283 19.98 4.12 -39.45
CA ASN D 283 18.88 3.75 -40.36
C ASN D 283 17.58 4.50 -40.02
N ARG D 284 17.58 5.28 -38.94
CA ARG D 284 16.40 6.05 -38.57
C ARG D 284 16.43 7.39 -39.28
N PRO D 285 15.28 7.86 -39.83
CA PRO D 285 15.23 9.17 -40.47
C PRO D 285 15.45 10.32 -39.47
N THR D 286 15.93 11.45 -39.99
CA THR D 286 15.98 12.71 -39.25
C THR D 286 14.57 13.31 -39.18
N ILE D 287 14.42 14.32 -38.32
CA ILE D 287 13.18 15.07 -38.19
C ILE D 287 12.77 15.62 -39.57
N GLU D 288 13.75 16.16 -40.32
CA GLU D 288 13.54 16.80 -41.63
C GLU D 288 12.96 15.77 -42.61
N GLU D 289 13.56 14.57 -42.64
CA GLU D 289 13.08 13.48 -43.50
C GLU D 289 11.68 13.04 -43.06
N ILE D 290 11.44 12.93 -41.74
CA ILE D 290 10.13 12.54 -41.22
C ILE D 290 9.06 13.52 -41.70
N MET D 291 9.39 14.82 -41.69
CA MET D 291 8.42 15.88 -42.06
C MET D 291 8.06 15.81 -43.56
N LYS D 292 8.89 15.14 -44.38
CA LYS D 292 8.62 14.96 -45.81
C LYS D 292 8.01 13.57 -46.10
N ASP D 293 7.57 12.85 -45.06
CA ASP D 293 6.99 11.52 -45.25
C ASP D 293 5.64 11.68 -45.94
N PRO D 294 5.24 10.70 -46.79
CA PRO D 294 3.91 10.69 -47.43
C PRO D 294 2.72 11.03 -46.53
N LEU D 295 2.79 10.65 -45.24
CA LEU D 295 1.69 10.87 -44.29
C LEU D 295 1.32 12.36 -44.20
N PHE D 296 2.31 13.25 -44.37
CA PHE D 296 2.13 14.68 -44.06
C PHE D 296 1.99 15.55 -45.32
N GLU D 297 1.88 14.94 -46.51
CA GLU D 297 1.72 15.74 -47.73
C GLU D 297 0.37 16.45 -47.72
N GLY D 298 0.40 17.73 -48.09
CA GLY D 298 -0.76 18.62 -48.09
C GLY D 298 -0.90 19.42 -46.81
N LEU D 299 -0.01 19.17 -45.82
CA LEU D 299 -0.06 19.88 -44.54
C LEU D 299 0.88 21.10 -44.58
N ASN D 300 0.38 22.22 -44.03
CA ASN D 300 1.17 23.40 -43.80
C ASN D 300 1.84 23.29 -42.42
N PHE D 301 3.11 22.88 -42.42
CA PHE D 301 3.90 22.73 -41.20
C PHE D 301 4.09 24.08 -40.49
N GLU D 302 4.06 25.19 -41.22
CA GLU D 302 4.23 26.50 -40.61
C GLU D 302 3.08 26.77 -39.63
N ASP D 303 1.85 26.33 -39.98
CA ASP D 303 0.66 26.52 -39.14
C ASP D 303 0.70 25.60 -37.90
N ILE D 304 1.20 24.37 -38.09
CA ILE D 304 1.39 23.43 -37.00
C ILE D 304 2.33 24.07 -35.97
N GLU D 305 3.44 24.62 -36.47
CA GLU D 305 4.53 25.18 -35.64
C GLU D 305 4.07 26.46 -34.94
N GLU D 306 3.07 27.16 -35.48
CA GLU D 306 2.51 28.35 -34.86
CA GLU D 306 2.53 28.35 -34.83
C GLU D 306 1.49 27.97 -33.77
N GLY D 307 1.06 26.70 -33.78
CA GLY D 307 0.21 26.16 -32.72
C GLY D 307 -1.27 26.25 -33.03
N LYS D 308 -1.60 26.21 -34.33
CA LYS D 308 -2.95 26.48 -34.82
C LYS D 308 -3.70 25.17 -35.11
N ALA D 309 -3.00 24.04 -35.10
CA ALA D 309 -3.62 22.73 -35.29
C ALA D 309 -4.51 22.39 -34.09
N ARG D 310 -5.61 21.68 -34.38
CA ARG D 310 -6.57 21.25 -33.37
C ARG D 310 -6.97 19.82 -33.69
N PRO D 311 -6.08 18.84 -33.45
CA PRO D 311 -6.28 17.46 -33.87
C PRO D 311 -7.51 16.78 -33.22
N PHE D 312 -7.99 17.32 -32.09
CA PHE D 312 -9.07 16.70 -31.31
C PHE D 312 -10.39 17.46 -31.45
N ARG D 313 -10.50 18.40 -32.40
CA ARG D 313 -11.69 19.31 -32.46
C ARG D 313 -12.91 18.62 -33.12
N TYR D 314 -12.67 17.75 -34.10
CA TYR D 314 -13.76 17.07 -34.81
C TYR D 314 -13.17 15.88 -35.56
N ARG E 6 -40.11 11.36 17.55
CA ARG E 6 -38.69 11.23 17.98
C ARG E 6 -38.17 12.57 18.46
N ILE E 7 -37.05 12.55 19.19
CA ILE E 7 -36.45 13.81 19.58
C ILE E 7 -35.91 14.52 18.34
N PRO E 8 -35.86 15.87 18.31
CA PRO E 8 -35.17 16.59 17.24
C PRO E 8 -33.72 16.11 17.02
N LEU E 9 -33.24 16.25 15.78
CA LEU E 9 -31.86 15.91 15.40
C LEU E 9 -30.84 16.74 16.20
N ALA E 10 -31.19 18.00 16.49
CA ALA E 10 -30.35 18.93 17.25
C ALA E 10 -30.09 18.43 18.68
N ASP E 11 -30.97 17.58 19.22
CA ASP E 11 -30.94 17.14 20.62
C ASP E 11 -30.27 15.75 20.78
N MET E 12 -29.83 15.13 19.68
CA MET E 12 -29.23 13.78 19.76
C MET E 12 -27.86 13.88 20.47
N THR E 13 -27.66 13.03 21.49
CA THR E 13 -26.39 12.88 22.21
C THR E 13 -25.76 11.53 21.85
N PHE E 14 -24.58 11.23 22.43
CA PHE E 14 -23.88 9.96 22.21
C PHE E 14 -24.87 8.79 22.40
N TRP E 15 -25.59 8.78 23.51
CA TRP E 15 -26.47 7.68 23.89
C TRP E 15 -27.64 7.55 22.90
N SER E 16 -28.12 8.68 22.38
CA SER E 16 -29.15 8.69 21.33
C SER E 16 -28.66 7.92 20.08
N TRP E 17 -27.44 8.21 19.63
CA TRP E 17 -26.86 7.62 18.45
C TRP E 17 -26.63 6.12 18.66
N MET E 18 -26.12 5.75 19.84
CA MET E 18 -25.89 4.37 20.19
C MET E 18 -27.22 3.62 20.17
N SER E 19 -28.23 4.23 20.77
CA SER E 19 -29.57 3.67 20.78
C SER E 19 -30.06 3.49 19.33
N TYR E 20 -29.85 4.50 18.49
CA TYR E 20 -30.32 4.46 17.12
C TYR E 20 -29.63 3.35 16.32
N LEU E 21 -28.34 3.15 16.58
CA LEU E 21 -27.58 2.07 15.95
C LEU E 21 -28.25 0.72 16.26
N LYS E 22 -28.66 0.52 17.52
CA LYS E 22 -29.29 -0.72 17.97
C LYS E 22 -30.67 -0.93 17.33
N GLU E 23 -31.36 0.17 16.99
CA GLU E 23 -32.68 0.12 16.36
C GLU E 23 -32.63 -0.33 14.89
N LEU E 24 -31.46 -0.30 14.25
CA LEU E 24 -31.35 -0.74 12.82
C LEU E 24 -31.57 -2.24 12.72
N PRO E 25 -32.29 -2.74 11.71
CA PRO E 25 -32.43 -4.18 11.48
C PRO E 25 -31.13 -4.89 11.07
N ASP E 26 -31.03 -6.17 11.45
CA ASP E 26 -29.93 -7.03 11.08
C ASP E 26 -30.00 -7.37 9.58
N ILE E 27 -28.82 -7.70 9.05
CA ILE E 27 -28.68 -8.29 7.75
C ILE E 27 -28.04 -9.68 7.90
N ASP E 28 -28.54 -10.60 7.08
CA ASP E 28 -28.26 -12.01 7.10
C ASP E 28 -27.08 -12.30 6.16
N GLU E 29 -27.23 -13.39 5.39
CA GLU E 29 -26.22 -14.02 4.52
C GLU E 29 -26.04 -13.26 3.18
N SER E 30 -26.84 -12.20 2.99
CA SER E 30 -26.74 -11.29 1.85
C SER E 30 -25.45 -10.44 1.90
N ARG E 31 -24.82 -10.33 3.07
CA ARG E 31 -23.57 -9.57 3.24
C ARG E 31 -22.31 -10.46 3.11
N ASN E 32 -22.48 -11.77 2.91
CA ASN E 32 -21.37 -12.67 2.76
C ASN E 32 -20.65 -12.33 1.46
N PRO E 33 -21.39 -12.16 0.33
CA PRO E 33 -20.76 -11.75 -0.91
C PRO E 33 -20.04 -10.42 -0.71
N ILE E 34 -20.69 -9.44 -0.05
CA ILE E 34 -20.10 -8.15 0.20
C ILE E 34 -18.86 -8.27 1.10
N LEU E 35 -18.96 -8.97 2.22
CA LEU E 35 -17.84 -9.19 3.14
C LEU E 35 -16.68 -9.87 2.40
N LYS E 36 -17.00 -10.89 1.60
CA LYS E 36 -15.97 -11.61 0.89
C LYS E 36 -15.21 -10.64 -0.03
N ARG E 37 -15.93 -9.77 -0.73
CA ARG E 37 -15.30 -8.84 -1.64
C ARG E 37 -14.39 -7.89 -0.83
N LEU E 38 -14.84 -7.45 0.36
CA LEU E 38 -14.06 -6.54 1.19
C LEU E 38 -12.76 -7.22 1.66
N LEU E 39 -12.82 -8.51 2.01
CA LEU E 39 -11.67 -9.22 2.53
C LEU E 39 -10.70 -9.62 1.42
N SER E 40 -11.19 -9.77 0.19
CA SER E 40 -10.40 -10.15 -0.97
C SER E 40 -9.58 -8.96 -1.50
N GLY E 41 -9.70 -7.80 -0.86
CA GLY E 41 -8.85 -6.65 -1.14
C GLY E 41 -8.53 -5.85 0.11
N SER E 42 -8.24 -4.57 -0.11
CA SER E 42 -7.99 -3.56 0.94
C SER E 42 -9.04 -2.45 0.82
N PHE E 43 -10.16 -2.77 0.16
CA PHE E 43 -11.14 -1.80 -0.33
C PHE E 43 -11.57 -0.88 0.81
N LEU E 44 -11.80 -1.44 2.02
CA LEU E 44 -12.43 -0.70 3.14
C LEU E 44 -11.55 0.51 3.53
N ARG E 45 -12.05 1.67 3.11
CA ARG E 45 -11.29 2.89 2.98
C ARG E 45 -11.18 3.54 4.36
N ARG E 46 -10.24 4.48 4.46
CA ARG E 46 -10.00 5.23 5.68
C ARG E 46 -10.88 6.48 5.72
N ASP E 47 -11.10 7.11 4.55
CA ASP E 47 -11.74 8.43 4.41
C ASP E 47 -13.18 8.40 4.94
N GLY E 48 -13.99 7.48 4.40
CA GLY E 48 -15.40 7.35 4.79
C GLY E 48 -15.94 5.98 4.45
N SER E 49 -16.98 5.96 3.63
CA SER E 49 -17.67 4.74 3.26
C SER E 49 -17.01 4.07 2.04
N THR E 50 -17.30 2.79 1.87
CA THR E 50 -16.85 2.00 0.76
C THR E 50 -18.08 1.52 0.00
N THR E 51 -18.00 1.54 -1.32
CA THR E 51 -19.08 1.11 -2.19
C THR E 51 -18.71 -0.24 -2.80
N VAL E 52 -19.64 -1.19 -2.73
CA VAL E 52 -19.51 -2.46 -3.44
C VAL E 52 -20.70 -2.59 -4.40
N ASN E 53 -20.43 -2.80 -5.69
CA ASN E 53 -21.48 -3.01 -6.67
C ASN E 53 -21.89 -4.48 -6.68
N VAL E 54 -23.21 -4.74 -6.73
CA VAL E 54 -23.74 -6.09 -6.89
C VAL E 54 -24.64 -6.10 -8.12
N ARG E 55 -24.05 -6.45 -9.27
CA ARG E 55 -24.69 -6.34 -10.58
C ARG E 55 -25.80 -7.38 -10.73
N VAL E 56 -25.65 -8.52 -10.06
CA VAL E 56 -26.58 -9.62 -10.11
C VAL E 56 -26.90 -10.02 -8.68
N PRO E 57 -27.85 -9.34 -8.00
CA PRO E 57 -28.22 -9.72 -6.65
C PRO E 57 -28.72 -11.16 -6.60
N ALA E 58 -28.28 -11.91 -5.58
CA ALA E 58 -28.65 -13.27 -5.33
C ALA E 58 -30.00 -13.31 -4.60
N ARG E 59 -30.54 -14.52 -4.43
CA ARG E 59 -31.88 -14.75 -3.90
C ARG E 59 -32.05 -14.09 -2.52
N GLU E 60 -31.04 -14.25 -1.65
CA GLU E 60 -31.13 -13.78 -0.25
C GLU E 60 -31.22 -12.25 -0.21
N LEU E 61 -30.47 -11.58 -1.10
CA LEU E 61 -30.45 -10.13 -1.13
C LEU E 61 -31.73 -9.60 -1.77
N VAL E 62 -32.24 -10.30 -2.81
CA VAL E 62 -33.50 -9.96 -3.44
C VAL E 62 -34.62 -9.98 -2.39
N ARG E 63 -34.61 -11.04 -1.57
CA ARG E 63 -35.63 -11.21 -0.51
C ARG E 63 -35.50 -10.09 0.54
N LEU E 64 -34.29 -9.83 1.01
CA LEU E 64 -34.06 -8.82 2.05
C LEU E 64 -34.58 -7.43 1.61
N LEU E 65 -34.33 -7.05 0.36
CA LEU E 65 -34.62 -5.70 -0.15
C LEU E 65 -35.97 -5.65 -0.86
N SER E 66 -36.65 -6.79 -0.99
CA SER E 66 -37.93 -6.89 -1.70
C SER E 66 -37.80 -6.33 -3.11
N LEU E 67 -36.75 -6.72 -3.85
CA LEU E 67 -36.49 -6.12 -5.17
C LEU E 67 -37.54 -6.63 -6.16
N THR E 68 -38.11 -5.70 -6.94
CA THR E 68 -38.92 -6.01 -8.12
C THR E 68 -38.00 -6.64 -9.16
N PRO E 69 -38.53 -7.38 -10.17
CA PRO E 69 -37.69 -7.90 -11.25
C PRO E 69 -36.93 -6.80 -12.01
N GLU E 70 -37.52 -5.61 -12.11
CA GLU E 70 -36.87 -4.44 -12.76
C GLU E 70 -35.63 -4.04 -11.96
N GLN E 71 -35.80 -3.93 -10.64
CA GLN E 71 -34.69 -3.61 -9.70
C GLN E 71 -33.61 -4.70 -9.76
N GLN E 72 -34.01 -5.97 -9.83
CA GLN E 72 -33.07 -7.10 -9.95
C GLN E 72 -32.19 -6.89 -11.19
N ARG E 73 -32.78 -6.42 -12.29
CA ARG E 73 -32.10 -6.25 -13.58
C ARG E 73 -31.14 -5.05 -13.53
N GLU E 74 -31.53 -3.99 -12.80
CA GLU E 74 -30.70 -2.79 -12.64
C GLU E 74 -29.45 -3.08 -11.80
N GLY E 75 -29.54 -4.00 -10.83
CA GLY E 75 -28.51 -4.26 -9.84
C GLY E 75 -28.58 -3.29 -8.67
N VAL E 76 -27.78 -3.52 -7.63
CA VAL E 76 -27.73 -2.65 -6.47
C VAL E 76 -26.26 -2.38 -6.11
N SER E 77 -26.06 -1.30 -5.37
CA SER E 77 -24.82 -1.02 -4.72
C SER E 77 -25.01 -0.89 -3.20
N ALA E 78 -23.97 -1.29 -2.47
CA ALA E 78 -23.96 -1.22 -1.03
C ALA E 78 -22.89 -0.22 -0.58
N LYS E 79 -23.31 0.72 0.26
CA LYS E 79 -22.44 1.64 0.93
C LYS E 79 -22.21 1.10 2.35
N VAL E 80 -20.96 0.78 2.68
CA VAL E 80 -20.64 0.16 3.93
C VAL E 80 -19.72 1.07 4.75
N ARG E 81 -19.90 1.07 6.08
CA ARG E 81 -19.04 1.76 7.02
C ARG E 81 -18.74 0.84 8.21
N LEU E 82 -17.52 0.94 8.72
CA LEU E 82 -17.11 0.23 9.91
C LEU E 82 -17.76 0.88 11.13
N ILE E 83 -18.45 0.09 11.94
CA ILE E 83 -19.05 0.57 13.19
C ILE E 83 -17.92 0.89 14.17
N ASN E 84 -17.95 2.12 14.67
CA ASN E 84 -17.06 2.60 15.69
C ASN E 84 -17.86 2.78 16.97
N LEU E 85 -17.57 1.98 18.01
CA LEU E 85 -18.37 2.02 19.25
C LEU E 85 -18.04 3.26 20.12
N LEU E 86 -16.93 3.95 19.82
CA LEU E 86 -16.60 5.24 20.48
C LEU E 86 -17.31 6.42 19.80
N ASP E 87 -17.80 6.23 18.57
CA ASP E 87 -18.48 7.26 17.79
C ASP E 87 -19.52 6.62 16.87
N PRO E 88 -20.67 6.16 17.39
CA PRO E 88 -21.68 5.49 16.58
C PRO E 88 -22.29 6.39 15.48
N LYS E 89 -22.29 7.70 15.73
CA LYS E 89 -22.85 8.67 14.83
C LYS E 89 -22.27 8.47 13.41
N TYR E 90 -20.94 8.31 13.33
CA TYR E 90 -20.28 8.27 12.04
C TYR E 90 -20.90 7.15 11.17
N SER E 91 -21.34 6.04 11.78
CA SER E 91 -21.79 4.88 10.98
C SER E 91 -23.31 4.86 10.76
N VAL E 92 -24.09 5.60 11.56
CA VAL E 92 -25.56 5.56 11.46
C VAL E 92 -26.17 6.90 11.06
N TYR E 93 -25.36 7.94 10.89
CA TYR E 93 -25.86 9.26 10.51
C TYR E 93 -26.62 9.20 9.19
N GLU E 94 -26.00 8.61 8.17
CA GLU E 94 -26.60 8.58 6.86
C GLU E 94 -27.89 7.73 6.89
N PRO E 95 -27.89 6.52 7.47
CA PRO E 95 -29.13 5.78 7.68
C PRO E 95 -30.20 6.59 8.39
N TYR E 96 -29.82 7.34 9.42
CA TYR E 96 -30.75 8.21 10.13
C TYR E 96 -31.44 9.18 9.17
N LEU E 97 -30.67 9.90 8.35
CA LEU E 97 -31.25 10.87 7.41
C LEU E 97 -32.27 10.14 6.51
N TYR E 98 -31.90 8.96 5.98
CA TYR E 98 -32.76 8.26 5.05
C TYR E 98 -34.05 7.78 5.74
N ARG E 99 -33.96 7.37 7.01
CA ARG E 99 -35.08 6.77 7.73
C ARG E 99 -36.00 7.82 8.38
N GLU E 100 -35.45 8.96 8.82
CA GLU E 100 -36.16 9.91 9.67
C GLU E 100 -36.43 11.25 9.00
N ILE E 101 -35.68 11.62 7.96
CA ILE E 101 -35.73 12.99 7.45
C ILE E 101 -36.10 13.07 5.97
N LEU E 102 -35.54 12.19 5.14
CA LEU E 102 -35.77 12.27 3.70
C LEU E 102 -37.03 11.49 3.37
N PRO E 103 -37.95 12.03 2.54
CA PRO E 103 -39.11 11.26 2.07
C PRO E 103 -38.65 9.97 1.39
N LYS E 104 -39.54 8.98 1.32
CA LYS E 104 -39.21 7.67 0.79
C LYS E 104 -38.73 7.79 -0.67
N ARG E 105 -39.31 8.72 -1.45
CA ARG E 105 -38.71 9.09 -2.72
C ARG E 105 -38.97 10.58 -2.99
N SER E 106 -37.98 11.42 -2.67
CA SER E 106 -37.76 12.69 -3.31
C SER E 106 -37.19 12.40 -4.69
N PRO E 107 -37.80 12.89 -5.79
CA PRO E 107 -37.41 12.45 -7.13
C PRO E 107 -35.96 12.74 -7.53
N LEU E 108 -35.34 13.79 -6.99
CA LEU E 108 -33.99 14.19 -7.41
C LEU E 108 -32.93 13.89 -6.32
N LEU E 109 -33.25 13.06 -5.33
CA LEU E 109 -32.26 12.59 -4.34
C LEU E 109 -32.04 11.08 -4.50
N LEU E 110 -30.78 10.63 -4.34
CA LEU E 110 -30.42 9.22 -4.46
C LEU E 110 -31.25 8.43 -3.46
N PRO E 111 -32.12 7.51 -3.91
CA PRO E 111 -32.96 6.73 -3.00
C PRO E 111 -32.20 5.59 -2.30
N SER E 112 -32.63 5.29 -1.06
CA SER E 112 -32.19 4.13 -0.30
C SER E 112 -33.15 2.96 -0.54
N LEU E 113 -32.62 1.74 -0.70
CA LEU E 113 -33.43 0.53 -0.80
C LEU E 113 -33.51 -0.20 0.55
N GLY E 114 -32.83 0.34 1.57
CA GLY E 114 -32.81 -0.25 2.91
C GLY E 114 -31.48 0.01 3.62
N GLU E 115 -31.56 0.14 4.96
CA GLU E 115 -30.42 0.36 5.81
C GLU E 115 -30.36 -0.77 6.85
N TYR E 116 -29.17 -1.32 7.08
CA TYR E 116 -28.98 -2.47 7.94
C TYR E 116 -27.69 -2.32 8.75
N ARG E 117 -27.61 -3.12 9.80
CA ARG E 117 -26.45 -3.28 10.65
C ARG E 117 -26.05 -4.76 10.62
N GLY E 118 -24.77 -5.03 10.43
CA GLY E 118 -24.20 -6.34 10.68
C GLY E 118 -23.47 -6.31 12.00
N ALA E 119 -22.57 -7.27 12.20
CA ALA E 119 -21.78 -7.33 13.43
C ALA E 119 -20.80 -6.14 13.52
N PHE E 120 -20.15 -5.77 12.41
CA PHE E 120 -19.11 -4.71 12.42
C PHE E 120 -19.33 -3.59 11.38
N LEU E 121 -20.34 -3.72 10.52
CA LEU E 121 -20.59 -2.78 9.43
C LEU E 121 -22.03 -2.29 9.46
N THR E 122 -22.27 -1.05 9.03
CA THR E 122 -23.60 -0.60 8.61
C THR E 122 -23.65 -0.59 7.07
N TYR E 123 -24.86 -0.78 6.53
CA TYR E 123 -25.11 -0.92 5.11
C TYR E 123 -26.24 0.01 4.67
N ILE E 124 -26.05 0.67 3.54
CA ILE E 124 -27.11 1.35 2.81
C ILE E 124 -27.09 0.82 1.39
N PHE E 125 -28.24 0.33 0.93
CA PHE E 125 -28.37 -0.14 -0.41
C PHE E 125 -28.96 0.97 -1.28
N HIS E 126 -28.43 1.08 -2.52
CA HIS E 126 -28.89 2.02 -3.52
C HIS E 126 -29.12 1.28 -4.82
N PRO E 127 -29.94 1.83 -5.74
CA PRO E 127 -29.94 1.38 -7.12
C PRO E 127 -28.50 1.50 -7.65
N LEU E 128 -28.06 0.54 -8.47
CA LEU E 128 -26.76 0.60 -9.07
C LEU E 128 -26.82 1.66 -10.18
N SER E 129 -26.06 2.74 -10.00
CA SER E 129 -26.10 3.86 -10.93
CA SER E 129 -26.11 3.86 -10.93
C SER E 129 -25.33 3.52 -12.20
N LYS E 130 -25.67 4.19 -13.30
CA LYS E 130 -24.96 4.07 -14.56
C LYS E 130 -23.60 4.75 -14.48
N GLY E 131 -23.46 5.73 -13.59
CA GLY E 131 -22.19 6.38 -13.32
C GLY E 131 -22.37 7.68 -12.57
N LEU E 132 -21.26 8.18 -12.04
CA LEU E 132 -21.20 9.49 -11.41
C LEU E 132 -20.96 10.52 -12.53
N VAL E 133 -21.56 11.70 -12.40
CA VAL E 133 -21.63 12.65 -13.50
C VAL E 133 -20.22 13.12 -13.87
N GLY E 134 -19.39 13.41 -12.88
CA GLY E 134 -18.01 13.88 -13.13
C GLY E 134 -17.21 12.86 -13.94
N ASP E 135 -17.21 11.62 -13.47
CA ASP E 135 -16.53 10.51 -14.16
C ASP E 135 -17.08 10.34 -15.58
N MET E 136 -18.40 10.38 -15.74
CA MET E 136 -19.00 10.17 -17.04
C MET E 136 -18.53 11.24 -18.04
N LEU E 137 -18.51 12.50 -17.62
CA LEU E 137 -18.13 13.59 -18.52
C LEU E 137 -16.64 13.54 -18.82
N GLU E 138 -15.83 13.12 -17.84
CA GLU E 138 -14.37 13.14 -17.94
C GLU E 138 -13.90 12.09 -18.96
N THR E 139 -14.55 10.94 -18.99
CA THR E 139 -14.24 9.86 -19.94
C THR E 139 -14.79 10.16 -21.33
N GLY E 140 -15.60 11.22 -21.46
CA GLY E 140 -16.24 11.62 -22.71
C GLY E 140 -17.35 10.66 -23.12
N ARG E 141 -17.79 9.80 -22.17
CA ARG E 141 -18.78 8.77 -22.41
C ARG E 141 -20.13 9.39 -22.83
N SER E 142 -20.42 10.60 -22.35
CA SER E 142 -21.73 11.19 -22.51
C SER E 142 -21.60 12.68 -22.83
N HIS E 143 -22.44 13.14 -23.73
CA HIS E 143 -22.54 14.55 -24.10
C HIS E 143 -23.97 15.00 -23.79
N PRO E 144 -24.21 15.55 -22.59
CA PRO E 144 -25.56 15.92 -22.17
C PRO E 144 -26.00 17.28 -22.70
N ASP E 145 -27.30 17.55 -22.62
CA ASP E 145 -27.84 18.88 -22.70
C ASP E 145 -27.41 19.63 -21.41
N VAL E 146 -26.47 20.57 -21.57
CA VAL E 146 -25.84 21.29 -20.48
C VAL E 146 -26.89 22.11 -19.72
N GLN E 147 -27.81 22.73 -20.45
CA GLN E 147 -28.83 23.59 -19.86
C GLN E 147 -29.68 22.78 -18.88
N VAL E 148 -30.11 21.59 -19.32
CA VAL E 148 -31.05 20.77 -18.57
C VAL E 148 -30.32 20.11 -17.39
N LEU E 149 -29.06 19.71 -17.60
CA LEU E 149 -28.26 19.06 -16.55
C LEU E 149 -28.06 20.06 -15.40
N ALA E 150 -27.66 21.29 -15.76
CA ALA E 150 -27.41 22.33 -14.79
C ALA E 150 -28.68 22.62 -13.99
N ALA E 151 -29.83 22.63 -14.69
CA ALA E 151 -31.12 22.93 -14.06
C ALA E 151 -31.51 21.77 -13.12
N ASN E 152 -31.28 20.54 -13.58
CA ASN E 152 -31.49 19.29 -12.82
C ASN E 152 -30.67 19.36 -11.51
N MET E 153 -29.44 19.85 -11.61
CA MET E 153 -28.51 19.90 -10.47
C MET E 153 -28.98 20.94 -9.44
N VAL E 154 -29.32 22.14 -9.91
CA VAL E 154 -29.86 23.21 -9.02
C VAL E 154 -31.15 22.74 -8.36
N ALA E 155 -32.03 22.11 -9.12
CA ALA E 155 -33.34 21.66 -8.62
C ALA E 155 -33.13 20.64 -7.52
N ALA E 156 -32.16 19.75 -7.72
CA ALA E 156 -31.86 18.67 -6.78
C ALA E 156 -31.43 19.27 -5.45
N LEU E 157 -30.53 20.25 -5.52
CA LEU E 157 -30.01 20.94 -4.35
C LEU E 157 -31.16 21.65 -3.61
N LYS E 158 -32.03 22.33 -4.37
CA LYS E 158 -33.18 23.03 -3.82
C LYS E 158 -34.08 22.06 -3.04
N SER E 159 -34.31 20.87 -3.60
CA SER E 159 -35.16 19.88 -2.95
C SER E 159 -34.55 19.47 -1.61
N LEU E 160 -33.22 19.51 -1.48
CA LEU E 160 -32.57 19.20 -0.20
C LEU E 160 -32.72 20.37 0.77
N HIS E 161 -32.52 21.60 0.29
CA HIS E 161 -32.71 22.80 1.11
C HIS E 161 -34.14 22.87 1.66
N ASN E 162 -35.15 22.49 0.85
CA ASN E 162 -36.58 22.50 1.26
C ASN E 162 -36.84 21.56 2.45
N LEU E 163 -36.00 20.55 2.67
CA LEU E 163 -36.16 19.64 3.81
C LEU E 163 -35.34 20.14 5.02
N GLY E 164 -34.73 21.32 4.91
CA GLY E 164 -33.96 21.93 5.98
C GLY E 164 -32.52 21.40 6.07
N LEU E 165 -31.95 20.89 4.97
CA LEU E 165 -30.58 20.34 4.98
C LEU E 165 -29.66 21.07 3.99
N LEU E 166 -28.46 21.41 4.46
CA LEU E 166 -27.31 21.70 3.57
C LEU E 166 -26.65 20.39 3.19
N HIS E 167 -26.05 20.34 1.99
CA HIS E 167 -25.26 19.18 1.54
C HIS E 167 -23.85 19.22 2.15
N ARG E 168 -23.14 20.33 1.91
CA ARG E 168 -21.82 20.68 2.48
C ARG E 168 -20.62 20.04 1.75
N SER E 169 -20.81 19.18 0.74
CA SER E 169 -19.66 18.62 0.00
C SER E 169 -19.97 18.40 -1.49
N ILE E 170 -20.68 19.34 -2.10
CA ILE E 170 -21.10 19.19 -3.48
C ILE E 170 -19.89 19.22 -4.42
N GLU E 171 -19.89 18.26 -5.34
CA GLU E 171 -19.02 18.21 -6.51
C GLU E 171 -19.80 17.50 -7.62
N LEU E 172 -19.27 17.51 -8.85
CA LEU E 172 -19.94 16.85 -9.94
C LEU E 172 -20.28 15.39 -9.57
N ASN E 173 -19.36 14.70 -8.89
CA ASN E 173 -19.54 13.27 -8.56
C ASN E 173 -20.53 13.06 -7.40
N SER E 174 -21.06 14.14 -6.82
CA SER E 174 -22.17 14.06 -5.90
C SER E 174 -23.43 13.59 -6.65
N PHE E 175 -23.46 13.88 -7.95
CA PHE E 175 -24.60 13.59 -8.81
C PHE E 175 -24.34 12.28 -9.54
N SER E 176 -25.39 11.46 -9.65
CA SER E 176 -25.30 10.20 -10.38
C SER E 176 -26.53 10.01 -11.27
N VAL E 177 -26.38 9.14 -12.26
CA VAL E 177 -27.40 8.87 -13.24
C VAL E 177 -27.99 7.50 -12.93
N LEU E 178 -29.30 7.47 -12.62
CA LEU E 178 -29.96 6.19 -12.35
C LEU E 178 -30.16 5.43 -13.65
N PRO E 179 -30.40 4.10 -13.60
CA PRO E 179 -30.74 3.32 -14.79
C PRO E 179 -31.83 3.96 -15.68
N ASP E 180 -32.86 4.58 -15.09
CA ASP E 180 -33.93 5.16 -15.94
C ASP E 180 -33.50 6.52 -16.55
N GLY E 181 -32.30 7.01 -16.20
CA GLY E 181 -31.76 8.27 -16.77
C GLY E 181 -32.01 9.51 -15.90
N THR E 182 -32.74 9.35 -14.78
CA THR E 182 -32.91 10.44 -13.81
C THR E 182 -31.53 10.77 -13.20
N VAL E 183 -31.24 12.06 -13.07
CA VAL E 183 -30.04 12.53 -12.42
C VAL E 183 -30.40 12.98 -11.01
N VAL E 184 -29.70 12.40 -10.01
CA VAL E 184 -30.04 12.55 -8.60
C VAL E 184 -28.82 13.00 -7.81
N LEU E 185 -29.08 13.69 -6.70
CA LEU E 185 -28.06 14.16 -5.78
C LEU E 185 -27.89 13.13 -4.66
N GLY E 186 -26.66 12.66 -4.48
CA GLY E 186 -26.27 11.76 -3.40
C GLY E 186 -25.17 12.35 -2.53
N GLY E 187 -24.34 11.48 -1.93
CA GLY E 187 -23.31 11.89 -1.01
C GLY E 187 -23.87 12.60 0.21
N LEU E 188 -25.04 12.14 0.69
CA LEU E 188 -25.79 12.84 1.72
C LEU E 188 -25.25 12.61 3.14
N ASP E 189 -24.19 11.81 3.30
CA ASP E 189 -23.56 11.58 4.61
C ASP E 189 -23.01 12.88 5.22
N THR E 190 -22.72 13.89 4.41
CA THR E 190 -22.16 15.16 4.92
C THR E 190 -23.26 16.19 5.24
N ALA E 191 -24.54 15.85 4.94
CA ALA E 191 -25.62 16.80 5.07
C ALA E 191 -25.84 17.15 6.54
N ALA E 192 -26.32 18.38 6.77
CA ALA E 192 -26.57 18.89 8.12
C ALA E 192 -27.68 19.92 8.08
N PRO E 193 -28.38 20.19 9.20
CA PRO E 193 -29.47 21.17 9.20
C PRO E 193 -28.95 22.59 8.90
N ILE E 194 -29.77 23.38 8.20
CA ILE E 194 -29.39 24.75 7.81
C ILE E 194 -28.89 25.61 9.00
N GLY E 226 -17.71 31.58 9.69
CA GLY E 226 -17.02 30.35 10.03
C GLY E 226 -17.83 29.12 9.66
N ARG E 227 -19.16 29.27 9.75
CA ARG E 227 -20.13 28.18 9.60
C ARG E 227 -20.58 28.03 8.13
N HIS E 228 -21.11 26.84 7.81
CA HIS E 228 -21.73 26.46 6.53
C HIS E 228 -23.15 27.03 6.43
N THR E 229 -23.48 27.57 5.25
CA THR E 229 -24.77 28.21 4.95
C THR E 229 -25.24 27.83 3.55
N VAL E 230 -26.44 28.29 3.18
CA VAL E 230 -26.98 28.05 1.85
C VAL E 230 -25.98 28.54 0.79
N LYS E 231 -25.27 29.63 1.10
CA LYS E 231 -24.34 30.26 0.17
C LYS E 231 -23.07 29.41 -0.02
N SER E 232 -22.69 28.60 0.97
CA SER E 232 -21.52 27.73 0.78
C SER E 232 -21.87 26.57 -0.16
N ASP E 233 -23.11 26.08 -0.11
CA ASP E 233 -23.62 25.09 -1.11
C ASP E 233 -23.64 25.73 -2.50
N VAL E 234 -23.98 27.01 -2.60
CA VAL E 234 -24.00 27.72 -3.89
C VAL E 234 -22.58 27.78 -4.45
N TYR E 235 -21.61 28.13 -3.60
CA TYR E 235 -20.21 28.17 -3.98
C TYR E 235 -19.80 26.81 -4.58
N SER E 236 -20.06 25.73 -3.84
CA SER E 236 -19.64 24.38 -4.21
C SER E 236 -20.28 23.96 -5.54
N LEU E 237 -21.57 24.29 -5.72
CA LEU E 237 -22.26 23.94 -6.94
C LEU E 237 -21.69 24.76 -8.11
N GLY E 238 -21.30 25.99 -7.82
CA GLY E 238 -20.60 26.84 -8.77
C GLY E 238 -19.32 26.23 -9.26
N VAL E 239 -18.51 25.74 -8.31
CA VAL E 239 -17.26 25.06 -8.62
C VAL E 239 -17.55 23.83 -9.49
N ALA E 240 -18.63 23.12 -9.21
CA ALA E 240 -18.98 21.95 -10.00
C ALA E 240 -19.33 22.34 -11.44
N PHE E 241 -20.03 23.47 -11.58
CA PHE E 241 -20.40 23.99 -12.89
C PHE E 241 -19.15 24.40 -13.66
N ARG E 242 -18.21 25.04 -12.97
CA ARG E 242 -16.94 25.42 -13.56
C ARG E 242 -16.22 24.15 -14.05
N ASN E 243 -16.23 23.10 -13.23
CA ASN E 243 -15.61 21.81 -13.54
C ASN E 243 -16.26 21.26 -14.82
N LEU E 244 -17.58 21.38 -14.90
CA LEU E 244 -18.37 20.88 -16.02
C LEU E 244 -17.95 21.62 -17.30
N VAL E 245 -17.89 22.95 -17.24
CA VAL E 245 -17.46 23.80 -18.36
C VAL E 245 -16.03 23.44 -18.80
N GLN E 246 -15.11 23.25 -17.87
CA GLN E 246 -13.72 22.89 -18.18
C GLN E 246 -13.67 21.56 -18.95
N LEU E 247 -14.55 20.61 -18.58
CA LEU E 247 -14.53 19.28 -19.20
C LEU E 247 -15.09 19.32 -20.63
N LEU E 248 -16.09 20.17 -20.88
CA LEU E 248 -16.88 20.10 -22.13
C LEU E 248 -16.52 21.24 -23.11
N GLY E 249 -15.67 22.21 -22.74
CA GLY E 249 -15.04 23.14 -23.70
C GLY E 249 -14.21 22.41 -24.76
N GLY E 259 -22.55 16.29 -28.81
CA GLY E 259 -23.86 15.72 -29.19
C GLY E 259 -24.98 16.71 -28.98
N ALA E 260 -25.46 16.81 -27.73
CA ALA E 260 -26.44 17.84 -27.29
C ALA E 260 -25.75 19.04 -26.62
N VAL E 261 -24.40 19.01 -26.55
CA VAL E 261 -23.60 20.07 -25.95
C VAL E 261 -23.55 21.25 -26.93
N ARG E 262 -24.10 22.39 -26.50
CA ARG E 262 -24.20 23.63 -27.25
C ARG E 262 -23.28 24.69 -26.64
N GLN E 263 -22.58 25.43 -27.52
CA GLN E 263 -21.56 26.39 -27.10
C GLN E 263 -22.21 27.59 -26.39
N ASP E 264 -23.41 27.99 -26.78
CA ASP E 264 -24.08 29.15 -26.17
C ASP E 264 -24.53 28.81 -24.75
N HIS E 265 -24.94 27.56 -24.52
CA HIS E 265 -25.28 27.07 -23.16
C HIS E 265 -24.04 27.12 -22.25
N LEU E 266 -22.88 26.69 -22.78
CA LEU E 266 -21.63 26.63 -22.01
C LEU E 266 -21.20 28.04 -21.59
N GLU E 267 -21.32 29.02 -22.49
CA GLU E 267 -20.90 30.38 -22.21
C GLU E 267 -21.79 30.96 -21.10
N LEU E 268 -23.09 30.67 -21.19
CA LEU E 268 -24.06 31.14 -20.18
C LEU E 268 -23.76 30.48 -18.81
N LEU E 269 -23.47 29.17 -18.81
CA LEU E 269 -23.17 28.44 -17.56
C LEU E 269 -21.88 28.98 -16.94
N ASP E 270 -20.89 29.31 -17.77
CA ASP E 270 -19.62 29.87 -17.28
C ASP E 270 -19.88 31.21 -16.55
N LYS E 271 -20.76 32.05 -17.10
CA LYS E 271 -21.11 33.35 -16.52
C LYS E 271 -21.85 33.14 -15.20
N LEU E 272 -22.79 32.18 -15.17
CA LEU E 272 -23.56 31.86 -13.96
C LEU E 272 -22.61 31.32 -12.88
N SER E 273 -21.67 30.44 -13.26
CA SER E 273 -20.77 29.85 -12.30
C SER E 273 -19.85 30.92 -11.69
N GLN E 274 -19.47 31.93 -12.47
CA GLN E 274 -18.59 33.03 -12.00
C GLN E 274 -19.31 33.81 -10.88
N LYS E 275 -20.64 33.96 -10.98
CA LYS E 275 -21.41 34.63 -9.93
C LYS E 275 -21.42 33.77 -8.66
N MET E 276 -21.55 32.45 -8.84
CA MET E 276 -21.73 31.50 -7.77
C MET E 276 -20.43 31.31 -6.95
N ILE E 277 -19.27 31.58 -7.55
CA ILE E 277 -17.98 31.37 -6.87
C ILE E 277 -17.35 32.69 -6.42
N GLU E 278 -18.15 33.76 -6.33
CA GLU E 278 -17.67 35.03 -5.74
C GLU E 278 -17.10 34.74 -4.34
N GLU E 279 -15.96 35.37 -4.03
CA GLU E 279 -15.23 35.18 -2.78
C GLU E 279 -16.13 35.50 -1.58
N GLU E 280 -16.94 36.55 -1.69
CA GLU E 280 -17.82 37.03 -0.62
C GLU E 280 -19.16 36.29 -0.73
N PRO E 281 -19.60 35.56 0.32
CA PRO E 281 -20.92 34.90 0.33
C PRO E 281 -22.09 35.80 -0.06
N GLY E 282 -22.06 37.05 0.43
CA GLY E 282 -23.13 38.01 0.18
C GLY E 282 -23.29 38.36 -1.30
N ASN E 283 -22.22 38.18 -2.09
CA ASN E 283 -22.22 38.49 -3.54
C ASN E 283 -22.71 37.29 -4.38
N ARG E 284 -22.94 36.15 -3.74
CA ARG E 284 -23.42 34.97 -4.46
C ARG E 284 -24.94 34.99 -4.53
N PRO E 285 -25.54 34.64 -5.69
CA PRO E 285 -27.00 34.55 -5.79
C PRO E 285 -27.60 33.43 -4.93
N THR E 286 -28.86 33.59 -4.54
CA THR E 286 -29.66 32.53 -3.91
C THR E 286 -30.10 31.53 -4.98
N ILE E 287 -30.62 30.39 -4.52
CA ILE E 287 -31.17 29.36 -5.40
C ILE E 287 -32.26 29.97 -6.29
N GLU E 288 -33.13 30.79 -5.68
CA GLU E 288 -34.27 31.43 -6.38
C GLU E 288 -33.75 32.30 -7.53
N GLU E 289 -32.72 33.12 -7.25
CA GLU E 289 -32.11 33.99 -8.26
C GLU E 289 -31.45 33.14 -9.34
N ILE E 290 -30.74 32.07 -8.95
CA ILE E 290 -30.08 31.16 -9.90
C ILE E 290 -31.12 30.60 -10.88
N MET E 291 -32.30 30.20 -10.37
CA MET E 291 -33.34 29.56 -11.18
C MET E 291 -33.94 30.55 -12.19
N LYS E 292 -33.75 31.86 -11.99
CA LYS E 292 -34.22 32.90 -12.92
C LYS E 292 -33.09 33.39 -13.84
N ASP E 293 -31.95 32.69 -13.86
CA ASP E 293 -30.83 33.06 -14.72
C ASP E 293 -31.23 32.87 -16.17
N PRO E 294 -30.72 33.70 -17.11
CA PRO E 294 -30.91 33.53 -18.55
C PRO E 294 -30.75 32.10 -19.10
N LEU E 295 -29.84 31.32 -18.50
CA LEU E 295 -29.56 29.96 -18.98
C LEU E 295 -30.83 29.09 -18.98
N PHE E 296 -31.74 29.34 -18.03
CA PHE E 296 -32.87 28.44 -17.77
C PHE E 296 -34.20 28.97 -18.31
N GLU E 297 -34.19 30.06 -19.09
CA GLU E 297 -35.43 30.58 -19.67
C GLU E 297 -36.02 29.56 -20.66
N GLY E 298 -37.33 29.35 -20.53
CA GLY E 298 -38.07 28.40 -21.34
C GLY E 298 -38.24 27.05 -20.67
N LEU E 299 -37.59 26.84 -19.52
CA LEU E 299 -37.62 25.53 -18.84
C LEU E 299 -38.71 25.53 -17.78
N ASN E 300 -39.45 24.41 -17.72
CA ASN E 300 -40.45 24.15 -16.71
C ASN E 300 -39.75 23.45 -15.53
N PHE E 301 -39.44 24.24 -14.50
CA PHE E 301 -38.76 23.75 -13.32
C PHE E 301 -39.63 22.75 -12.56
N GLU E 302 -40.95 22.85 -12.67
CA GLU E 302 -41.86 21.94 -11.98
C GLU E 302 -41.64 20.51 -12.49
N ASP E 303 -41.36 20.36 -13.79
CA ASP E 303 -41.13 19.04 -14.43
C ASP E 303 -39.76 18.47 -14.02
N ILE E 304 -38.75 19.35 -13.93
CA ILE E 304 -37.43 18.98 -13.48
C ILE E 304 -37.55 18.38 -12.07
N GLU E 305 -38.28 19.10 -11.20
CA GLU E 305 -38.44 18.77 -9.77
C GLU E 305 -39.25 17.48 -9.60
N GLU E 306 -40.10 17.13 -10.57
CA GLU E 306 -40.89 15.90 -10.52
C GLU E 306 -40.06 14.73 -11.05
N GLY E 307 -38.92 15.02 -11.67
CA GLY E 307 -37.93 14.01 -12.02
C GLY E 307 -38.07 13.49 -13.44
N LYS E 308 -38.57 14.35 -14.33
CA LYS E 308 -38.94 13.96 -15.68
C LYS E 308 -37.84 14.35 -16.68
N ALA E 309 -36.87 15.17 -16.24
CA ALA E 309 -35.76 15.56 -17.10
C ALA E 309 -34.86 14.35 -17.36
N ARG E 310 -34.29 14.32 -18.57
CA ARG E 310 -33.40 13.28 -19.03
C ARG E 310 -32.27 13.98 -19.79
N PRO E 311 -31.33 14.60 -19.05
CA PRO E 311 -30.27 15.39 -19.68
C PRO E 311 -29.33 14.60 -20.60
N PHE E 312 -29.30 13.26 -20.43
CA PHE E 312 -28.37 12.37 -21.11
C PHE E 312 -29.06 11.55 -22.20
N ARG E 313 -30.33 11.82 -22.53
CA ARG E 313 -30.97 11.35 -23.80
C ARG E 313 -30.55 12.26 -24.95
N TYR E 314 -30.46 11.71 -26.18
CA TYR E 314 -30.08 12.52 -27.36
C TYR E 314 -31.07 13.68 -27.55
N ILE F 7 0.67 -38.91 -21.01
CA ILE F 7 -0.09 -39.69 -19.99
C ILE F 7 -1.38 -38.93 -19.67
N PRO F 8 -2.49 -39.59 -19.26
CA PRO F 8 -3.68 -38.90 -18.79
C PRO F 8 -3.41 -37.82 -17.71
N LEU F 9 -4.12 -36.70 -17.84
CA LEU F 9 -4.00 -35.54 -16.94
C LEU F 9 -4.40 -35.93 -15.51
N ALA F 10 -5.38 -36.84 -15.37
CA ALA F 10 -5.89 -37.31 -14.09
C ALA F 10 -4.80 -38.04 -13.28
N ASP F 11 -3.78 -38.59 -13.96
CA ASP F 11 -2.76 -39.44 -13.33
C ASP F 11 -1.47 -38.66 -13.04
N MET F 12 -1.43 -37.35 -13.36
CA MET F 12 -0.25 -36.53 -13.04
C MET F 12 -0.15 -36.37 -11.52
N THR F 13 1.03 -36.65 -10.98
CA THR F 13 1.36 -36.47 -9.56
C THR F 13 2.34 -35.29 -9.41
N PHE F 14 2.75 -35.00 -8.18
CA PHE F 14 3.71 -33.95 -7.88
C PHE F 14 4.93 -34.07 -8.81
N TRP F 15 5.51 -35.28 -8.88
CA TRP F 15 6.75 -35.53 -9.63
C TRP F 15 6.53 -35.29 -11.13
N SER F 16 5.33 -35.62 -11.62
CA SER F 16 4.96 -35.40 -13.03
C SER F 16 5.04 -33.90 -13.35
N TRP F 17 4.43 -33.07 -12.48
CA TRP F 17 4.36 -31.63 -12.68
C TRP F 17 5.77 -31.02 -12.61
N MET F 18 6.55 -31.47 -11.63
CA MET F 18 7.90 -30.98 -11.45
C MET F 18 8.73 -31.34 -12.68
N SER F 19 8.57 -32.58 -13.15
CA SER F 19 9.26 -33.05 -14.36
C SER F 19 8.86 -32.16 -15.54
N TYR F 20 7.56 -31.88 -15.67
CA TYR F 20 7.08 -31.10 -16.80
C TYR F 20 7.62 -29.68 -16.75
N LEU F 21 7.73 -29.10 -15.55
CA LEU F 21 8.31 -27.78 -15.37
C LEU F 21 9.74 -27.76 -15.95
N LYS F 22 10.51 -28.79 -15.65
CA LYS F 22 11.92 -28.90 -16.10
C LYS F 22 12.02 -29.05 -17.62
N GLU F 23 11.01 -29.67 -18.24
CA GLU F 23 10.96 -29.88 -19.69
C GLU F 23 10.72 -28.57 -20.46
N LEU F 24 10.20 -27.51 -19.82
CA LEU F 24 9.91 -26.25 -20.52
C LEU F 24 11.21 -25.60 -20.95
N PRO F 25 11.26 -25.03 -22.18
CA PRO F 25 12.47 -24.38 -22.65
C PRO F 25 12.80 -23.07 -21.90
N ASP F 26 14.10 -22.75 -21.84
CA ASP F 26 14.60 -21.57 -21.18
C ASP F 26 14.26 -20.33 -21.99
N ILE F 27 14.20 -19.20 -21.29
CA ILE F 27 14.21 -17.88 -21.86
C ILE F 27 15.36 -17.13 -21.21
N ASP F 28 15.99 -16.20 -21.96
CA ASP F 28 17.02 -15.31 -21.42
C ASP F 28 16.34 -14.03 -20.93
N GLU F 29 16.31 -13.88 -19.60
CA GLU F 29 15.53 -12.88 -18.87
C GLU F 29 16.25 -11.52 -18.84
N SER F 30 17.59 -11.54 -19.02
CA SER F 30 18.40 -10.31 -19.06
C SER F 30 18.24 -9.58 -20.41
N ARG F 31 17.69 -10.26 -21.42
CA ARG F 31 17.64 -9.75 -22.79
C ARG F 31 16.25 -9.25 -23.17
N ASN F 32 15.36 -9.02 -22.18
CA ASN F 32 14.05 -8.46 -22.46
C ASN F 32 13.58 -7.65 -21.24
N PRO F 33 12.64 -6.68 -21.45
CA PRO F 33 12.29 -5.73 -20.41
C PRO F 33 11.31 -6.22 -19.32
N ILE F 34 10.88 -7.48 -19.37
CA ILE F 34 9.79 -7.94 -18.52
C ILE F 34 10.19 -7.93 -17.06
N LEU F 35 11.35 -8.50 -16.70
CA LEU F 35 11.85 -8.49 -15.32
C LEU F 35 11.96 -7.05 -14.81
N LYS F 36 12.51 -6.16 -15.65
CA LYS F 36 12.71 -4.80 -15.24
C LYS F 36 11.35 -4.18 -14.90
N ARG F 37 10.33 -4.43 -15.72
CA ARG F 37 9.02 -3.86 -15.49
C ARG F 37 8.47 -4.39 -14.15
N LEU F 38 8.69 -5.69 -13.88
CA LEU F 38 8.19 -6.28 -12.64
C LEU F 38 8.87 -5.66 -11.41
N LEU F 39 10.18 -5.38 -11.49
CA LEU F 39 10.95 -4.84 -10.38
C LEU F 39 10.64 -3.35 -10.17
N SER F 40 10.25 -2.64 -11.23
CA SER F 40 9.97 -1.21 -11.18
C SER F 40 8.57 -0.94 -10.60
N GLY F 41 7.83 -1.98 -10.21
CA GLY F 41 6.37 -1.87 -10.04
C GLY F 41 5.80 -3.07 -9.32
N SER F 42 4.64 -3.59 -9.77
CA SER F 42 4.23 -5.00 -9.57
C SER F 42 4.11 -5.68 -10.93
N ASP F 47 -0.22 -14.14 -6.07
CA ASP F 47 -1.55 -14.75 -5.84
C ASP F 47 -2.06 -15.44 -7.12
N GLY F 48 -2.08 -14.70 -8.24
CA GLY F 48 -2.32 -15.25 -9.58
C GLY F 48 -1.18 -14.92 -10.56
N SER F 49 -1.53 -14.86 -11.85
CA SER F 49 -0.59 -14.40 -12.85
C SER F 49 -0.60 -12.87 -12.96
N THR F 50 0.51 -12.35 -13.49
CA THR F 50 0.67 -10.96 -13.80
C THR F 50 0.91 -10.85 -15.30
N THR F 51 0.32 -9.83 -15.92
CA THR F 51 0.47 -9.57 -17.34
C THR F 51 1.40 -8.38 -17.51
N VAL F 52 2.39 -8.53 -18.40
CA VAL F 52 3.27 -7.45 -18.78
C VAL F 52 3.17 -7.26 -20.30
N ASN F 53 2.83 -6.05 -20.74
CA ASN F 53 2.71 -5.75 -22.14
C ASN F 53 4.07 -5.42 -22.73
N VAL F 54 4.36 -5.96 -23.94
CA VAL F 54 5.53 -5.55 -24.70
C VAL F 54 5.06 -5.05 -26.06
N ARG F 55 4.84 -3.72 -26.15
CA ARG F 55 4.21 -3.10 -27.33
C ARG F 55 5.18 -3.13 -28.53
N VAL F 56 6.49 -3.13 -28.24
CA VAL F 56 7.51 -3.12 -29.28
C VAL F 56 8.51 -4.24 -28.98
N PRO F 57 8.24 -5.51 -29.33
CA PRO F 57 9.19 -6.59 -29.10
C PRO F 57 10.51 -6.31 -29.83
N ALA F 58 11.62 -6.55 -29.14
CA ALA F 58 12.98 -6.37 -29.65
C ALA F 58 13.38 -7.61 -30.46
N ARG F 59 14.56 -7.54 -31.11
CA ARG F 59 15.09 -8.58 -31.99
C ARG F 59 15.10 -9.94 -31.27
N GLU F 60 15.56 -9.98 -30.01
CA GLU F 60 15.76 -11.25 -29.30
C GLU F 60 14.42 -11.94 -29.07
N LEU F 61 13.39 -11.14 -28.76
CA LEU F 61 12.06 -11.67 -28.46
C LEU F 61 11.37 -12.11 -29.77
N VAL F 62 11.56 -11.33 -30.83
CA VAL F 62 11.05 -11.67 -32.15
C VAL F 62 11.61 -13.03 -32.59
N ARG F 63 12.91 -13.23 -32.36
CA ARG F 63 13.60 -14.49 -32.74
C ARG F 63 13.05 -15.64 -31.89
N LEU F 64 12.96 -15.46 -30.58
CA LEU F 64 12.52 -16.51 -29.68
C LEU F 64 11.12 -17.01 -30.04
N LEU F 65 10.20 -16.10 -30.40
CA LEU F 65 8.79 -16.42 -30.63
C LEU F 65 8.49 -16.64 -32.11
N SER F 66 9.50 -16.45 -32.98
CA SER F 66 9.32 -16.56 -34.43
C SER F 66 8.17 -15.67 -34.89
N LEU F 67 8.17 -14.39 -34.46
CA LEU F 67 7.08 -13.49 -34.79
C LEU F 67 7.19 -13.10 -36.28
N THR F 68 6.05 -13.11 -36.97
CA THR F 68 5.90 -12.48 -38.29
C THR F 68 6.01 -10.97 -38.10
N PRO F 69 6.34 -10.19 -39.15
CA PRO F 69 6.33 -8.72 -39.03
C PRO F 69 4.97 -8.16 -38.58
N GLU F 70 3.87 -8.82 -38.96
CA GLU F 70 2.51 -8.45 -38.54
C GLU F 70 2.39 -8.58 -37.02
N GLN F 71 2.84 -9.72 -36.48
CA GLN F 71 2.84 -10.02 -35.04
C GLN F 71 3.73 -9.00 -34.30
N GLN F 72 4.90 -8.69 -34.88
CA GLN F 72 5.80 -7.67 -34.32
C GLN F 72 5.05 -6.34 -34.13
N ARG F 73 4.23 -5.97 -35.10
CA ARG F 73 3.51 -4.69 -35.13
C ARG F 73 2.36 -4.69 -34.12
N GLU F 74 1.72 -5.84 -33.92
CA GLU F 74 0.60 -5.99 -32.97
C GLU F 74 1.08 -5.87 -31.53
N GLY F 75 2.33 -6.31 -31.26
CA GLY F 75 2.87 -6.41 -29.91
C GLY F 75 2.48 -7.72 -29.24
N VAL F 76 3.11 -8.02 -28.10
CA VAL F 76 2.79 -9.24 -27.35
C VAL F 76 2.61 -8.88 -25.88
N SER F 77 1.96 -9.78 -25.16
CA SER F 77 1.88 -9.72 -23.72
C SER F 77 2.42 -11.02 -23.13
N ALA F 78 2.99 -10.91 -21.94
CA ALA F 78 3.51 -12.04 -21.21
C ALA F 78 2.71 -12.23 -19.92
N LYS F 79 2.21 -13.44 -19.72
CA LYS F 79 1.58 -13.87 -18.50
C LYS F 79 2.65 -14.61 -17.67
N VAL F 80 2.96 -14.07 -16.50
CA VAL F 80 4.07 -14.58 -15.70
C VAL F 80 3.52 -15.06 -14.36
N ARG F 81 4.08 -16.16 -13.87
CA ARG F 81 3.77 -16.72 -12.57
C ARG F 81 5.07 -17.10 -11.86
N LEU F 82 5.08 -16.88 -10.55
CA LEU F 82 6.17 -17.24 -9.69
C LEU F 82 6.17 -18.77 -9.54
N ILE F 83 7.31 -19.40 -9.82
CA ILE F 83 7.47 -20.84 -9.61
C ILE F 83 7.45 -21.12 -8.10
N ASN F 84 6.56 -22.03 -7.70
CA ASN F 84 6.44 -22.50 -6.36
C ASN F 84 6.92 -23.96 -6.36
N LEU F 85 8.03 -24.22 -5.65
CA LEU F 85 8.67 -25.56 -5.66
C LEU F 85 7.87 -26.57 -4.81
N LEU F 86 6.97 -26.10 -3.93
CA LEU F 86 6.08 -26.99 -3.17
C LEU F 86 4.83 -27.37 -3.98
N ASP F 87 4.52 -26.61 -5.04
CA ASP F 87 3.32 -26.82 -5.86
C ASP F 87 3.60 -26.39 -7.30
N PRO F 88 4.37 -27.17 -8.08
CA PRO F 88 4.73 -26.76 -9.44
C PRO F 88 3.52 -26.65 -10.37
N LYS F 89 2.45 -27.40 -10.09
CA LYS F 89 1.26 -27.40 -10.90
C LYS F 89 0.74 -25.96 -11.11
N TYR F 90 0.72 -25.17 -10.04
CA TYR F 90 0.15 -23.83 -10.13
C TYR F 90 0.87 -23.01 -11.22
N SER F 91 2.17 -23.24 -11.45
CA SER F 91 2.92 -22.40 -12.41
C SER F 91 3.01 -23.02 -13.82
N VAL F 92 2.76 -24.33 -13.97
CA VAL F 92 2.93 -24.99 -15.27
C VAL F 92 1.63 -25.61 -15.80
N TYR F 93 0.53 -25.54 -15.05
CA TYR F 93 -0.73 -26.13 -15.51
C TYR F 93 -1.16 -25.49 -16.82
N GLU F 94 -1.17 -24.15 -16.88
CA GLU F 94 -1.66 -23.46 -18.05
C GLU F 94 -0.75 -23.75 -19.25
N PRO F 95 0.60 -23.65 -19.14
CA PRO F 95 1.48 -24.10 -20.21
C PRO F 95 1.21 -25.54 -20.67
N TYR F 96 0.95 -26.43 -19.72
CA TYR F 96 0.65 -27.81 -20.05
C TYR F 96 -0.59 -27.89 -20.95
N LEU F 97 -1.69 -27.23 -20.57
CA LEU F 97 -2.90 -27.22 -21.41
C LEU F 97 -2.54 -26.76 -22.82
N TYR F 98 -1.79 -25.66 -22.95
CA TYR F 98 -1.51 -25.09 -24.27
C TYR F 98 -0.65 -26.07 -25.10
N ARG F 99 0.29 -26.78 -24.47
CA ARG F 99 1.26 -27.61 -25.18
C ARG F 99 0.71 -29.02 -25.47
N GLU F 100 -0.13 -29.57 -24.59
CA GLU F 100 -0.49 -30.99 -24.64
C GLU F 100 -1.98 -31.21 -24.91
N ILE F 101 -2.86 -30.23 -24.74
CA ILE F 101 -4.30 -30.50 -24.75
C ILE F 101 -5.06 -29.64 -25.77
N LEU F 102 -4.74 -28.34 -25.86
CA LEU F 102 -5.46 -27.45 -26.74
C LEU F 102 -4.81 -27.52 -28.12
N PRO F 103 -5.62 -27.58 -29.20
CA PRO F 103 -5.07 -27.46 -30.56
C PRO F 103 -4.25 -26.16 -30.71
N LYS F 104 -3.32 -26.14 -31.67
CA LYS F 104 -2.38 -25.03 -31.78
C LYS F 104 -3.14 -23.72 -32.05
N ARG F 105 -4.24 -23.77 -32.81
CA ARG F 105 -5.16 -22.62 -32.84
C ARG F 105 -6.59 -23.14 -33.02
N SER F 106 -7.31 -23.21 -31.89
CA SER F 106 -8.75 -23.15 -31.85
C SER F 106 -9.12 -21.69 -32.08
N PRO F 107 -9.98 -21.35 -33.07
CA PRO F 107 -10.20 -19.96 -33.45
C PRO F 107 -10.75 -19.03 -32.36
N LEU F 108 -11.53 -19.58 -31.42
CA LEU F 108 -12.20 -18.74 -30.41
C LEU F 108 -11.56 -18.87 -29.01
N LEU F 109 -10.37 -19.46 -28.92
CA LEU F 109 -9.63 -19.55 -27.64
C LEU F 109 -8.34 -18.70 -27.75
N LEU F 110 -7.99 -18.02 -26.66
CA LEU F 110 -6.79 -17.17 -26.60
C LEU F 110 -5.59 -18.02 -26.97
N PRO F 111 -4.89 -17.71 -28.10
CA PRO F 111 -3.72 -18.46 -28.50
C PRO F 111 -2.47 -18.13 -27.69
N SER F 112 -1.62 -19.15 -27.51
CA SER F 112 -0.28 -19.01 -26.96
C SER F 112 0.73 -18.84 -28.09
N LEU F 113 1.70 -17.93 -27.91
CA LEU F 113 2.82 -17.75 -28.87
C LEU F 113 4.07 -18.48 -28.38
N GLY F 114 4.01 -19.11 -27.21
CA GLY F 114 5.16 -19.84 -26.64
C GLY F 114 5.12 -19.85 -25.11
N GLU F 115 5.61 -20.93 -24.51
CA GLU F 115 5.68 -21.10 -23.06
C GLU F 115 7.16 -21.33 -22.66
N TYR F 116 7.62 -20.64 -21.63
CA TYR F 116 9.02 -20.69 -21.21
C TYR F 116 9.13 -20.73 -19.69
N ARG F 117 10.31 -21.10 -19.22
CA ARG F 117 10.69 -21.10 -17.83
C ARG F 117 11.95 -20.24 -17.70
N GLY F 118 11.96 -19.32 -16.74
CA GLY F 118 13.16 -18.64 -16.31
C GLY F 118 13.65 -19.27 -15.02
N ALA F 119 14.49 -18.53 -14.29
CA ALA F 119 15.02 -18.98 -13.00
C ALA F 119 13.89 -19.09 -11.95
N PHE F 120 12.97 -18.11 -11.89
CA PHE F 120 11.93 -18.10 -10.83
C PHE F 120 10.50 -17.92 -11.37
N LEU F 121 10.33 -17.75 -12.69
CA LEU F 121 9.05 -17.46 -13.32
C LEU F 121 8.78 -18.44 -14.46
N THR F 122 7.50 -18.76 -14.69
CA THR F 122 7.06 -19.29 -15.97
C THR F 122 6.40 -18.18 -16.79
N TYR F 123 6.47 -18.31 -18.13
CA TYR F 123 5.99 -17.32 -19.08
C TYR F 123 5.06 -17.99 -20.08
N ILE F 124 3.94 -17.32 -20.40
CA ILE F 124 3.14 -17.60 -21.57
C ILE F 124 3.02 -16.30 -22.34
N PHE F 125 3.36 -16.34 -23.62
CA PHE F 125 3.20 -15.18 -24.47
C PHE F 125 1.87 -15.27 -25.22
N HIS F 126 1.20 -14.13 -25.35
CA HIS F 126 -0.06 -13.99 -26.07
C HIS F 126 0.05 -12.82 -27.02
N PRO F 127 -0.80 -12.76 -28.06
CA PRO F 127 -0.95 -11.53 -28.84
C PRO F 127 -1.39 -10.44 -27.85
N LEU F 128 -0.90 -9.20 -28.07
CA LEU F 128 -1.27 -8.10 -27.18
C LEU F 128 -2.71 -7.73 -27.48
N SER F 129 -3.59 -7.91 -26.49
CA SER F 129 -5.02 -7.74 -26.74
C SER F 129 -5.36 -6.24 -26.74
N LYS F 130 -6.44 -5.89 -27.45
CA LYS F 130 -6.96 -4.54 -27.49
C LYS F 130 -7.64 -4.22 -26.14
N GLY F 131 -8.12 -5.25 -25.45
CA GLY F 131 -8.69 -5.11 -24.12
C GLY F 131 -9.51 -6.33 -23.74
N LEU F 132 -9.86 -6.39 -22.46
CA LEU F 132 -10.80 -7.36 -21.93
C LEU F 132 -12.22 -6.80 -22.14
N VAL F 133 -13.18 -7.68 -22.42
CA VAL F 133 -14.50 -7.25 -22.89
C VAL F 133 -15.21 -6.45 -21.78
N GLY F 134 -15.13 -6.91 -20.54
CA GLY F 134 -15.78 -6.20 -19.41
C GLY F 134 -15.26 -4.78 -19.27
N ASP F 135 -13.92 -4.64 -19.23
CA ASP F 135 -13.28 -3.34 -19.14
C ASP F 135 -13.68 -2.45 -20.33
N MET F 136 -13.68 -3.02 -21.54
CA MET F 136 -13.99 -2.24 -22.71
C MET F 136 -15.41 -1.67 -22.65
N LEU F 137 -16.38 -2.48 -22.23
CA LEU F 137 -17.77 -2.06 -22.18
C LEU F 137 -17.96 -1.03 -21.07
N GLU F 138 -17.23 -1.19 -19.95
CA GLU F 138 -17.41 -0.37 -18.76
C GLU F 138 -16.97 1.07 -19.03
N THR F 139 -15.86 1.23 -19.78
CA THR F 139 -15.31 2.52 -20.15
C THR F 139 -16.15 3.18 -21.26
N GLY F 140 -17.06 2.43 -21.89
CA GLY F 140 -17.80 2.88 -23.06
C GLY F 140 -16.92 3.01 -24.31
N ARG F 141 -15.73 2.40 -24.24
CA ARG F 141 -14.70 2.46 -25.26
C ARG F 141 -15.19 1.87 -26.59
N SER F 142 -16.10 0.89 -26.54
CA SER F 142 -16.62 0.24 -27.73
C SER F 142 -18.09 -0.13 -27.49
N HIS F 143 -18.89 0.00 -28.55
CA HIS F 143 -20.27 -0.36 -28.55
C HIS F 143 -20.48 -1.48 -29.57
N PRO F 144 -20.50 -2.73 -29.10
CA PRO F 144 -20.58 -3.89 -29.98
C PRO F 144 -22.00 -4.22 -30.44
N ASP F 145 -22.08 -5.05 -31.49
CA ASP F 145 -23.27 -5.78 -31.86
C ASP F 145 -23.50 -6.83 -30.78
N VAL F 146 -24.54 -6.62 -29.96
CA VAL F 146 -24.86 -7.45 -28.80
C VAL F 146 -25.12 -8.90 -29.23
N GLN F 147 -25.87 -9.06 -30.33
CA GLN F 147 -26.31 -10.35 -30.79
C GLN F 147 -25.07 -11.20 -31.13
N VAL F 148 -24.15 -10.59 -31.87
CA VAL F 148 -22.99 -11.30 -32.39
C VAL F 148 -21.99 -11.59 -31.27
N LEU F 149 -21.84 -10.64 -30.33
CA LEU F 149 -20.92 -10.80 -29.21
C LEU F 149 -21.36 -11.99 -28.36
N ALA F 150 -22.66 -12.02 -28.04
CA ALA F 150 -23.23 -13.07 -27.24
C ALA F 150 -23.03 -14.43 -27.90
N ALA F 151 -23.21 -14.47 -29.23
CA ALA F 151 -23.09 -15.70 -30.00
C ALA F 151 -21.62 -16.16 -30.01
N ASN F 152 -20.72 -15.19 -30.19
CA ASN F 152 -19.26 -15.38 -30.17
C ASN F 152 -18.86 -16.02 -28.82
N MET F 153 -19.47 -15.52 -27.73
CA MET F 153 -19.13 -15.96 -26.38
C MET F 153 -19.60 -17.40 -26.15
N VAL F 154 -20.85 -17.71 -26.53
CA VAL F 154 -21.42 -19.05 -26.40
C VAL F 154 -20.59 -20.04 -27.23
N ALA F 155 -20.26 -19.65 -28.47
CA ALA F 155 -19.53 -20.52 -29.38
C ALA F 155 -18.16 -20.85 -28.80
N ALA F 156 -17.52 -19.85 -28.20
CA ALA F 156 -16.17 -19.97 -27.64
C ALA F 156 -16.19 -21.01 -26.50
N LEU F 157 -17.20 -20.90 -25.64
CA LEU F 157 -17.37 -21.83 -24.53
C LEU F 157 -17.60 -23.26 -25.05
N LYS F 158 -18.47 -23.38 -26.06
CA LYS F 158 -18.75 -24.68 -26.69
C LYS F 158 -17.47 -25.32 -27.22
N SER F 159 -16.60 -24.52 -27.85
CA SER F 159 -15.37 -25.05 -28.41
C SER F 159 -14.49 -25.60 -27.28
N LEU F 160 -14.59 -25.05 -26.07
CA LEU F 160 -13.83 -25.58 -24.93
C LEU F 160 -14.46 -26.88 -24.41
N HIS F 161 -15.79 -26.91 -24.32
CA HIS F 161 -16.52 -28.12 -23.91
C HIS F 161 -16.22 -29.29 -24.86
N ASN F 162 -16.13 -29.02 -26.18
CA ASN F 162 -15.82 -30.04 -27.21
C ASN F 162 -14.45 -30.70 -27.00
N LEU F 163 -13.53 -30.03 -26.30
CA LEU F 163 -12.21 -30.60 -25.98
C LEU F 163 -12.24 -31.36 -24.64
N GLY F 164 -13.41 -31.41 -24.00
CA GLY F 164 -13.58 -32.10 -22.72
C GLY F 164 -13.19 -31.26 -21.51
N LEU F 165 -13.24 -29.93 -21.64
CA LEU F 165 -12.82 -29.02 -20.54
C LEU F 165 -13.96 -28.10 -20.12
N LEU F 166 -14.17 -27.97 -18.81
CA LEU F 166 -14.91 -26.85 -18.21
C LEU F 166 -13.98 -25.66 -18.00
N HIS F 167 -14.52 -24.45 -18.07
CA HIS F 167 -13.75 -23.23 -17.81
C HIS F 167 -13.63 -22.97 -16.31
N ARG F 168 -14.78 -22.90 -15.64
CA ARG F 168 -14.97 -22.83 -14.18
C ARG F 168 -14.79 -21.41 -13.59
N SER F 169 -14.46 -20.38 -14.38
CA SER F 169 -14.35 -19.00 -13.82
C SER F 169 -14.79 -17.95 -14.84
N ILE F 170 -15.85 -18.22 -15.59
CA ILE F 170 -16.26 -17.32 -16.64
C ILE F 170 -16.80 -16.01 -16.04
N GLU F 171 -16.33 -14.91 -16.63
CA GLU F 171 -16.87 -13.56 -16.46
C GLU F 171 -16.61 -12.80 -17.77
N LEU F 172 -17.17 -11.59 -17.89
CA LEU F 172 -16.97 -10.81 -19.10
C LEU F 172 -15.48 -10.68 -19.43
N ASN F 173 -14.65 -10.48 -18.40
CA ASN F 173 -13.19 -10.23 -18.60
C ASN F 173 -12.44 -11.54 -18.93
N SER F 174 -13.13 -12.68 -18.94
CA SER F 174 -12.57 -13.91 -19.46
C SER F 174 -12.32 -13.77 -20.96
N PHE F 175 -13.13 -12.90 -21.61
CA PHE F 175 -13.11 -12.70 -23.03
C PHE F 175 -12.24 -11.47 -23.34
N SER F 176 -11.46 -11.56 -24.42
CA SER F 176 -10.62 -10.45 -24.84
C SER F 176 -10.67 -10.31 -26.36
N VAL F 177 -10.28 -9.12 -26.84
CA VAL F 177 -10.38 -8.77 -28.23
C VAL F 177 -8.96 -8.76 -28.78
N LEU F 178 -8.68 -9.63 -29.76
CA LEU F 178 -7.35 -9.68 -30.37
C LEU F 178 -7.20 -8.47 -31.31
N PRO F 179 -5.96 -8.10 -31.71
CA PRO F 179 -5.76 -6.97 -32.63
C PRO F 179 -6.62 -7.03 -33.90
N ASP F 180 -6.82 -8.22 -34.48
CA ASP F 180 -7.61 -8.33 -35.70
C ASP F 180 -9.13 -8.24 -35.41
N GLY F 181 -9.52 -8.12 -34.14
CA GLY F 181 -10.94 -7.94 -33.74
C GLY F 181 -11.66 -9.23 -33.38
N THR F 182 -10.98 -10.39 -33.48
CA THR F 182 -11.53 -11.66 -33.01
C THR F 182 -11.71 -11.59 -31.49
N VAL F 183 -12.87 -12.07 -30.98
CA VAL F 183 -13.13 -12.17 -29.58
C VAL F 183 -12.91 -13.61 -29.15
N VAL F 184 -12.03 -13.81 -28.15
CA VAL F 184 -11.55 -15.14 -27.77
C VAL F 184 -11.73 -15.33 -26.27
N LEU F 185 -11.89 -16.60 -25.88
CA LEU F 185 -12.02 -16.97 -24.49
C LEU F 185 -10.64 -17.33 -23.94
N GLY F 186 -10.28 -16.67 -22.84
CA GLY F 186 -9.01 -16.88 -22.14
C GLY F 186 -9.26 -17.25 -20.70
N GLY F 187 -8.29 -16.94 -19.84
CA GLY F 187 -8.36 -17.31 -18.44
C GLY F 187 -8.43 -18.82 -18.25
N LEU F 188 -7.68 -19.57 -19.08
CA LEU F 188 -7.81 -21.03 -19.14
C LEU F 188 -7.02 -21.74 -18.04
N ASP F 189 -6.33 -21.00 -17.17
CA ASP F 189 -5.61 -21.58 -16.02
C ASP F 189 -6.59 -22.27 -15.05
N THR F 190 -7.89 -21.91 -15.06
CA THR F 190 -8.87 -22.53 -14.16
C THR F 190 -9.58 -23.72 -14.80
N ALA F 191 -9.28 -24.02 -16.07
CA ALA F 191 -9.98 -25.09 -16.79
C ALA F 191 -9.69 -26.45 -16.16
N ALA F 192 -10.64 -27.38 -16.28
CA ALA F 192 -10.47 -28.75 -15.77
C ALA F 192 -11.35 -29.70 -16.56
N PRO F 193 -11.05 -31.02 -16.58
CA PRO F 193 -11.83 -31.98 -17.37
C PRO F 193 -13.27 -32.11 -16.86
N ILE F 194 -14.22 -32.30 -17.79
CA ILE F 194 -15.66 -32.36 -17.43
C ILE F 194 -15.96 -33.35 -16.28
N HIS F 228 -18.39 -28.97 -10.17
CA HIS F 228 -18.47 -28.20 -11.41
C HIS F 228 -18.93 -29.09 -12.57
N THR F 229 -19.88 -28.56 -13.36
CA THR F 229 -20.47 -29.27 -14.52
C THR F 229 -20.67 -28.26 -15.66
N VAL F 230 -21.14 -28.76 -16.81
CA VAL F 230 -21.42 -27.91 -17.95
C VAL F 230 -22.42 -26.82 -17.54
N LYS F 231 -23.35 -27.15 -16.63
CA LYS F 231 -24.40 -26.23 -16.21
C LYS F 231 -23.85 -25.10 -15.33
N SER F 232 -22.75 -25.34 -14.62
CA SER F 232 -22.16 -24.25 -13.81
C SER F 232 -21.49 -23.22 -14.73
N ASP F 233 -20.88 -23.67 -15.83
CA ASP F 233 -20.36 -22.76 -16.88
C ASP F 233 -21.52 -21.95 -17.49
N VAL F 234 -22.68 -22.59 -17.68
CA VAL F 234 -23.86 -21.91 -18.25
C VAL F 234 -24.30 -20.80 -17.30
N TYR F 235 -24.36 -21.11 -16.00
CA TYR F 235 -24.71 -20.11 -14.98
C TYR F 235 -23.78 -18.89 -15.10
N SER F 236 -22.47 -19.15 -15.08
CA SER F 236 -21.45 -18.09 -15.07
C SER F 236 -21.56 -17.21 -16.32
N LEU F 237 -21.81 -17.84 -17.47
CA LEU F 237 -21.91 -17.10 -18.71
C LEU F 237 -23.20 -16.27 -18.70
N GLY F 238 -24.25 -16.82 -18.08
CA GLY F 238 -25.49 -16.09 -17.85
C GLY F 238 -25.26 -14.81 -17.06
N VAL F 239 -24.48 -14.93 -15.96
CA VAL F 239 -24.15 -13.79 -15.12
C VAL F 239 -23.37 -12.75 -15.95
N ALA F 240 -22.49 -13.23 -16.84
CA ALA F 240 -21.72 -12.32 -17.68
C ALA F 240 -22.65 -11.58 -18.65
N PHE F 241 -23.67 -12.27 -19.15
CA PHE F 241 -24.63 -11.66 -20.06
C PHE F 241 -25.45 -10.61 -19.33
N ARG F 242 -25.84 -10.91 -18.09
CA ARG F 242 -26.54 -9.94 -17.25
C ARG F 242 -25.67 -8.69 -17.07
N ASN F 243 -24.38 -8.90 -16.82
CA ASN F 243 -23.41 -7.83 -16.63
C ASN F 243 -23.38 -6.98 -17.91
N LEU F 244 -23.38 -7.66 -19.06
CA LEU F 244 -23.30 -7.04 -20.38
C LEU F 244 -24.54 -6.14 -20.59
N VAL F 245 -25.73 -6.68 -20.31
CA VAL F 245 -27.00 -5.94 -20.44
C VAL F 245 -26.99 -4.70 -19.53
N GLN F 246 -26.52 -4.83 -18.28
CA GLN F 246 -26.50 -3.69 -17.37
C GLN F 246 -25.58 -2.59 -17.92
N LEU F 247 -24.47 -2.97 -18.56
CA LEU F 247 -23.49 -1.98 -19.04
C LEU F 247 -24.01 -1.24 -20.26
N LEU F 248 -24.80 -1.89 -21.11
CA LEU F 248 -25.19 -1.34 -22.42
C LEU F 248 -26.63 -0.80 -22.42
N GLY F 249 -27.36 -0.99 -21.31
CA GLY F 249 -28.81 -0.78 -21.21
C GLY F 249 -29.17 0.28 -20.19
N ARG F 262 -30.38 -3.59 -31.69
CA ARG F 262 -30.02 -2.59 -30.69
C ARG F 262 -30.81 -2.93 -29.42
N GLN F 263 -31.93 -2.23 -29.17
CA GLN F 263 -32.72 -2.41 -27.96
C GLN F 263 -33.42 -3.78 -27.98
N ASP F 264 -33.82 -4.26 -29.16
CA ASP F 264 -34.51 -5.56 -29.29
C ASP F 264 -33.54 -6.71 -28.95
N HIS F 265 -32.28 -6.58 -29.35
CA HIS F 265 -31.24 -7.55 -29.02
C HIS F 265 -31.04 -7.62 -27.50
N LEU F 266 -31.00 -6.45 -26.85
CA LEU F 266 -30.77 -6.36 -25.40
C LEU F 266 -31.88 -7.07 -24.62
N GLU F 267 -33.13 -6.85 -25.04
CA GLU F 267 -34.27 -7.42 -24.34
C GLU F 267 -34.23 -8.94 -24.48
N LEU F 268 -33.87 -9.42 -25.68
CA LEU F 268 -33.78 -10.86 -25.95
C LEU F 268 -32.64 -11.49 -25.13
N LEU F 269 -31.49 -10.81 -25.04
CA LEU F 269 -30.35 -11.31 -24.27
C LEU F 269 -30.72 -11.38 -22.79
N ASP F 270 -31.45 -10.37 -22.30
CA ASP F 270 -31.88 -10.34 -20.90
C ASP F 270 -32.74 -11.56 -20.57
N LYS F 271 -33.65 -11.93 -21.50
CA LYS F 271 -34.55 -13.09 -21.34
C LYS F 271 -33.73 -14.38 -21.34
N LEU F 272 -32.76 -14.48 -22.26
CA LEU F 272 -31.88 -15.66 -22.37
C LEU F 272 -31.04 -15.79 -21.08
N SER F 273 -30.50 -14.67 -20.60
CA SER F 273 -29.64 -14.70 -19.42
C SER F 273 -30.44 -15.15 -18.19
N GLN F 274 -31.73 -14.78 -18.11
CA GLN F 274 -32.58 -15.16 -16.98
C GLN F 274 -32.76 -16.69 -16.94
N LYS F 275 -32.80 -17.35 -18.10
CA LYS F 275 -32.90 -18.81 -18.18
C LYS F 275 -31.59 -19.44 -17.67
N MET F 276 -30.47 -18.82 -18.04
CA MET F 276 -29.14 -19.36 -17.79
C MET F 276 -28.77 -19.26 -16.31
N ILE F 277 -29.37 -18.31 -15.57
CA ILE F 277 -29.04 -18.09 -14.15
C ILE F 277 -30.11 -18.68 -13.22
N GLU F 278 -30.95 -19.60 -13.72
CA GLU F 278 -31.89 -20.34 -12.86
C GLU F 278 -31.10 -21.00 -11.72
N GLU F 279 -31.66 -20.92 -10.50
CA GLU F 279 -31.00 -21.40 -9.28
C GLU F 279 -30.72 -22.91 -9.41
N GLU F 280 -31.64 -23.66 -10.00
CA GLU F 280 -31.51 -25.12 -10.14
C GLU F 280 -30.77 -25.42 -11.44
N PRO F 281 -29.62 -26.14 -11.39
CA PRO F 281 -28.88 -26.53 -12.60
C PRO F 281 -29.73 -27.22 -13.68
N GLY F 282 -30.66 -28.09 -13.25
CA GLY F 282 -31.53 -28.85 -14.13
C GLY F 282 -32.44 -27.96 -14.98
N ASN F 283 -32.73 -26.74 -14.49
CA ASN F 283 -33.62 -25.79 -15.17
C ASN F 283 -32.85 -24.89 -16.15
N ARG F 284 -31.51 -25.01 -16.19
CA ARG F 284 -30.71 -24.20 -17.11
C ARG F 284 -30.62 -24.91 -18.45
N PRO F 285 -30.72 -24.17 -19.58
CA PRO F 285 -30.54 -24.78 -20.90
C PRO F 285 -29.11 -25.28 -21.14
N THR F 286 -28.98 -26.27 -22.02
CA THR F 286 -27.69 -26.71 -22.55
C THR F 286 -27.18 -25.69 -23.57
N ILE F 287 -25.91 -25.83 -23.94
CA ILE F 287 -25.29 -24.99 -24.97
C ILE F 287 -26.10 -25.12 -26.27
N GLU F 288 -26.51 -26.35 -26.61
CA GLU F 288 -27.25 -26.66 -27.85
C GLU F 288 -28.57 -25.87 -27.86
N GLU F 289 -29.30 -25.90 -26.74
CA GLU F 289 -30.56 -25.19 -26.59
C GLU F 289 -30.32 -23.68 -26.68
N ILE F 290 -29.26 -23.19 -26.02
CA ILE F 290 -28.89 -21.76 -26.04
C ILE F 290 -28.69 -21.30 -27.49
N MET F 291 -28.01 -22.12 -28.29
CA MET F 291 -27.65 -21.77 -29.67
C MET F 291 -28.90 -21.68 -30.57
N LYS F 292 -30.02 -22.29 -30.14
CA LYS F 292 -31.29 -22.22 -30.89
C LYS F 292 -32.23 -21.16 -30.30
N ASP F 293 -31.72 -20.28 -29.42
CA ASP F 293 -32.55 -19.23 -28.82
C ASP F 293 -32.93 -18.23 -29.90
N PRO F 294 -34.14 -17.62 -29.82
CA PRO F 294 -34.56 -16.55 -30.73
C PRO F 294 -33.52 -15.46 -31.03
N LEU F 295 -32.66 -15.14 -30.05
CA LEU F 295 -31.67 -14.06 -30.20
C LEU F 295 -30.75 -14.33 -31.39
N PHE F 296 -30.47 -15.61 -31.68
CA PHE F 296 -29.42 -15.98 -32.63
C PHE F 296 -29.98 -16.44 -33.99
N GLU F 297 -31.29 -16.31 -34.22
CA GLU F 297 -31.87 -16.73 -35.50
C GLU F 297 -31.36 -15.79 -36.61
N GLY F 298 -30.96 -16.42 -37.72
CA GLY F 298 -30.39 -15.72 -38.86
C GLY F 298 -28.87 -15.71 -38.85
N LEU F 299 -28.25 -16.18 -37.76
CA LEU F 299 -26.80 -16.22 -37.63
C LEU F 299 -26.26 -17.58 -38.07
N ASN F 300 -25.16 -17.53 -38.82
CA ASN F 300 -24.40 -18.69 -39.22
C ASN F 300 -23.35 -18.97 -38.13
N PHE F 301 -23.67 -19.92 -37.24
CA PHE F 301 -22.79 -20.31 -36.15
C PHE F 301 -21.50 -20.93 -36.67
N GLU F 302 -21.51 -21.51 -37.88
CA GLU F 302 -20.32 -22.12 -38.44
C GLU F 302 -19.25 -21.04 -38.67
N ASP F 303 -19.68 -19.83 -39.07
CA ASP F 303 -18.76 -18.69 -39.34
C ASP F 303 -18.22 -18.11 -38.03
N ILE F 304 -19.09 -18.06 -37.00
CA ILE F 304 -18.68 -17.63 -35.66
C ILE F 304 -17.55 -18.55 -35.18
N GLU F 305 -17.77 -19.86 -35.32
CA GLU F 305 -16.86 -20.92 -34.83
C GLU F 305 -15.55 -20.92 -35.61
N GLU F 306 -15.56 -20.43 -36.85
CA GLU F 306 -14.35 -20.33 -37.67
C GLU F 306 -13.58 -19.05 -37.32
N GLY F 307 -14.22 -18.13 -36.59
CA GLY F 307 -13.54 -16.98 -36.01
C GLY F 307 -13.65 -15.75 -36.89
N LYS F 308 -14.74 -15.63 -37.64
CA LYS F 308 -14.92 -14.59 -38.65
C LYS F 308 -15.79 -13.45 -38.13
N ALA F 309 -16.43 -13.63 -36.97
CA ALA F 309 -17.25 -12.58 -36.37
C ALA F 309 -16.35 -11.45 -35.86
N ARG F 310 -16.87 -10.22 -35.96
CA ARG F 310 -16.15 -9.02 -35.55
C ARG F 310 -17.12 -8.11 -34.80
N PRO F 311 -17.52 -8.48 -33.57
CA PRO F 311 -18.61 -7.79 -32.87
C PRO F 311 -18.34 -6.30 -32.57
N PHE F 312 -17.06 -5.90 -32.56
CA PHE F 312 -16.66 -4.54 -32.17
C PHE F 312 -16.25 -3.66 -33.37
N ARG F 313 -16.37 -4.17 -34.60
CA ARG F 313 -15.74 -3.52 -35.78
C ARG F 313 -16.63 -2.41 -36.35
N TYR F 314 -17.96 -2.53 -36.20
CA TYR F 314 -18.91 -1.61 -36.87
C TYR F 314 -19.71 -0.82 -35.83
C1 EDO G . 17.69 5.79 16.97
O1 EDO G . 18.36 6.12 15.75
C2 EDO G . 16.60 6.83 17.22
O2 EDO G . 16.35 6.93 18.62
C1 EDO H . 24.44 0.38 -5.28
O1 EDO H . 24.21 -1.04 -5.18
C2 EDO H . 24.36 0.98 -3.88
O2 EDO H . 24.61 2.40 -3.87
C1 EDO I . -0.19 -33.02 16.54
O1 EDO I . -0.40 -34.38 16.96
C2 EDO I . -1.01 -32.07 17.40
O2 EDO I . -0.31 -31.71 18.60
C1 EDO J . 0.90 -25.09 26.65
O1 EDO J . 1.34 -23.75 26.94
C2 EDO J . -0.19 -25.12 25.57
O2 EDO J . -1.48 -24.77 26.08
C1 EDO K . -10.13 -32.39 16.71
O1 EDO K . -10.82 -31.14 16.82
C2 EDO K . -8.84 -32.24 15.88
O2 EDO K . -7.98 -31.22 16.42
C1 EDO L . -7.23 -23.32 7.94
O1 EDO L . -7.33 -21.91 8.14
C2 EDO L . -6.46 -23.69 6.67
O2 EDO L . -5.03 -23.70 6.88
C1 EDO M . -18.41 -3.91 29.00
O1 EDO M . -18.75 -3.32 30.26
C2 EDO M . -17.08 -3.39 28.47
O2 EDO M . -16.68 -4.13 27.31
C1 EDO N . 1.84 -4.97 23.23
O1 EDO N . 0.97 -4.24 24.11
C2 EDO N . 1.04 -6.11 22.62
O2 EDO N . 1.14 -7.26 23.47
C1 EDO O . -22.12 -4.61 27.06
O1 EDO O . -20.82 -4.48 26.47
C2 EDO O . -22.08 -4.14 28.52
O2 EDO O . -21.92 -2.72 28.57
C1 EDO P . -5.22 16.46 18.50
O1 EDO P . -5.57 15.10 18.80
C2 EDO P . -3.81 16.55 17.90
O2 EDO P . -3.68 17.69 17.04
C1 EDO Q . 9.48 14.33 32.43
O1 EDO Q . 10.77 13.73 32.26
C2 EDO Q . 9.54 15.75 31.93
O2 EDO Q . 9.06 15.78 30.60
C1 EDO R . -7.49 24.96 32.77
O1 EDO R . -6.45 24.07 32.34
C2 EDO R . -8.84 24.23 32.86
O2 EDO R . -9.14 23.81 34.20
CL CL S . 7.91 27.50 15.13
C1 EDO T . -14.04 14.99 -11.89
O1 EDO T . -15.32 15.31 -11.33
C2 EDO T . -13.86 15.81 -13.17
O2 EDO T . -12.67 16.63 -13.10
C1 EDO U . -23.16 4.83 5.12
O1 EDO U . -22.84 6.15 5.56
C2 EDO U . -23.37 3.85 6.29
O2 EDO U . -23.25 2.48 5.85
CL CL V . -21.11 -7.13 9.02
CL CL W . -16.76 28.50 0.96
C1 EDO X . -4.91 -11.81 -34.11
O1 EDO X . -4.73 -10.39 -34.10
C2 EDO X . -3.91 -12.52 -33.19
O2 EDO X . -2.61 -12.49 -33.77
C1 EDO Y . 1.69 -19.75 -16.11
O1 EDO Y . 0.31 -19.40 -15.97
C2 EDO Y . 2.54 -18.59 -16.64
O2 EDO Y . 1.79 -17.74 -17.52
#